data_4FIR
#
_entry.id   4FIR
#
_cell.length_a   59.165
_cell.length_b   179.065
_cell.length_c   109.359
_cell.angle_alpha   90.00
_cell.angle_beta   102.53
_cell.angle_gamma   90.00
#
_symmetry.space_group_name_H-M   'P 1 21 1'
#
loop_
_entity.id
_entity.type
_entity.pdbx_description
1 polymer 'Pyridoxal biosynthesis lyase pdxS'
2 non-polymer RIBOSE-5-PHOSPHATE
3 water water
#
_entity_poly.entity_id   1
_entity_poly.type   'polypeptide(L)'
_entity_poly.pdbx_seq_one_letter_code
;MDKLKIIMEKGTERLKRGFAKMVKGGVIMDVTNAEQARIAEEAGAVAVMALHKVPADIRKAGGVARMAPVEKIQEIMDAV
TIPVMAKCRIGHEAEARILEALGVDMIDESEVLTPADPFFHIYKKKFTAPFVCGARNLGEAVRRIWEGAAMIRTKGEAGT
GNIIEAVRHVRLVNENIRLIQRMTDEEIYGVAEKFAEPYLRLAFSVKEISGLPKRVLENEPIYEGFTYREIVEDIYKILL
EIKKLGRLPVVNFAAGGVATPADAALMMAMGMDGVFVGSGIFKSSNPPKMARAIVEAVNHWDEPDVLAEISREIGEPMRG
QAIEELQVRMEERGI
;
_entity_poly.pdbx_strand_id   A,B,C,D,E,F
#
loop_
_chem_comp.id
_chem_comp.type
_chem_comp.name
_chem_comp.formula
R5P saccharide RIBOSE-5-PHOSPHATE 'C5 H11 O8 P'
#
# COMPACT_ATOMS: atom_id res chain seq x y z
N MET A 1 -62.91 5.24 7.01
CA MET A 1 -61.99 4.62 6.06
C MET A 1 -61.07 5.68 5.45
N ASP A 2 -61.43 6.17 4.26
CA ASP A 2 -60.69 7.21 3.58
C ASP A 2 -60.47 8.48 4.44
N LYS A 3 -61.55 9.00 5.02
CA LYS A 3 -61.44 10.23 5.79
C LYS A 3 -60.96 10.04 7.24
N LEU A 4 -61.28 8.89 7.81
CA LEU A 4 -60.92 8.62 9.19
C LEU A 4 -59.45 8.28 9.24
N LYS A 5 -58.95 7.62 8.19
CA LYS A 5 -57.55 7.18 8.13
C LYS A 5 -56.63 8.36 8.46
N ILE A 6 -56.85 9.48 7.76
CA ILE A 6 -56.05 10.69 7.96
C ILE A 6 -56.14 11.23 9.39
N ILE A 7 -57.36 11.36 9.91
CA ILE A 7 -57.53 11.78 11.28
C ILE A 7 -56.66 10.93 12.18
N MET A 8 -56.68 9.61 11.99
CA MET A 8 -55.93 8.64 12.80
C MET A 8 -54.42 8.67 12.66
N GLU A 9 -53.95 8.80 11.43
CA GLU A 9 -52.53 8.94 11.16
C GLU A 9 -52.06 10.16 11.91
N LYS A 10 -52.80 11.25 11.74
CA LYS A 10 -52.51 12.54 12.34
C LYS A 10 -52.55 12.45 13.84
N GLY A 11 -53.54 11.72 14.33
CA GLY A 11 -53.70 11.62 15.76
C GLY A 11 -52.56 10.88 16.42
N THR A 12 -52.27 9.67 15.93
CA THR A 12 -51.20 8.85 16.49
C THR A 12 -49.84 9.53 16.30
N GLU A 13 -49.58 10.02 15.10
CA GLU A 13 -48.32 10.73 14.85
C GLU A 13 -48.19 11.83 15.86
N ARG A 14 -49.22 12.66 15.96
CA ARG A 14 -49.13 13.77 16.90
C ARG A 14 -48.94 13.36 18.35
N LEU A 15 -49.57 12.28 18.79
CA LEU A 15 -49.30 11.75 20.12
C LEU A 15 -47.86 11.32 20.37
N LYS A 16 -47.33 10.54 19.42
CA LYS A 16 -45.95 10.05 19.46
C LYS A 16 -45.02 11.26 19.56
N ARG A 17 -45.18 12.19 18.62
CA ARG A 17 -44.45 13.46 18.61
C ARG A 17 -44.56 14.15 19.98
N GLY A 18 -45.74 14.09 20.55
CA GLY A 18 -46.02 14.65 21.85
C GLY A 18 -45.13 14.11 22.94
N PHE A 19 -44.92 12.79 22.95
CA PHE A 19 -44.03 12.24 23.98
C PHE A 19 -42.66 12.90 23.96
N ALA A 20 -42.15 13.07 22.75
CA ALA A 20 -40.82 13.63 22.55
C ALA A 20 -40.70 14.98 23.27
N LYS A 21 -41.78 15.76 23.23
CA LYS A 21 -41.76 17.10 23.79
C LYS A 21 -41.50 17.08 25.29
N MET A 22 -41.97 16.07 25.99
CA MET A 22 -41.63 15.89 27.40
C MET A 22 -40.13 15.96 27.74
N VAL A 23 -39.31 15.51 26.81
CA VAL A 23 -37.89 15.34 27.09
C VAL A 23 -37.08 16.58 26.67
N LYS A 24 -37.76 17.46 25.94
CA LYS A 24 -37.18 18.69 25.39
C LYS A 24 -36.54 19.58 26.46
N GLY A 25 -35.39 20.16 26.13
CA GLY A 25 -34.68 21.04 27.05
C GLY A 25 -33.70 20.37 28.01
N GLY A 26 -33.72 19.05 28.07
CA GLY A 26 -32.79 18.32 28.92
C GLY A 26 -31.68 17.46 28.28
N VAL A 27 -31.06 16.65 29.11
CA VAL A 27 -30.02 15.72 28.66
C VAL A 27 -30.49 14.27 28.78
N ILE A 28 -30.27 13.49 27.73
CA ILE A 28 -30.55 12.06 27.77
C ILE A 28 -29.24 11.32 27.81
N MET A 29 -29.11 10.38 28.75
CA MET A 29 -27.80 9.80 29.01
C MET A 29 -27.73 8.31 28.74
N ASP A 30 -26.75 7.89 27.93
CA ASP A 30 -26.54 6.46 27.70
C ASP A 30 -26.09 5.80 28.98
N VAL A 31 -26.66 4.63 29.26
CA VAL A 31 -26.49 3.91 30.51
C VAL A 31 -26.45 2.41 30.22
N THR A 32 -25.44 1.73 30.75
CA THR A 32 -25.34 0.29 30.54
C THR A 32 -25.86 -0.61 31.66
N ASN A 33 -26.13 -0.04 32.82
CA ASN A 33 -26.49 -0.79 34.01
C ASN A 33 -27.28 0.02 35.05
N ALA A 34 -27.81 -0.67 36.05
CA ALA A 34 -28.56 -0.06 37.14
C ALA A 34 -27.85 1.15 37.79
N GLU A 35 -26.57 1.01 38.15
CA GLU A 35 -25.81 2.12 38.76
C GLU A 35 -25.82 3.34 37.90
N GLN A 36 -25.37 3.19 36.66
CA GLN A 36 -25.32 4.32 35.75
C GLN A 36 -26.69 4.97 35.57
N ALA A 37 -27.73 4.14 35.51
CA ALA A 37 -29.08 4.65 35.45
C ALA A 37 -29.32 5.57 36.61
N ARG A 38 -28.97 5.11 37.81
CA ARG A 38 -29.15 5.92 39.00
C ARG A 38 -28.35 7.22 38.97
N ILE A 39 -27.06 7.13 38.67
CA ILE A 39 -26.22 8.31 38.61
C ILE A 39 -26.81 9.34 37.66
N ALA A 40 -27.28 8.83 36.53
CA ALA A 40 -27.90 9.65 35.50
C ALA A 40 -29.11 10.39 36.03
N GLU A 41 -30.04 9.65 36.65
CA GLU A 41 -31.28 10.26 37.14
C GLU A 41 -30.99 11.31 38.17
N GLU A 42 -30.10 10.95 39.10
CA GLU A 42 -29.66 11.78 40.20
C GLU A 42 -29.05 13.07 39.70
N ALA A 43 -28.44 12.99 38.54
CA ALA A 43 -27.76 14.15 38.02
C ALA A 43 -28.66 15.05 37.18
N GLY A 44 -29.94 14.71 37.06
CA GLY A 44 -30.85 15.60 36.36
C GLY A 44 -31.08 15.25 34.91
N ALA A 45 -30.78 13.99 34.58
CA ALA A 45 -31.06 13.48 33.24
C ALA A 45 -32.57 13.41 33.08
N VAL A 46 -33.09 13.92 31.98
CA VAL A 46 -34.53 13.82 31.73
C VAL A 46 -34.91 12.39 31.37
N ALA A 47 -33.96 11.67 30.79
CA ALA A 47 -34.15 10.26 30.44
C ALA A 47 -32.84 9.47 30.23
N VAL A 48 -32.92 8.16 30.38
CA VAL A 48 -31.75 7.37 30.07
C VAL A 48 -31.92 6.54 28.79
N MET A 49 -30.78 6.26 28.14
CA MET A 49 -30.74 5.41 26.96
C MET A 49 -30.03 4.12 27.29
N ALA A 50 -30.77 3.02 27.30
CA ALA A 50 -30.20 1.72 27.63
C ALA A 50 -29.51 1.03 26.45
N LEU A 51 -28.28 0.61 26.67
CA LEU A 51 -27.54 -0.12 25.67
C LEU A 51 -26.52 -1.01 26.36
N HIS A 52 -25.96 -1.95 25.60
CA HIS A 52 -25.01 -2.91 26.13
C HIS A 52 -23.69 -2.26 26.52
N LYS A 53 -23.15 -1.43 25.62
CA LYS A 53 -21.91 -0.71 25.86
C LYS A 53 -22.05 0.69 25.33
N VAL A 54 -21.45 1.67 26.01
CA VAL A 54 -21.41 3.04 25.49
C VAL A 54 -20.59 3.07 24.20
N PRO A 55 -20.94 3.99 23.30
CA PRO A 55 -20.34 4.00 21.96
C PRO A 55 -18.82 3.91 21.92
N ALA A 56 -18.12 4.65 22.77
CA ALA A 56 -16.66 4.57 22.82
C ALA A 56 -16.19 3.10 22.99
N ASP A 57 -16.83 2.39 23.90
CA ASP A 57 -16.57 0.97 24.11
C ASP A 57 -17.01 0.11 22.93
N ILE A 58 -18.17 0.43 22.35
CA ILE A 58 -18.64 -0.24 21.14
C ILE A 58 -17.52 -0.26 20.11
N ARG A 59 -16.92 0.91 19.88
CA ARG A 59 -15.75 1.03 19.01
C ARG A 59 -14.58 0.13 19.40
N LYS A 60 -14.22 0.16 20.68
CA LYS A 60 -13.08 -0.64 21.13
C LYS A 60 -13.30 -2.14 20.92
N ALA A 61 -14.53 -2.58 21.13
CA ALA A 61 -14.82 -4.01 21.15
C ALA A 61 -14.91 -4.64 19.76
N GLY A 62 -15.24 -3.84 18.75
CA GLY A 62 -15.50 -4.37 17.42
C GLY A 62 -16.64 -5.36 17.46
N GLY A 63 -16.69 -6.26 16.49
CA GLY A 63 -17.72 -7.28 16.45
C GLY A 63 -19.10 -6.70 16.18
N VAL A 64 -20.14 -7.51 16.42
CA VAL A 64 -21.50 -7.06 16.13
C VAL A 64 -22.15 -6.44 17.33
N ALA A 65 -22.69 -5.23 17.18
CA ALA A 65 -23.35 -4.53 18.27
C ALA A 65 -24.86 -4.59 18.12
N ARG A 66 -25.52 -5.26 19.07
CA ARG A 66 -26.96 -5.47 18.98
C ARG A 66 -27.71 -4.77 20.12
N MET A 67 -29.04 -4.97 20.11
CA MET A 67 -29.90 -4.58 21.21
C MET A 67 -29.35 -5.08 22.55
N ALA A 68 -29.50 -4.31 23.61
CA ALA A 68 -29.07 -4.76 24.94
C ALA A 68 -29.80 -6.03 25.37
N PRO A 69 -29.19 -6.80 26.31
CA PRO A 69 -29.89 -7.98 26.80
C PRO A 69 -31.18 -7.57 27.49
N VAL A 70 -32.24 -8.35 27.39
CA VAL A 70 -33.51 -7.94 28.00
C VAL A 70 -33.38 -7.71 29.51
N GLU A 71 -32.71 -8.60 30.20
CA GLU A 71 -32.42 -8.46 31.63
C GLU A 71 -31.87 -7.09 31.98
N LYS A 72 -30.96 -6.59 31.15
CA LYS A 72 -30.27 -5.34 31.43
C LYS A 72 -31.25 -4.18 31.26
N ILE A 73 -32.08 -4.27 30.23
CA ILE A 73 -33.04 -3.22 29.99
C ILE A 73 -34.03 -3.19 31.15
N GLN A 74 -34.52 -4.35 31.53
CA GLN A 74 -35.41 -4.50 32.68
C GLN A 74 -34.81 -3.84 33.92
N GLU A 75 -33.60 -4.29 34.27
CA GLU A 75 -32.86 -3.82 35.43
C GLU A 75 -32.74 -2.30 35.45
N ILE A 76 -32.56 -1.72 34.27
CA ILE A 76 -32.50 -0.27 34.14
C ILE A 76 -33.87 0.39 34.36
N MET A 77 -34.92 -0.18 33.78
CA MET A 77 -36.26 0.40 33.92
C MET A 77 -36.67 0.38 35.39
N ASP A 78 -36.17 -0.61 36.11
CA ASP A 78 -36.47 -0.72 37.53
C ASP A 78 -35.71 0.34 38.30
N ALA A 79 -34.47 0.59 37.91
CA ALA A 79 -33.61 1.49 38.66
C ALA A 79 -34.05 2.95 38.65
N VAL A 80 -34.86 3.37 37.67
CA VAL A 80 -35.20 4.79 37.59
C VAL A 80 -36.64 5.10 37.23
N THR A 81 -37.06 6.30 37.66
CA THR A 81 -38.39 6.87 37.47
C THR A 81 -38.59 7.60 36.13
N ILE A 82 -37.52 8.21 35.64
CA ILE A 82 -37.54 8.91 34.36
C ILE A 82 -37.73 7.95 33.15
N PRO A 83 -38.06 8.51 31.96
CA PRO A 83 -38.21 7.60 30.81
C PRO A 83 -36.94 6.82 30.48
N VAL A 84 -37.12 5.54 30.20
CA VAL A 84 -36.05 4.69 29.68
C VAL A 84 -36.24 4.53 28.16
N MET A 85 -35.19 4.80 27.41
CA MET A 85 -35.19 4.58 25.99
C MET A 85 -34.20 3.44 25.75
N ALA A 86 -34.35 2.73 24.63
CA ALA A 86 -33.38 1.69 24.33
C ALA A 86 -33.03 1.66 22.86
N LYS A 87 -31.84 1.15 22.56
CA LYS A 87 -31.35 1.15 21.19
C LYS A 87 -31.68 -0.16 20.49
N CYS A 88 -31.96 -0.09 19.20
CA CYS A 88 -31.98 -1.28 18.34
C CYS A 88 -31.24 -1.05 17.01
N ARG A 89 -30.81 -2.16 16.41
CA ARG A 89 -30.14 -2.17 15.11
C ARG A 89 -31.04 -1.62 13.99
N ILE A 90 -30.43 -0.87 13.08
CA ILE A 90 -31.17 -0.28 11.98
C ILE A 90 -31.90 -1.35 11.18
N GLY A 91 -33.19 -1.13 10.97
CA GLY A 91 -33.95 -2.04 10.15
C GLY A 91 -34.38 -3.29 10.90
N HIS A 92 -33.94 -3.45 12.15
CA HIS A 92 -34.21 -4.71 12.84
C HIS A 92 -35.55 -4.60 13.55
N GLU A 93 -36.57 -5.12 12.89
CA GLU A 93 -37.93 -4.91 13.29
C GLU A 93 -38.23 -5.71 14.56
N ALA A 94 -37.67 -6.92 14.65
CA ALA A 94 -37.94 -7.82 15.76
C ALA A 94 -37.38 -7.27 17.04
N GLU A 95 -36.14 -6.80 17.00
CA GLU A 95 -35.55 -6.16 18.15
C GLU A 95 -36.42 -5.00 18.65
N ALA A 96 -36.88 -4.15 17.73
CA ALA A 96 -37.78 -3.07 18.08
C ALA A 96 -39.09 -3.58 18.71
N ARG A 97 -39.69 -4.64 18.16
CA ARG A 97 -40.94 -5.11 18.73
C ARG A 97 -40.78 -5.72 20.12
N ILE A 98 -39.64 -6.36 20.35
CA ILE A 98 -39.30 -6.81 21.69
C ILE A 98 -39.09 -5.62 22.62
N LEU A 99 -38.48 -4.55 22.12
CA LEU A 99 -38.23 -3.40 22.97
C LEU A 99 -39.55 -2.79 23.36
N GLU A 100 -40.43 -2.63 22.38
CA GLU A 100 -41.75 -2.07 22.61
C GLU A 100 -42.55 -2.90 23.60
N ALA A 101 -42.63 -4.20 23.36
CA ALA A 101 -43.25 -5.16 24.30
C ALA A 101 -42.68 -5.09 25.73
N LEU A 102 -41.40 -4.80 25.83
CA LEU A 102 -40.76 -4.68 27.12
C LEU A 102 -41.19 -3.38 27.78
N GLY A 103 -41.88 -2.53 27.03
CA GLY A 103 -42.38 -1.28 27.57
C GLY A 103 -41.40 -0.13 27.70
N VAL A 104 -40.43 -0.06 26.83
CA VAL A 104 -39.56 1.10 26.83
C VAL A 104 -40.38 2.27 26.32
N ASP A 105 -39.96 3.46 26.73
CA ASP A 105 -40.68 4.69 26.43
C ASP A 105 -40.38 5.16 25.02
N MET A 106 -39.16 4.92 24.57
CA MET A 106 -38.76 5.28 23.22
C MET A 106 -37.74 4.30 22.69
N ILE A 107 -37.85 4.01 21.39
CA ILE A 107 -36.84 3.22 20.71
C ILE A 107 -35.94 4.06 19.79
N ASP A 108 -34.65 3.82 19.87
CA ASP A 108 -33.72 4.52 19.03
C ASP A 108 -33.21 3.59 17.93
N GLU A 109 -33.46 3.93 16.67
CA GLU A 109 -32.94 3.07 15.59
C GLU A 109 -31.58 3.62 15.31
N SER A 110 -30.58 2.93 15.82
CA SER A 110 -29.30 3.58 16.03
C SER A 110 -28.23 3.16 15.06
N GLU A 111 -27.52 4.14 14.54
CA GLU A 111 -26.44 3.89 13.60
C GLU A 111 -25.17 3.50 14.36
N VAL A 112 -25.23 3.49 15.69
CA VAL A 112 -24.06 3.00 16.43
C VAL A 112 -24.08 1.48 16.60
N LEU A 113 -25.25 0.88 16.52
CA LEU A 113 -25.33 -0.58 16.47
C LEU A 113 -25.11 -1.08 15.04
N THR A 114 -24.66 -2.31 14.89
CA THR A 114 -24.44 -2.85 13.56
C THR A 114 -25.74 -2.98 12.80
N PRO A 115 -25.88 -2.27 11.67
CA PRO A 115 -27.14 -2.29 10.93
C PRO A 115 -27.60 -3.70 10.55
N ALA A 116 -28.89 -3.96 10.69
CA ALA A 116 -29.49 -5.23 10.31
C ALA A 116 -29.93 -5.33 8.86
N ASP A 117 -30.36 -4.21 8.31
CA ASP A 117 -30.89 -4.14 6.94
C ASP A 117 -30.06 -3.18 6.06
N PRO A 118 -29.43 -3.70 5.03
CA PRO A 118 -28.64 -2.78 4.20
C PRO A 118 -29.52 -1.86 3.36
N PHE A 119 -30.76 -2.23 3.10
CA PHE A 119 -31.68 -1.42 2.29
C PHE A 119 -32.60 -0.41 2.97
N PHE A 120 -33.24 -0.80 4.05
CA PHE A 120 -34.36 -0.06 4.58
C PHE A 120 -34.34 0.09 6.12
N HIS A 121 -34.82 1.23 6.62
CA HIS A 121 -35.12 1.35 8.04
C HIS A 121 -36.44 0.72 8.43
N ILE A 122 -36.62 0.53 9.73
CA ILE A 122 -37.87 0.02 10.27
C ILE A 122 -39.01 0.92 9.89
N TYR A 123 -40.17 0.37 9.54
CA TYR A 123 -41.24 1.27 9.19
C TYR A 123 -41.90 1.58 10.50
N LYS A 124 -41.66 2.80 10.97
CA LYS A 124 -41.89 3.13 12.35
C LYS A 124 -43.37 3.43 12.61
N LYS A 125 -44.07 3.89 11.58
CA LYS A 125 -45.48 4.24 11.71
C LYS A 125 -46.36 3.09 12.24
N LYS A 126 -45.97 1.85 11.92
CA LYS A 126 -46.68 0.63 12.37
C LYS A 126 -46.56 0.35 13.86
N PHE A 127 -45.59 0.98 14.51
CA PHE A 127 -45.36 0.78 15.94
C PHE A 127 -46.21 1.69 16.85
N THR A 128 -46.54 1.22 18.04
CA THR A 128 -47.14 2.14 19.01
C THR A 128 -46.05 2.96 19.71
N ALA A 129 -44.94 2.32 20.07
CA ALA A 129 -43.83 3.06 20.65
C ALA A 129 -43.25 4.09 19.67
N PRO A 130 -42.87 5.26 20.18
CA PRO A 130 -42.27 6.33 19.38
C PRO A 130 -40.79 6.06 19.12
N PHE A 131 -40.30 6.48 17.96
CA PHE A 131 -38.92 6.24 17.61
C PHE A 131 -38.09 7.52 17.57
N VAL A 132 -36.83 7.45 18.02
CA VAL A 132 -35.85 8.49 17.69
C VAL A 132 -34.83 7.95 16.70
N CYS A 133 -34.47 8.77 15.73
CA CYS A 133 -33.55 8.34 14.69
C CYS A 133 -32.46 9.37 14.44
N GLY A 134 -31.33 8.93 13.90
CA GLY A 134 -30.24 9.84 13.63
C GLY A 134 -30.33 10.42 12.24
N ALA A 135 -29.76 11.60 12.03
CA ALA A 135 -29.66 12.15 10.70
C ALA A 135 -28.40 12.97 10.54
N ARG A 136 -27.66 12.79 9.45
CA ARG A 136 -26.49 13.65 9.25
C ARG A 136 -26.77 14.83 8.32
N ASN A 137 -27.96 14.87 7.73
CA ASN A 137 -28.40 16.01 6.93
C ASN A 137 -29.89 16.01 6.75
N LEU A 138 -30.43 17.03 6.08
CA LEU A 138 -31.87 17.19 6.05
C LEU A 138 -32.57 16.07 5.32
N GLY A 139 -31.97 15.60 4.23
CA GLY A 139 -32.51 14.48 3.46
C GLY A 139 -32.78 13.31 4.38
N GLU A 140 -31.75 12.94 5.14
CA GLU A 140 -31.85 11.86 6.11
C GLU A 140 -32.97 12.08 7.11
N ALA A 141 -33.03 13.30 7.64
CA ALA A 141 -33.95 13.62 8.71
C ALA A 141 -35.35 13.46 8.20
N VAL A 142 -35.58 13.96 7.00
CA VAL A 142 -36.88 13.96 6.39
C VAL A 142 -37.33 12.55 6.12
N ARG A 143 -36.43 11.74 5.57
CA ARG A 143 -36.75 10.33 5.32
C ARG A 143 -37.10 9.62 6.63
N ARG A 144 -36.25 9.79 7.62
CA ARG A 144 -36.49 9.21 8.93
C ARG A 144 -37.83 9.63 9.53
N ILE A 145 -38.20 10.88 9.35
CA ILE A 145 -39.48 11.39 9.80
C ILE A 145 -40.62 10.70 9.04
N TRP A 146 -40.53 10.69 7.72
CA TRP A 146 -41.54 10.05 6.93
C TRP A 146 -41.77 8.58 7.26
N GLU A 147 -40.71 7.89 7.66
CA GLU A 147 -40.84 6.52 8.11
C GLU A 147 -41.49 6.45 9.48
N GLY A 148 -41.71 7.61 10.06
CA GLY A 148 -42.44 7.70 11.33
C GLY A 148 -41.69 8.05 12.60
N ALA A 149 -40.44 8.50 12.47
CA ALA A 149 -39.67 8.95 13.62
C ALA A 149 -40.38 10.11 14.28
N ALA A 150 -40.53 10.03 15.61
CA ALA A 150 -41.19 11.07 16.39
C ALA A 150 -40.20 12.12 16.87
N MET A 151 -38.91 11.78 16.79
CA MET A 151 -37.82 12.63 17.25
C MET A 151 -36.56 12.35 16.46
N ILE A 152 -35.81 13.40 16.12
CA ILE A 152 -34.55 13.10 15.46
C ILE A 152 -33.37 13.74 16.16
N ARG A 153 -32.21 13.09 16.08
CA ARG A 153 -30.96 13.64 16.60
C ARG A 153 -29.91 13.61 15.52
N THR A 154 -28.84 14.36 15.71
CA THR A 154 -27.72 14.29 14.81
C THR A 154 -26.96 13.04 15.12
N LYS A 155 -26.28 12.49 14.12
CA LYS A 155 -25.52 11.26 14.29
C LYS A 155 -24.24 11.58 14.98
N GLY A 156 -23.58 12.62 14.48
CA GLY A 156 -22.26 13.01 14.93
C GLY A 156 -21.35 11.83 14.65
N GLU A 157 -20.24 11.75 15.39
CA GLU A 157 -19.40 10.55 15.33
C GLU A 157 -19.42 10.00 16.76
N ALA A 158 -20.15 8.91 16.98
CA ALA A 158 -20.40 8.47 18.34
C ALA A 158 -19.16 7.86 18.97
N GLY A 159 -18.94 8.15 20.24
CA GLY A 159 -17.83 7.56 20.98
C GLY A 159 -16.47 8.20 20.76
N THR A 160 -16.44 9.29 19.98
CA THR A 160 -15.18 9.94 19.67
C THR A 160 -14.82 11.09 20.59
N GLY A 161 -15.78 11.54 21.40
CA GLY A 161 -15.56 12.72 22.22
C GLY A 161 -15.23 13.97 21.39
N ASN A 162 -15.53 13.89 20.11
CA ASN A 162 -15.24 14.99 19.22
C ASN A 162 -16.53 15.58 18.67
N ILE A 163 -16.77 16.82 19.03
CA ILE A 163 -18.04 17.50 18.74
C ILE A 163 -18.16 17.89 17.26
N ILE A 164 -17.08 17.77 16.51
CA ILE A 164 -17.07 18.30 15.14
C ILE A 164 -18.14 17.72 14.25
N GLU A 165 -18.37 16.41 14.33
CA GLU A 165 -19.30 15.78 13.41
C GLU A 165 -20.74 16.15 13.74
N ALA A 166 -21.08 16.16 15.03
CA ALA A 166 -22.35 16.74 15.46
C ALA A 166 -22.55 18.16 14.90
N VAL A 167 -21.55 19.02 15.03
CA VAL A 167 -21.71 20.41 14.57
C VAL A 167 -21.92 20.44 13.06
N ARG A 168 -21.17 19.65 12.32
CA ARG A 168 -21.34 19.57 10.88
C ARG A 168 -22.78 19.21 10.56
N HIS A 169 -23.31 18.20 11.25
CA HIS A 169 -24.65 17.72 10.93
C HIS A 169 -25.72 18.75 11.23
N VAL A 170 -25.55 19.44 12.35
CA VAL A 170 -26.45 20.55 12.69
C VAL A 170 -26.42 21.63 11.62
N ARG A 171 -25.23 22.04 11.21
CA ARG A 171 -25.12 23.05 10.17
C ARG A 171 -25.74 22.60 8.86
N LEU A 172 -25.43 21.38 8.43
CA LEU A 172 -25.99 20.87 7.18
C LEU A 172 -27.51 20.90 7.21
N VAL A 173 -28.10 20.37 8.27
CA VAL A 173 -29.55 20.48 8.42
C VAL A 173 -30.10 21.93 8.42
N ASN A 174 -29.56 22.78 9.28
CA ASN A 174 -30.02 24.15 9.33
C ASN A 174 -29.91 24.93 8.02
N GLU A 175 -28.74 24.91 7.40
CA GLU A 175 -28.57 25.59 6.14
C GLU A 175 -29.54 25.04 5.13
N ASN A 176 -29.76 23.73 5.15
CA ASN A 176 -30.64 23.14 4.14
C ASN A 176 -32.09 23.59 4.40
N ILE A 177 -32.48 23.73 5.66
CA ILE A 177 -33.76 24.39 5.97
C ILE A 177 -33.85 25.84 5.42
N ARG A 178 -32.85 26.67 5.72
CA ARG A 178 -32.85 28.04 5.23
C ARG A 178 -32.93 28.07 3.69
N LEU A 179 -32.23 27.16 3.02
CA LEU A 179 -32.33 27.04 1.56
C LEU A 179 -33.77 26.72 1.13
N ILE A 180 -34.41 25.77 1.80
CA ILE A 180 -35.82 25.46 1.56
C ILE A 180 -36.73 26.70 1.64
N GLN A 181 -36.59 27.47 2.73
CA GLN A 181 -37.32 28.72 2.90
C GLN A 181 -37.14 29.74 1.78
N ARG A 182 -35.99 29.74 1.10
CA ARG A 182 -35.80 30.65 -0.01
C ARG A 182 -36.28 30.09 -1.34
N MET A 183 -36.95 28.95 -1.33
CA MET A 183 -37.31 28.33 -2.60
C MET A 183 -38.80 28.43 -2.96
N THR A 184 -39.06 28.52 -4.26
CA THR A 184 -40.40 28.37 -4.80
C THR A 184 -40.89 26.94 -4.55
N ASP A 185 -42.20 26.75 -4.49
CA ASP A 185 -42.74 25.41 -4.26
C ASP A 185 -42.21 24.35 -5.25
N GLU A 186 -42.06 24.71 -6.52
CA GLU A 186 -41.60 23.78 -7.55
C GLU A 186 -40.17 23.31 -7.28
N GLU A 187 -39.33 24.28 -6.92
CA GLU A 187 -37.96 24.02 -6.58
C GLU A 187 -37.88 23.03 -5.42
N ILE A 188 -38.68 23.29 -4.39
CA ILE A 188 -38.80 22.38 -3.27
C ILE A 188 -39.21 20.97 -3.72
N TYR A 189 -40.07 20.89 -4.73
CA TYR A 189 -40.44 19.58 -5.27
C TYR A 189 -39.23 18.81 -5.80
N GLY A 190 -38.37 19.53 -6.52
CA GLY A 190 -37.12 18.93 -6.96
C GLY A 190 -36.31 18.33 -5.82
N VAL A 191 -36.13 19.12 -4.75
CA VAL A 191 -35.44 18.62 -3.57
C VAL A 191 -36.13 17.36 -3.03
N ALA A 192 -37.45 17.32 -3.06
CA ALA A 192 -38.18 16.14 -2.61
C ALA A 192 -37.82 14.91 -3.43
N GLU A 193 -37.73 15.11 -4.74
CA GLU A 193 -37.31 14.03 -5.62
C GLU A 193 -35.94 13.48 -5.19
N LYS A 194 -34.99 14.40 -5.06
CA LYS A 194 -33.64 14.03 -4.60
C LYS A 194 -33.66 13.26 -3.28
N PHE A 195 -34.48 13.72 -2.34
CA PHE A 195 -34.44 13.17 -1.00
C PHE A 195 -35.07 11.80 -0.94
N ALA A 196 -35.93 11.50 -1.90
CA ALA A 196 -36.51 10.15 -1.95
C ALA A 196 -35.68 9.13 -2.75
N GLU A 197 -34.66 9.58 -3.49
CA GLU A 197 -33.79 8.62 -4.20
C GLU A 197 -33.32 7.32 -3.50
N PRO A 198 -32.78 7.40 -2.27
CA PRO A 198 -32.24 6.20 -1.62
C PRO A 198 -33.15 4.98 -1.59
N TYR A 199 -34.47 5.15 -1.66
CA TYR A 199 -35.38 4.02 -1.53
C TYR A 199 -35.22 3.10 -2.75
N LEU A 200 -34.81 3.68 -3.88
CA LEU A 200 -34.66 2.94 -5.14
C LEU A 200 -33.48 1.97 -5.14
N ARG A 201 -32.70 2.00 -4.09
CA ARG A 201 -31.42 1.32 -4.04
C ARG A 201 -31.68 -0.20 -4.16
N LEU A 202 -32.69 -0.74 -3.48
CA LEU A 202 -32.87 -2.19 -3.59
C LEU A 202 -33.55 -2.58 -4.92
N ALA A 203 -34.42 -1.73 -5.43
CA ALA A 203 -34.94 -1.94 -6.77
C ALA A 203 -33.81 -2.03 -7.79
N PHE A 204 -32.93 -1.04 -7.80
CA PHE A 204 -31.90 -0.96 -8.84
C PHE A 204 -30.91 -2.10 -8.75
N SER A 205 -30.57 -2.52 -7.53
CA SER A 205 -29.70 -3.66 -7.34
C SER A 205 -30.26 -4.85 -8.08
N VAL A 206 -31.56 -5.05 -7.91
CA VAL A 206 -32.26 -6.16 -8.52
C VAL A 206 -32.39 -5.99 -10.05
N LYS A 207 -32.60 -4.77 -10.53
CA LYS A 207 -32.67 -4.55 -11.97
C LYS A 207 -31.32 -4.98 -12.56
N GLU A 208 -30.23 -4.63 -11.88
CA GLU A 208 -28.91 -4.95 -12.38
C GLU A 208 -28.72 -6.47 -12.41
N ILE A 209 -29.15 -7.17 -11.36
CA ILE A 209 -29.06 -8.62 -11.32
C ILE A 209 -29.87 -9.24 -12.46
N SER A 210 -30.97 -8.59 -12.82
CA SER A 210 -31.89 -9.13 -13.81
C SER A 210 -31.50 -8.71 -15.22
N GLY A 211 -30.39 -8.01 -15.33
CA GLY A 211 -29.93 -7.52 -16.63
C GLY A 211 -30.80 -6.46 -17.30
N LEU A 212 -31.63 -5.78 -16.50
CA LEU A 212 -32.38 -4.61 -16.93
C LEU A 212 -31.66 -3.31 -16.60
N PRO A 213 -32.00 -2.22 -17.31
CA PRO A 213 -31.43 -0.90 -16.96
C PRO A 213 -31.97 -0.33 -15.63
N LYS A 214 -31.22 0.52 -14.96
CA LYS A 214 -31.70 0.96 -13.65
C LYS A 214 -32.56 2.21 -13.82
N ARG A 215 -33.86 2.01 -13.75
CA ARG A 215 -34.76 3.06 -14.10
C ARG A 215 -35.84 3.02 -13.08
N VAL A 216 -36.44 4.17 -12.84
CA VAL A 216 -37.58 4.21 -11.96
C VAL A 216 -38.84 3.99 -12.80
N LEU A 217 -39.60 2.97 -12.45
CA LEU A 217 -40.87 2.69 -13.11
C LEU A 217 -42.01 3.26 -12.27
N GLU A 218 -42.99 3.88 -12.94
CA GLU A 218 -43.95 4.75 -12.26
C GLU A 218 -44.91 4.07 -11.28
N ASN A 219 -45.36 2.88 -11.63
CA ASN A 219 -46.28 2.16 -10.76
C ASN A 219 -45.62 1.13 -9.85
N GLU A 220 -44.30 1.07 -9.88
CA GLU A 220 -43.53 0.07 -9.14
C GLU A 220 -43.39 0.37 -7.66
N PRO A 221 -43.89 -0.52 -6.80
CA PRO A 221 -43.83 -0.45 -5.33
C PRO A 221 -42.46 -0.70 -4.75
N ILE A 222 -41.76 0.36 -4.37
CA ILE A 222 -40.45 0.33 -3.74
C ILE A 222 -40.40 -0.13 -2.27
N TYR A 223 -41.12 0.58 -1.39
CA TYR A 223 -41.00 0.40 0.06
C TYR A 223 -42.35 0.46 0.76
N GLU A 224 -42.63 -0.57 1.57
CA GLU A 224 -43.87 -0.67 2.36
C GLU A 224 -45.11 -0.31 1.58
N GLY A 225 -45.18 -0.72 0.33
CA GLY A 225 -46.33 -0.46 -0.49
C GLY A 225 -46.27 0.79 -1.34
N PHE A 226 -45.38 1.71 -0.97
CA PHE A 226 -45.33 3.00 -1.66
C PHE A 226 -44.55 2.98 -2.97
N THR A 227 -45.09 3.64 -3.97
CA THR A 227 -44.40 3.90 -5.23
C THR A 227 -43.37 5.00 -5.01
N TYR A 228 -42.33 5.09 -5.85
CA TYR A 228 -41.33 6.15 -5.68
C TYR A 228 -41.97 7.53 -5.69
N ARG A 229 -42.83 7.75 -6.68
CA ARG A 229 -43.54 9.02 -6.81
C ARG A 229 -44.37 9.34 -5.56
N GLU A 230 -45.00 8.32 -4.99
CA GLU A 230 -45.78 8.48 -3.76
C GLU A 230 -44.91 9.01 -2.61
N ILE A 231 -43.73 8.41 -2.46
CA ILE A 231 -42.78 8.87 -1.47
C ILE A 231 -42.34 10.29 -1.76
N VAL A 232 -42.06 10.61 -3.02
CA VAL A 232 -41.68 11.97 -3.32
C VAL A 232 -42.78 12.93 -2.89
N GLU A 233 -44.05 12.55 -3.08
CA GLU A 233 -45.17 13.43 -2.67
C GLU A 233 -45.23 13.66 -1.17
N ASP A 234 -45.19 12.59 -0.40
CA ASP A 234 -45.27 12.71 1.05
C ASP A 234 -44.09 13.56 1.59
N ILE A 235 -42.90 13.31 1.02
CA ILE A 235 -41.69 14.00 1.45
C ILE A 235 -41.86 15.46 1.15
N TYR A 236 -42.32 15.76 -0.06
CA TYR A 236 -42.60 17.13 -0.46
C TYR A 236 -43.49 17.85 0.55
N LYS A 237 -44.57 17.17 0.96
CA LYS A 237 -45.44 17.70 1.99
C LYS A 237 -44.64 18.07 3.22
N ILE A 238 -43.78 17.16 3.66
CA ILE A 238 -43.04 17.39 4.91
C ILE A 238 -42.09 18.59 4.73
N LEU A 239 -41.51 18.70 3.54
CA LEU A 239 -40.60 19.80 3.26
C LEU A 239 -41.33 21.12 3.37
N LEU A 240 -42.54 21.17 2.84
CA LEU A 240 -43.35 22.36 2.89
C LEU A 240 -43.65 22.77 4.33
N GLU A 241 -44.03 21.77 5.12
CA GLU A 241 -44.26 22.01 6.54
C GLU A 241 -43.00 22.60 7.17
N ILE A 242 -41.84 22.10 6.77
CA ILE A 242 -40.58 22.62 7.26
C ILE A 242 -40.38 24.06 6.87
N LYS A 243 -40.64 24.37 5.60
CA LYS A 243 -40.56 25.73 5.10
C LYS A 243 -41.36 26.70 5.96
N LYS A 244 -42.60 26.34 6.26
CA LYS A 244 -43.43 27.16 7.15
C LYS A 244 -42.80 27.27 8.55
N LEU A 245 -42.55 26.11 9.16
CA LEU A 245 -42.05 26.04 10.54
C LEU A 245 -40.66 26.65 10.81
N GLY A 246 -39.79 26.71 9.82
CA GLY A 246 -38.43 27.18 10.02
C GLY A 246 -37.50 26.18 10.71
N ARG A 247 -38.07 25.05 11.11
CA ARG A 247 -37.30 24.00 11.77
C ARG A 247 -37.93 22.65 11.45
N LEU A 248 -37.47 21.60 12.14
CA LEU A 248 -38.05 20.28 11.96
C LEU A 248 -39.35 20.16 12.74
N PRO A 249 -40.33 19.47 12.16
CA PRO A 249 -41.65 19.18 12.74
C PRO A 249 -41.56 18.34 14.00
N VAL A 250 -40.40 17.79 14.33
CA VAL A 250 -40.28 17.05 15.58
C VAL A 250 -39.20 17.61 16.50
N VAL A 251 -39.15 17.10 17.73
CA VAL A 251 -38.10 17.49 18.64
C VAL A 251 -36.78 17.09 18.03
N ASN A 252 -35.83 18.01 18.02
CA ASN A 252 -34.53 17.78 17.38
C ASN A 252 -33.35 17.90 18.36
N PHE A 253 -32.66 16.80 18.66
CA PHE A 253 -31.55 16.87 19.63
C PHE A 253 -30.17 16.76 18.99
N ALA A 254 -29.19 17.34 19.65
CA ALA A 254 -27.80 17.11 19.30
C ALA A 254 -27.22 15.83 19.95
N ALA A 255 -26.41 15.10 19.19
CA ALA A 255 -25.84 13.87 19.71
C ALA A 255 -24.49 13.58 19.10
N GLY A 256 -23.67 12.96 19.92
CA GLY A 256 -22.40 12.35 19.57
C GLY A 256 -21.17 13.21 19.75
N GLY A 257 -20.25 12.60 20.48
CA GLY A 257 -19.05 13.26 20.92
C GLY A 257 -19.20 14.48 21.81
N VAL A 258 -20.25 14.57 22.64
CA VAL A 258 -20.31 15.68 23.60
C VAL A 258 -19.49 15.23 24.78
N ALA A 259 -18.36 15.91 24.98
CA ALA A 259 -17.44 15.50 26.03
C ALA A 259 -17.31 16.41 27.25
N THR A 260 -17.81 17.65 27.14
CA THR A 260 -17.65 18.65 28.19
C THR A 260 -18.86 19.58 28.23
N PRO A 261 -19.08 20.22 29.38
CA PRO A 261 -20.15 21.21 29.50
C PRO A 261 -20.18 22.22 28.35
N ALA A 262 -19.02 22.74 27.97
CA ALA A 262 -19.01 23.72 26.89
C ALA A 262 -19.55 23.16 25.58
N ASP A 263 -19.28 21.87 25.32
CA ASP A 263 -19.81 21.19 24.15
C ASP A 263 -21.33 21.26 24.13
N ALA A 264 -21.94 20.77 25.21
CA ALA A 264 -23.38 20.77 25.33
C ALA A 264 -23.92 22.19 25.14
N ALA A 265 -23.23 23.15 25.74
CA ALA A 265 -23.67 24.53 25.65
C ALA A 265 -23.68 24.99 24.20
N LEU A 266 -22.61 24.67 23.49
CA LEU A 266 -22.50 25.00 22.08
C LEU A 266 -23.68 24.44 21.28
N MET A 267 -23.99 23.15 21.48
CA MET A 267 -25.12 22.56 20.78
C MET A 267 -26.42 23.32 21.06
N MET A 268 -26.74 23.51 22.33
CA MET A 268 -27.91 24.31 22.68
C MET A 268 -27.93 25.67 21.97
N ALA A 269 -26.76 26.31 21.93
CA ALA A 269 -26.62 27.64 21.34
C ALA A 269 -26.79 27.63 19.85
N MET A 270 -26.76 26.45 19.26
CA MET A 270 -26.99 26.36 17.82
C MET A 270 -28.43 26.07 17.49
N GLY A 271 -29.27 26.01 18.53
CA GLY A 271 -30.70 25.88 18.32
C GLY A 271 -31.24 24.48 18.44
N MET A 272 -30.46 23.60 19.04
CA MET A 272 -30.92 22.26 19.33
C MET A 272 -31.81 22.27 20.56
N ASP A 273 -32.75 21.33 20.63
CA ASP A 273 -33.69 21.25 21.74
C ASP A 273 -33.13 20.57 22.97
N GLY A 274 -31.98 19.90 22.84
CA GLY A 274 -31.47 19.06 23.90
C GLY A 274 -30.28 18.24 23.45
N VAL A 275 -29.69 17.52 24.39
CA VAL A 275 -28.44 16.84 24.14
C VAL A 275 -28.46 15.36 24.57
N PHE A 276 -27.94 14.49 23.69
CA PHE A 276 -27.69 13.10 24.02
C PHE A 276 -26.22 12.99 24.37
N VAL A 277 -25.88 12.42 25.53
CA VAL A 277 -24.50 12.08 25.76
C VAL A 277 -24.36 10.71 26.38
N GLY A 278 -23.70 9.80 25.67
CA GLY A 278 -23.22 8.59 26.30
C GLY A 278 -21.81 8.53 26.89
N SER A 279 -20.85 8.71 26.01
CA SER A 279 -19.49 8.33 26.32
C SER A 279 -18.85 9.42 27.15
N GLY A 280 -19.22 10.65 26.83
CA GLY A 280 -18.69 11.84 27.50
C GLY A 280 -18.73 11.74 29.01
N ILE A 281 -19.81 11.16 29.54
CA ILE A 281 -19.99 11.02 30.97
C ILE A 281 -19.30 9.83 31.64
N PHE A 282 -19.52 8.62 31.13
CA PHE A 282 -19.01 7.46 31.86
C PHE A 282 -17.59 7.06 31.49
N LYS A 283 -17.07 7.67 30.43
CA LYS A 283 -15.67 7.45 30.07
C LYS A 283 -14.84 8.59 30.66
N SER A 284 -15.56 9.48 31.35
CA SER A 284 -14.97 10.59 32.12
C SER A 284 -14.40 10.09 33.45
N SER A 285 -13.49 10.85 34.06
CA SER A 285 -12.91 10.41 35.35
C SER A 285 -13.90 10.50 36.51
N ASN A 286 -14.73 11.54 36.50
CA ASN A 286 -15.72 11.72 37.55
C ASN A 286 -17.14 11.77 36.96
N PRO A 287 -17.71 10.59 36.66
CA PRO A 287 -18.99 10.57 35.94
C PRO A 287 -20.14 11.38 36.57
N PRO A 288 -20.37 11.24 37.89
CA PRO A 288 -21.54 11.97 38.39
C PRO A 288 -21.34 13.47 38.28
N LYS A 289 -20.11 13.92 38.51
CA LYS A 289 -19.84 15.35 38.47
C LYS A 289 -20.08 15.86 37.06
N MET A 290 -19.53 15.12 36.10
CA MET A 290 -19.60 15.50 34.71
C MET A 290 -21.06 15.50 34.29
N ALA A 291 -21.81 14.50 34.76
CA ALA A 291 -23.20 14.36 34.40
C ALA A 291 -23.95 15.61 34.83
N ARG A 292 -23.89 15.91 36.12
CA ARG A 292 -24.60 17.06 36.65
C ARG A 292 -24.14 18.33 35.91
N ALA A 293 -22.86 18.39 35.61
CA ALA A 293 -22.29 19.56 34.97
C ALA A 293 -22.90 19.79 33.59
N ILE A 294 -23.07 18.72 32.83
CA ILE A 294 -23.63 18.81 31.48
C ILE A 294 -25.12 19.17 31.55
N VAL A 295 -25.83 18.60 32.52
CA VAL A 295 -27.22 18.99 32.74
C VAL A 295 -27.32 20.48 33.01
N GLU A 296 -26.52 20.97 33.96
CA GLU A 296 -26.60 22.38 34.35
C GLU A 296 -26.14 23.29 33.21
N ALA A 297 -25.21 22.78 32.41
CA ALA A 297 -24.77 23.46 31.19
C ALA A 297 -25.93 23.64 30.20
N VAL A 298 -26.73 22.60 30.04
CA VAL A 298 -27.84 22.68 29.10
C VAL A 298 -28.90 23.61 29.62
N ASN A 299 -29.06 23.63 30.94
CA ASN A 299 -30.03 24.54 31.53
C ASN A 299 -29.57 25.99 31.50
N HIS A 300 -28.28 26.24 31.73
CA HIS A 300 -27.84 27.62 31.58
C HIS A 300 -26.82 27.83 30.48
N TRP A 301 -27.21 27.56 29.26
CA TRP A 301 -26.26 27.59 28.14
C TRP A 301 -26.01 29.01 27.60
N ASP A 302 -26.96 29.90 27.86
CA ASP A 302 -26.82 31.29 27.43
C ASP A 302 -26.19 32.18 28.50
N GLU A 303 -25.71 31.55 29.58
CA GLU A 303 -25.09 32.26 30.69
C GLU A 303 -23.61 31.88 30.93
N PRO A 304 -22.70 32.57 30.23
CA PRO A 304 -21.27 32.29 30.27
C PRO A 304 -20.70 32.23 31.65
N ASP A 305 -21.21 33.07 32.53
CA ASP A 305 -20.67 33.13 33.88
C ASP A 305 -20.96 31.82 34.57
N VAL A 306 -22.19 31.37 34.41
CA VAL A 306 -22.60 30.12 34.98
C VAL A 306 -21.85 28.93 34.37
N LEU A 307 -21.75 28.89 33.04
CA LEU A 307 -21.00 27.82 32.34
C LEU A 307 -19.61 27.68 32.94
N ALA A 308 -18.96 28.84 33.04
CA ALA A 308 -17.63 28.95 33.63
C ALA A 308 -17.55 28.36 35.02
N GLU A 309 -18.50 28.70 35.90
CA GLU A 309 -18.47 28.11 37.26
C GLU A 309 -18.74 26.60 37.26
N ILE A 310 -19.63 26.19 36.35
CA ILE A 310 -20.13 24.83 36.25
C ILE A 310 -19.00 23.84 35.95
N SER A 311 -18.03 24.31 35.19
CA SER A 311 -16.94 23.47 34.72
C SER A 311 -15.69 23.45 35.59
N ARG A 312 -15.80 23.84 36.85
CA ARG A 312 -14.63 23.91 37.72
C ARG A 312 -14.07 22.59 38.35
N GLU A 313 -14.82 21.53 38.53
CA GLU A 313 -14.07 20.22 38.64
C GLU A 313 -14.60 19.06 37.81
N ILE A 314 -13.72 18.58 36.95
CA ILE A 314 -13.74 17.22 36.40
C ILE A 314 -12.53 17.01 35.48
N GLY A 315 -12.16 15.76 35.21
CA GLY A 315 -11.33 15.57 34.03
C GLY A 315 -11.35 14.22 33.33
N GLU A 316 -11.42 14.10 32.01
CA GLU A 316 -10.96 15.08 31.06
C GLU A 316 -12.08 15.63 30.14
N PRO A 317 -12.71 14.85 29.26
CA PRO A 317 -12.70 13.40 29.24
C PRO A 317 -12.42 12.84 27.85
N MET A 318 -12.36 11.52 27.80
CA MET A 318 -12.29 10.76 26.56
C MET A 318 -11.18 11.20 25.50
N ARG A 319 -11.36 10.83 24.21
CA ARG A 319 -10.40 11.08 23.13
C ARG A 319 -10.76 10.36 21.80
N GLY A 320 -10.19 10.84 20.68
CA GLY A 320 -10.26 10.27 19.31
C GLY A 320 -9.67 11.35 18.45
N GLN A 321 -9.29 11.07 17.21
CA GLN A 321 -9.03 12.18 16.29
C GLN A 321 -9.70 11.89 14.96
N ALA A 322 -9.69 12.89 14.08
CA ALA A 322 -9.97 12.71 12.66
C ALA A 322 -9.29 11.44 12.15
N ILE A 323 -7.96 11.46 12.16
CA ILE A 323 -7.13 10.31 11.78
C ILE A 323 -7.42 9.05 12.61
N GLU A 324 -7.74 7.97 11.90
CA GLU A 324 -7.96 6.67 12.49
C GLU A 324 -9.16 6.56 13.42
N GLU A 325 -10.31 7.09 13.01
CA GLU A 325 -11.55 6.77 13.72
C GLU A 325 -11.90 5.29 13.44
N LEU A 326 -11.42 4.76 12.31
CA LEU A 326 -11.47 3.33 11.99
C LEU A 326 -12.86 2.72 11.80
N GLN A 327 -13.93 3.35 12.31
CA GLN A 327 -15.23 2.97 11.80
C GLN A 327 -16.24 4.04 11.55
N VAL A 328 -16.01 5.04 10.73
CA VAL A 328 -16.84 6.24 10.73
C VAL A 328 -18.35 5.89 10.74
N ARG A 329 -19.02 6.14 11.88
CA ARG A 329 -20.31 5.53 12.20
C ARG A 329 -21.49 6.37 11.71
N MET A 330 -21.22 7.45 10.94
CA MET A 330 -22.35 8.23 10.44
C MET A 330 -22.63 7.71 9.04
N GLU A 331 -23.34 6.58 9.02
CA GLU A 331 -23.91 6.00 7.81
C GLU A 331 -25.10 5.12 8.22
N GLU A 332 -26.02 4.94 7.29
CA GLU A 332 -27.40 4.44 7.41
C GLU A 332 -28.41 4.94 6.41
N ARG A 333 -28.45 6.19 5.99
CA ARG A 333 -29.31 6.64 4.87
C ARG A 333 -30.49 5.71 4.49
N MET B 1 -33.43 53.89 10.19
CA MET B 1 -32.17 54.15 9.50
C MET B 1 -30.94 53.88 10.38
N ASP B 2 -29.76 54.01 9.75
CA ASP B 2 -28.48 53.71 10.41
C ASP B 2 -27.37 54.76 10.12
N LYS B 3 -26.94 55.45 11.20
CA LYS B 3 -25.85 56.44 11.16
C LYS B 3 -24.79 56.24 12.28
N LEU B 4 -25.22 56.30 13.53
CA LEU B 4 -24.31 56.30 14.69
C LEU B 4 -23.56 54.99 14.92
N LYS B 5 -24.23 53.86 14.66
CA LYS B 5 -23.62 52.53 14.85
C LYS B 5 -22.21 52.36 14.23
N ILE B 6 -21.98 52.95 13.04
CA ILE B 6 -20.67 52.87 12.41
C ILE B 6 -19.59 53.26 13.41
N ILE B 7 -19.73 54.42 14.06
CA ILE B 7 -18.71 54.89 15.03
C ILE B 7 -18.47 53.78 16.08
N MET B 8 -19.56 53.31 16.67
CA MET B 8 -19.51 52.21 17.63
C MET B 8 -18.71 51.03 17.09
N GLU B 9 -19.09 50.57 15.89
CA GLU B 9 -18.46 49.39 15.29
C GLU B 9 -16.97 49.64 15.09
N LYS B 10 -16.61 50.82 14.56
CA LYS B 10 -15.19 51.10 14.31
C LYS B 10 -14.52 51.13 15.68
N GLY B 11 -15.22 51.79 16.62
CA GLY B 11 -14.65 52.06 17.92
C GLY B 11 -14.17 50.82 18.65
N THR B 12 -15.08 49.86 18.81
CA THR B 12 -14.73 48.59 19.43
C THR B 12 -13.59 47.87 18.71
N GLU B 13 -13.66 47.79 17.38
CA GLU B 13 -12.61 47.11 16.62
C GLU B 13 -11.30 47.76 16.99
N ARG B 14 -11.26 49.09 16.92
CA ARG B 14 -10.00 49.77 17.17
C ARG B 14 -9.48 49.54 18.59
N LEU B 15 -10.40 49.53 19.56
CA LEU B 15 -10.03 49.18 20.92
C LEU B 15 -9.41 47.81 21.07
N LYS B 16 -10.07 46.81 20.46
CA LYS B 16 -9.60 45.44 20.50
C LYS B 16 -8.22 45.41 19.88
N ARG B 17 -8.09 46.04 18.71
CA ARG B 17 -6.82 46.06 17.99
C ARG B 17 -5.80 46.67 18.94
N GLY B 18 -6.32 47.62 19.70
CA GLY B 18 -5.60 48.33 20.71
C GLY B 18 -4.79 47.49 21.63
N PHE B 19 -5.50 46.59 22.29
CA PHE B 19 -4.89 45.71 23.25
C PHE B 19 -3.71 44.97 22.64
N ALA B 20 -3.87 44.52 21.39
CA ALA B 20 -2.84 43.75 20.72
C ALA B 20 -1.50 44.50 20.72
N LYS B 21 -1.57 45.84 20.57
CA LYS B 21 -0.36 46.65 20.44
C LYS B 21 0.48 46.65 21.71
N MET B 22 -0.16 46.49 22.86
CA MET B 22 0.55 46.29 24.13
C MET B 22 1.58 45.17 24.12
N VAL B 23 1.28 44.12 23.38
CA VAL B 23 2.08 42.91 23.42
C VAL B 23 3.20 42.90 22.35
N LYS B 24 3.09 43.85 21.42
CA LYS B 24 4.02 44.05 20.32
C LYS B 24 5.48 44.20 20.75
N GLY B 25 6.40 43.61 19.97
CA GLY B 25 7.83 43.63 20.25
C GLY B 25 8.37 42.53 21.19
N GLY B 26 7.50 41.79 21.85
CA GLY B 26 7.90 40.75 22.78
C GLY B 26 7.62 39.29 22.42
N VAL B 27 7.73 38.43 23.43
CA VAL B 27 7.50 37.01 23.25
C VAL B 27 6.31 36.55 24.09
N ILE B 28 5.41 35.76 23.48
CA ILE B 28 4.30 35.20 24.24
C ILE B 28 4.55 33.74 24.40
N MET B 29 4.41 33.22 25.61
CA MET B 29 4.86 31.85 25.88
C MET B 29 3.74 30.90 26.31
N ASP B 30 3.64 29.77 25.62
CA ASP B 30 2.67 28.77 26.01
C ASP B 30 3.09 28.23 27.35
N VAL B 31 2.09 28.06 28.22
CA VAL B 31 2.27 27.66 29.60
C VAL B 31 1.14 26.73 30.02
N THR B 32 1.48 25.59 30.61
CA THR B 32 0.45 24.66 31.06
C THR B 32 0.07 24.68 32.54
N ASN B 33 0.86 25.40 33.34
CA ASN B 33 0.66 25.42 34.80
C ASN B 33 1.27 26.66 35.47
N ALA B 34 1.02 26.77 36.77
CA ALA B 34 1.48 27.89 37.57
C ALA B 34 3.00 28.12 37.46
N GLU B 35 3.78 27.03 37.58
CA GLU B 35 5.23 27.16 37.53
C GLU B 35 5.71 27.74 36.23
N GLN B 36 5.25 27.18 35.12
CA GLN B 36 5.65 27.64 33.80
C GLN B 36 5.19 29.08 33.57
N ALA B 37 4.02 29.42 34.08
CA ALA B 37 3.58 30.80 34.03
C ALA B 37 4.64 31.69 34.67
N ARG B 38 5.10 31.28 35.86
CA ARG B 38 6.11 32.06 36.58
C ARG B 38 7.43 32.19 35.83
N ILE B 39 7.96 31.05 35.41
CA ILE B 39 9.23 31.03 34.69
C ILE B 39 9.13 31.95 33.48
N ALA B 40 7.98 31.89 32.81
CA ALA B 40 7.72 32.71 31.64
C ALA B 40 7.78 34.19 31.96
N GLU B 41 7.04 34.60 33.01
CA GLU B 41 7.00 36.02 33.38
C GLU B 41 8.39 36.52 33.73
N GLU B 42 9.03 35.74 34.61
CA GLU B 42 10.37 36.00 35.11
C GLU B 42 11.35 36.17 33.98
N ALA B 43 11.12 35.44 32.89
CA ALA B 43 12.05 35.49 31.77
C ALA B 43 11.75 36.63 30.79
N GLY B 44 10.74 37.44 31.07
CA GLY B 44 10.52 38.60 30.22
C GLY B 44 9.50 38.37 29.12
N ALA B 45 8.64 37.40 29.37
CA ALA B 45 7.50 37.17 28.49
C ALA B 45 6.56 38.34 28.63
N VAL B 46 6.13 38.93 27.52
CA VAL B 46 5.12 39.97 27.60
C VAL B 46 3.74 39.40 28.01
N ALA B 47 3.51 38.13 27.67
CA ALA B 47 2.27 37.46 28.04
C ALA B 47 2.39 35.94 27.98
N VAL B 48 1.50 35.25 28.69
CA VAL B 48 1.50 33.82 28.58
C VAL B 48 0.25 33.32 27.83
N MET B 49 0.37 32.14 27.23
CA MET B 49 -0.73 31.47 26.55
C MET B 49 -1.06 30.17 27.30
N ALA B 50 -2.23 30.15 27.94
CA ALA B 50 -2.66 28.99 28.69
C ALA B 50 -3.33 27.90 27.82
N LEU B 51 -2.82 26.68 28.01
CA LEU B 51 -3.37 25.51 27.36
C LEU B 51 -3.06 24.29 28.19
N HIS B 52 -3.76 23.21 27.88
CA HIS B 52 -3.63 21.95 28.61
C HIS B 52 -2.27 21.29 28.41
N LYS B 53 -1.82 21.22 27.15
CA LYS B 53 -0.52 20.66 26.84
C LYS B 53 0.13 21.51 25.76
N VAL B 54 1.47 21.62 25.80
CA VAL B 54 2.19 22.30 24.72
C VAL B 54 2.04 21.51 23.43
N PRO B 55 2.05 22.21 22.30
CA PRO B 55 1.76 21.57 21.01
C PRO B 55 2.53 20.26 20.75
N ALA B 56 3.83 20.23 21.02
CA ALA B 56 4.63 19.02 20.87
C ALA B 56 3.96 17.85 21.59
N ASP B 57 3.53 18.09 22.82
CA ASP B 57 2.82 17.08 23.60
C ASP B 57 1.42 16.76 23.04
N ILE B 58 0.72 17.81 22.59
CA ILE B 58 -0.58 17.63 21.93
C ILE B 58 -0.46 16.56 20.86
N ARG B 59 0.57 16.72 20.03
CA ARG B 59 0.94 15.73 18.97
C ARG B 59 1.14 14.31 19.49
N LYS B 60 1.96 14.18 20.52
CA LYS B 60 2.26 12.87 21.11
C LYS B 60 1.01 12.18 21.65
N ALA B 61 0.11 12.99 22.22
CA ALA B 61 -1.04 12.43 22.95
C ALA B 61 -2.16 11.95 22.03
N GLY B 62 -2.26 12.53 20.85
CA GLY B 62 -3.37 12.26 19.96
C GLY B 62 -4.68 12.63 20.63
N GLY B 63 -5.76 11.98 20.20
CA GLY B 63 -7.06 12.27 20.80
C GLY B 63 -7.54 13.70 20.56
N VAL B 64 -8.57 14.10 21.30
CA VAL B 64 -9.17 15.42 21.10
C VAL B 64 -8.55 16.48 22.04
N ALA B 65 -8.05 17.57 21.45
CA ALA B 65 -7.43 18.64 22.23
C ALA B 65 -8.43 19.76 22.32
N ARG B 66 -8.84 20.08 23.56
CA ARG B 66 -9.83 21.13 23.82
C ARG B 66 -9.20 22.25 24.67
N MET B 67 -9.77 23.45 24.70
CA MET B 67 -9.94 24.19 25.98
C MET B 67 -9.27 23.75 27.26
N ALA B 68 -8.21 24.38 27.73
CA ALA B 68 -7.69 24.00 29.05
C ALA B 68 -8.79 23.94 30.15
N PRO B 69 -8.62 23.10 31.18
CA PRO B 69 -9.56 23.08 32.30
C PRO B 69 -9.65 24.47 32.95
N VAL B 70 -10.85 24.89 33.39
CA VAL B 70 -10.98 26.22 33.96
C VAL B 70 -10.06 26.43 35.15
N GLU B 71 -10.00 25.47 36.07
CA GLU B 71 -9.06 25.50 37.19
C GLU B 71 -7.63 25.89 36.78
N LYS B 72 -7.16 25.29 35.68
CA LYS B 72 -5.80 25.52 35.22
C LYS B 72 -5.62 26.95 34.72
N ILE B 73 -6.61 27.44 33.99
CA ILE B 73 -6.51 28.79 33.48
C ILE B 73 -6.49 29.75 34.68
N GLN B 74 -7.38 29.50 35.65
CA GLN B 74 -7.50 30.32 36.87
C GLN B 74 -6.13 30.38 37.52
N GLU B 75 -5.62 29.21 37.87
CA GLU B 75 -4.31 29.03 38.50
C GLU B 75 -3.20 29.83 37.79
N ILE B 76 -3.24 29.82 36.46
CA ILE B 76 -2.27 30.59 35.69
C ILE B 76 -2.51 32.09 35.83
N MET B 77 -3.77 32.54 35.79
CA MET B 77 -4.05 33.98 35.88
C MET B 77 -3.64 34.55 37.25
N ASP B 78 -3.70 33.68 38.25
CA ASP B 78 -3.27 34.02 39.59
C ASP B 78 -1.75 34.10 39.64
N ALA B 79 -1.08 33.16 39.00
CA ALA B 79 0.39 33.09 39.09
C ALA B 79 1.17 34.28 38.50
N VAL B 80 0.54 35.04 37.61
CA VAL B 80 1.26 36.13 36.93
C VAL B 80 0.50 37.43 36.72
N THR B 81 1.30 38.49 36.62
CA THR B 81 0.84 39.86 36.42
C THR B 81 0.61 40.22 34.95
N ILE B 82 1.37 39.61 34.06
CA ILE B 82 1.29 39.93 32.63
C ILE B 82 -0.03 39.39 32.06
N PRO B 83 -0.42 39.85 30.84
CA PRO B 83 -1.66 39.28 30.26
C PRO B 83 -1.63 37.74 30.08
N VAL B 84 -2.76 37.13 30.45
CA VAL B 84 -3.00 35.71 30.20
C VAL B 84 -3.94 35.54 29.01
N MET B 85 -3.50 34.74 28.05
CA MET B 85 -4.30 34.44 26.87
C MET B 85 -4.62 32.98 27.02
N ALA B 86 -5.68 32.53 26.37
CA ALA B 86 -5.99 31.10 26.41
C ALA B 86 -6.47 30.59 25.07
N LYS B 87 -6.28 29.29 24.87
CA LYS B 87 -6.70 28.69 23.59
C LYS B 87 -8.12 28.10 23.58
N CYS B 88 -8.84 28.24 22.47
CA CYS B 88 -10.07 27.48 22.26
C CYS B 88 -10.10 26.84 20.86
N ARG B 89 -10.91 25.79 20.75
CA ARG B 89 -11.13 25.05 19.50
C ARG B 89 -11.78 25.93 18.43
N ILE B 90 -11.32 25.78 17.19
CA ILE B 90 -11.85 26.57 16.10
C ILE B 90 -13.36 26.47 16.02
N GLY B 91 -14.03 27.61 15.96
CA GLY B 91 -15.47 27.61 15.80
C GLY B 91 -16.22 27.28 17.08
N HIS B 92 -15.51 27.02 18.17
CA HIS B 92 -16.21 26.61 19.37
C HIS B 92 -16.55 27.84 20.18
N GLU B 93 -17.78 28.27 20.04
CA GLU B 93 -18.22 29.56 20.54
C GLU B 93 -18.37 29.53 22.07
N ALA B 94 -18.85 28.40 22.60
CA ALA B 94 -19.10 28.22 24.01
C ALA B 94 -17.80 28.26 24.79
N GLU B 95 -16.82 27.50 24.31
CA GLU B 95 -15.49 27.57 24.92
C GLU B 95 -14.98 29.02 24.99
N ALA B 96 -15.10 29.75 23.88
CA ALA B 96 -14.68 31.13 23.84
C ALA B 96 -15.44 31.97 24.87
N ARG B 97 -16.75 31.77 24.98
CA ARG B 97 -17.50 32.62 25.91
C ARG B 97 -17.17 32.31 27.36
N ILE B 98 -16.85 31.07 27.63
CA ILE B 98 -16.36 30.72 28.94
C ILE B 98 -15.00 31.35 29.18
N LEU B 99 -14.18 31.42 28.15
CA LEU B 99 -12.84 31.95 28.33
C LEU B 99 -12.98 33.42 28.65
N GLU B 100 -13.86 34.08 27.92
CA GLU B 100 -14.10 35.51 28.07
C GLU B 100 -14.66 35.82 29.45
N ALA B 101 -15.72 35.12 29.82
CA ALA B 101 -16.27 35.20 31.18
C ALA B 101 -15.23 34.96 32.29
N LEU B 102 -14.28 34.09 32.07
CA LEU B 102 -13.23 33.81 33.02
C LEU B 102 -12.28 35.00 33.13
N GLY B 103 -12.40 35.93 32.17
CA GLY B 103 -11.59 37.14 32.16
C GLY B 103 -10.19 37.02 31.58
N VAL B 104 -9.99 36.13 30.62
CA VAL B 104 -8.73 36.10 29.92
C VAL B 104 -8.59 37.40 29.09
N ASP B 105 -7.35 37.81 28.87
CA ASP B 105 -7.06 39.05 28.15
C ASP B 105 -7.22 38.87 26.65
N MET B 106 -6.91 37.66 26.17
CA MET B 106 -7.06 37.35 24.74
C MET B 106 -7.42 35.91 24.54
N ILE B 107 -8.26 35.65 23.54
CA ILE B 107 -8.58 34.28 23.17
C ILE B 107 -7.94 33.94 21.84
N ASP B 108 -7.31 32.77 21.80
CA ASP B 108 -6.71 32.27 20.58
C ASP B 108 -7.59 31.17 19.95
N GLU B 109 -8.07 31.41 18.73
CA GLU B 109 -8.87 30.40 18.08
C GLU B 109 -7.82 29.58 17.35
N SER B 110 -7.53 28.42 17.91
CA SER B 110 -6.27 27.78 17.57
C SER B 110 -6.42 26.52 16.74
N GLU B 111 -5.60 26.48 15.68
CA GLU B 111 -5.57 25.33 14.80
C GLU B 111 -4.79 24.19 15.43
N VAL B 112 -4.18 24.41 16.59
CA VAL B 112 -3.55 23.27 17.28
C VAL B 112 -4.53 22.45 18.13
N LEU B 113 -5.64 23.03 18.52
CA LEU B 113 -6.69 22.25 19.16
C LEU B 113 -7.57 21.59 18.10
N THR B 114 -8.25 20.50 18.45
CA THR B 114 -9.11 19.83 17.47
C THR B 114 -10.30 20.68 17.09
N PRO B 115 -10.40 21.08 15.81
CA PRO B 115 -11.47 22.00 15.39
C PRO B 115 -12.87 21.52 15.76
N ALA B 116 -13.71 22.45 16.21
CA ALA B 116 -15.09 22.14 16.57
C ALA B 116 -16.09 22.23 15.41
N ASP B 117 -15.81 23.14 14.50
CA ASP B 117 -16.71 23.44 13.39
C ASP B 117 -16.00 23.22 12.03
N PRO B 118 -16.45 22.26 11.21
CA PRO B 118 -15.79 22.03 9.93
C PRO B 118 -16.06 23.15 8.92
N PHE B 119 -17.05 23.96 9.17
CA PHE B 119 -17.43 25.01 8.23
C PHE B 119 -16.94 26.42 8.54
N PHE B 120 -17.21 26.90 9.74
CA PHE B 120 -17.00 28.30 10.07
C PHE B 120 -16.12 28.52 11.29
N HIS B 121 -15.37 29.62 11.29
CA HIS B 121 -14.81 30.15 12.55
C HIS B 121 -15.81 30.90 13.45
N ILE B 122 -15.43 31.09 14.71
CA ILE B 122 -16.22 31.90 15.64
C ILE B 122 -16.42 33.30 15.07
N TYR B 123 -17.60 33.89 15.25
CA TYR B 123 -17.74 35.24 14.74
C TYR B 123 -17.29 36.14 15.87
N LYS B 124 -16.10 36.69 15.67
CA LYS B 124 -15.34 37.26 16.76
C LYS B 124 -15.84 38.66 17.13
N LYS B 125 -16.37 39.37 16.12
CA LYS B 125 -16.91 40.71 16.31
C LYS B 125 -17.96 40.81 17.44
N LYS B 126 -18.70 39.72 17.68
CA LYS B 126 -19.74 39.70 18.71
C LYS B 126 -19.18 39.60 20.12
N PHE B 127 -17.89 39.36 20.25
CA PHE B 127 -17.25 39.16 21.55
C PHE B 127 -16.68 40.46 22.09
N THR B 128 -16.66 40.62 23.41
CA THR B 128 -15.89 41.74 23.96
C THR B 128 -14.39 41.44 23.98
N ALA B 129 -14.03 40.22 24.38
CA ALA B 129 -12.62 39.81 24.38
C ALA B 129 -12.03 39.83 22.95
N PRO B 130 -10.78 40.25 22.81
CA PRO B 130 -10.09 40.31 21.53
C PRO B 130 -9.53 38.93 21.12
N PHE B 131 -9.51 38.64 19.83
CA PHE B 131 -9.08 37.31 19.40
C PHE B 131 -7.76 37.33 18.64
N VAL B 132 -6.93 36.33 18.85
CA VAL B 132 -5.80 36.08 17.94
C VAL B 132 -6.06 34.82 17.15
N CYS B 133 -5.77 34.89 15.85
CA CYS B 133 -6.02 33.75 14.99
C CYS B 133 -4.81 33.41 14.14
N GLY B 134 -4.72 32.16 13.69
CA GLY B 134 -3.62 31.77 12.84
C GLY B 134 -3.95 32.02 11.37
N ALA B 135 -2.92 32.20 10.54
CA ALA B 135 -3.11 32.25 9.08
C ALA B 135 -1.91 31.67 8.36
N ARG B 136 -2.14 30.82 7.35
CA ARG B 136 -0.98 30.34 6.59
C ARG B 136 -0.75 31.10 5.30
N ASN B 137 -1.65 32.02 4.97
CA ASN B 137 -1.43 32.95 3.84
C ASN B 137 -2.36 34.14 3.96
N LEU B 138 -2.29 35.05 2.98
CA LEU B 138 -3.03 36.29 3.13
C LEU B 138 -4.55 36.13 3.11
N GLY B 139 -5.06 35.26 2.23
CA GLY B 139 -6.48 34.98 2.20
C GLY B 139 -7.00 34.60 3.59
N GLU B 140 -6.32 33.65 4.20
CA GLU B 140 -6.62 33.24 5.56
C GLU B 140 -6.63 34.41 6.55
N ALA B 141 -5.58 35.24 6.48
CA ALA B 141 -5.40 36.33 7.44
C ALA B 141 -6.53 37.34 7.34
N VAL B 142 -6.85 37.69 6.10
CA VAL B 142 -7.90 38.62 5.79
C VAL B 142 -9.25 38.10 6.26
N ARG B 143 -9.55 36.84 5.96
CA ARG B 143 -10.81 36.25 6.45
C ARG B 143 -10.87 36.31 7.97
N ARG B 144 -9.81 35.86 8.62
CA ARG B 144 -9.75 35.88 10.08
C ARG B 144 -9.95 37.29 10.66
N ILE B 145 -9.37 38.28 9.98
CA ILE B 145 -9.53 39.67 10.38
C ILE B 145 -11.00 40.06 10.25
N TRP B 146 -11.56 39.83 9.07
CA TRP B 146 -12.94 40.15 8.80
C TRP B 146 -13.90 39.55 9.83
N GLU B 147 -13.59 38.35 10.31
CA GLU B 147 -14.40 37.75 11.35
C GLU B 147 -14.16 38.44 12.68
N GLY B 148 -13.20 39.35 12.70
CA GLY B 148 -12.98 40.17 13.87
C GLY B 148 -11.75 39.89 14.71
N ALA B 149 -10.82 39.11 14.17
CA ALA B 149 -9.54 38.89 14.84
C ALA B 149 -8.81 40.23 15.03
N ALA B 150 -8.35 40.48 16.26
CA ALA B 150 -7.63 41.71 16.62
C ALA B 150 -6.14 41.58 16.38
N MET B 151 -5.70 40.33 16.23
CA MET B 151 -4.29 40.02 16.03
C MET B 151 -4.13 38.71 15.24
N ILE B 152 -3.16 38.67 14.33
CA ILE B 152 -2.98 37.39 13.67
C ILE B 152 -1.54 36.90 13.76
N ARG B 153 -1.38 35.59 13.84
CA ARG B 153 -0.07 34.96 13.81
C ARG B 153 0.03 33.97 12.67
N THR B 154 1.24 33.56 12.30
CA THR B 154 1.38 32.46 11.39
C THR B 154 1.09 31.16 12.12
N LYS B 155 0.62 30.18 11.36
CA LYS B 155 0.29 28.89 11.94
C LYS B 155 1.57 28.12 12.17
N GLY B 156 2.42 28.13 11.14
CA GLY B 156 3.64 27.33 11.08
C GLY B 156 3.27 25.86 11.21
N GLU B 157 4.17 25.04 11.74
CA GLU B 157 3.75 23.68 12.09
C GLU B 157 4.01 23.53 13.58
N ALA B 158 2.96 23.54 14.39
CA ALA B 158 3.16 23.70 15.84
C ALA B 158 3.72 22.44 16.45
N GLY B 159 4.65 22.58 17.37
CA GLY B 159 5.20 21.44 18.09
C GLY B 159 6.28 20.64 17.36
N THR B 160 6.68 21.13 16.20
CA THR B 160 7.69 20.43 15.44
C THR B 160 9.09 20.95 15.67
N GLY B 161 9.24 22.10 16.32
CA GLY B 161 10.55 22.71 16.49
C GLY B 161 11.19 23.03 15.15
N ASN B 162 10.37 23.08 14.11
CA ASN B 162 10.87 23.35 12.78
C ASN B 162 10.32 24.67 12.23
N ILE B 163 11.21 25.61 12.04
CA ILE B 163 10.83 26.98 11.72
C ILE B 163 10.34 27.10 10.28
N ILE B 164 10.55 26.05 9.47
CA ILE B 164 10.28 26.15 8.02
C ILE B 164 8.85 26.62 7.69
N GLU B 165 7.86 26.04 8.38
CA GLU B 165 6.48 26.30 8.00
C GLU B 165 6.08 27.72 8.36
N ALA B 166 6.52 28.15 9.55
CA ALA B 166 6.41 29.57 9.91
C ALA B 166 7.00 30.48 8.81
N VAL B 167 8.21 30.17 8.36
CA VAL B 167 8.88 31.04 7.40
C VAL B 167 8.04 31.05 6.10
N ARG B 168 7.55 29.88 5.71
CA ARG B 168 6.76 29.77 4.49
C ARG B 168 5.54 30.70 4.60
N HIS B 169 4.89 30.64 5.77
CA HIS B 169 3.66 31.41 5.92
C HIS B 169 3.93 32.92 5.88
N VAL B 170 5.01 33.31 6.54
CA VAL B 170 5.39 34.71 6.49
C VAL B 170 5.64 35.13 5.05
N ARG B 171 6.43 34.36 4.31
CA ARG B 171 6.72 34.73 2.91
C ARG B 171 5.48 34.82 2.04
N LEU B 172 4.59 33.83 2.15
CA LEU B 172 3.34 33.81 1.39
C LEU B 172 2.56 35.07 1.70
N VAL B 173 2.43 35.40 2.99
CA VAL B 173 1.68 36.60 3.32
C VAL B 173 2.33 37.85 2.72
N ASN B 174 3.63 38.02 2.96
CA ASN B 174 4.33 39.21 2.51
C ASN B 174 4.28 39.38 0.97
N GLU B 175 4.67 38.34 0.25
CA GLU B 175 4.62 38.41 -1.19
C GLU B 175 3.21 38.70 -1.67
N ASN B 176 2.20 38.15 -1.00
CA ASN B 176 0.84 38.46 -1.44
C ASN B 176 0.47 39.93 -1.20
N ILE B 177 0.95 40.51 -0.10
CA ILE B 177 0.82 41.95 0.12
C ILE B 177 1.52 42.77 -1.00
N ARG B 178 2.78 42.45 -1.28
CA ARG B 178 3.48 43.17 -2.33
C ARG B 178 2.74 43.04 -3.66
N LEU B 179 2.18 41.88 -3.94
CA LEU B 179 1.40 41.69 -5.16
C LEU B 179 0.18 42.61 -5.19
N ILE B 180 -0.55 42.66 -4.06
CA ILE B 180 -1.66 43.61 -3.89
C ILE B 180 -1.25 45.05 -4.21
N GLN B 181 -0.15 45.52 -3.62
CA GLN B 181 0.37 46.87 -3.89
C GLN B 181 0.62 47.16 -5.39
N ARG B 182 0.94 46.14 -6.17
CA ARG B 182 1.17 46.33 -7.59
C ARG B 182 -0.10 46.20 -8.42
N MET B 183 -1.25 46.10 -7.77
CA MET B 183 -2.49 45.88 -8.53
C MET B 183 -3.41 47.09 -8.62
N THR B 184 -4.10 47.17 -9.76
CA THR B 184 -5.19 48.11 -9.94
C THR B 184 -6.32 47.75 -8.97
N ASP B 185 -7.14 48.71 -8.57
CA ASP B 185 -8.29 48.41 -7.71
C ASP B 185 -9.18 47.24 -8.20
N GLU B 186 -9.42 47.16 -9.50
CA GLU B 186 -10.28 46.12 -10.09
C GLU B 186 -9.69 44.72 -9.89
N GLU B 187 -8.40 44.63 -10.15
CA GLU B 187 -7.66 43.40 -9.96
C GLU B 187 -7.81 42.95 -8.50
N ILE B 188 -7.57 43.89 -7.60
CA ILE B 188 -7.69 43.61 -6.18
C ILE B 188 -9.06 43.04 -5.90
N TYR B 189 -10.07 43.57 -6.58
CA TYR B 189 -11.43 43.07 -6.37
C TYR B 189 -11.52 41.57 -6.68
N GLY B 190 -10.88 41.17 -7.77
CA GLY B 190 -10.83 39.76 -8.11
C GLY B 190 -10.26 38.91 -6.98
N VAL B 191 -9.10 39.34 -6.47
CA VAL B 191 -8.52 38.69 -5.31
C VAL B 191 -9.51 38.62 -4.15
N ALA B 192 -10.25 39.70 -3.89
CA ALA B 192 -11.26 39.67 -2.83
C ALA B 192 -12.29 38.56 -3.08
N GLU B 193 -12.72 38.40 -4.34
CA GLU B 193 -13.67 37.32 -4.68
C GLU B 193 -13.10 35.95 -4.29
N LYS B 194 -11.90 35.68 -4.81
CA LYS B 194 -11.20 34.45 -4.47
C LYS B 194 -11.06 34.23 -2.94
N PHE B 195 -10.74 35.28 -2.20
CA PHE B 195 -10.50 35.13 -0.77
C PHE B 195 -11.78 34.85 0.00
N ALA B 196 -12.92 35.21 -0.59
CA ALA B 196 -14.18 34.96 0.08
C ALA B 196 -14.78 33.60 -0.26
N GLU B 197 -14.24 32.93 -1.27
CA GLU B 197 -14.76 31.60 -1.62
C GLU B 197 -15.04 30.57 -0.48
N PRO B 198 -14.11 30.38 0.47
CA PRO B 198 -14.32 29.35 1.50
C PRO B 198 -15.66 29.39 2.23
N TYR B 199 -16.28 30.55 2.37
CA TYR B 199 -17.54 30.64 3.10
C TYR B 199 -18.67 29.83 2.41
N LEU B 200 -18.51 29.63 1.10
CA LEU B 200 -19.51 28.93 0.27
C LEU B 200 -19.56 27.43 0.51
N ARG B 201 -18.63 26.97 1.31
CA ARG B 201 -18.32 25.56 1.41
C ARG B 201 -19.57 24.90 2.03
N LEU B 202 -20.21 25.48 3.02
CA LEU B 202 -21.38 24.82 3.63
C LEU B 202 -22.62 24.96 2.81
N ALA B 203 -22.76 26.06 2.08
CA ALA B 203 -23.82 26.19 1.08
C ALA B 203 -23.75 25.10 0.03
N PHE B 204 -22.56 24.91 -0.56
CA PHE B 204 -22.41 24.00 -1.68
C PHE B 204 -22.62 22.56 -1.27
N SER B 205 -22.19 22.23 -0.04
CA SER B 205 -22.38 20.89 0.49
C SER B 205 -23.86 20.57 0.48
N VAL B 206 -24.62 21.56 0.90
CA VAL B 206 -26.06 21.41 0.99
C VAL B 206 -26.74 21.41 -0.37
N LYS B 207 -26.22 22.19 -1.32
CA LYS B 207 -26.76 22.14 -2.69
C LYS B 207 -26.58 20.73 -3.23
N GLU B 208 -25.40 20.16 -3.01
CA GLU B 208 -25.14 18.84 -3.50
C GLU B 208 -26.14 17.85 -2.87
N ILE B 209 -26.35 17.96 -1.56
CA ILE B 209 -27.28 17.07 -0.86
C ILE B 209 -28.70 17.20 -1.39
N SER B 210 -29.01 18.41 -1.83
CA SER B 210 -30.34 18.73 -2.35
C SER B 210 -30.47 18.48 -3.85
N GLY B 211 -29.41 17.98 -4.48
CA GLY B 211 -29.48 17.67 -5.89
C GLY B 211 -29.59 18.91 -6.78
N LEU B 212 -29.19 20.04 -6.25
CA LEU B 212 -28.99 21.26 -7.02
C LEU B 212 -27.55 21.44 -7.44
N PRO B 213 -27.29 22.27 -8.48
CA PRO B 213 -25.92 22.60 -8.89
C PRO B 213 -25.20 23.53 -7.89
N LYS B 214 -23.86 23.48 -7.83
CA LYS B 214 -23.23 24.27 -6.78
C LYS B 214 -22.95 25.62 -7.36
N ARG B 215 -23.80 26.57 -7.01
CA ARG B 215 -23.72 27.89 -7.62
C ARG B 215 -23.87 28.88 -6.52
N VAL B 216 -23.31 30.05 -6.75
CA VAL B 216 -23.49 31.11 -5.78
C VAL B 216 -24.73 31.90 -6.18
N LEU B 217 -25.70 31.99 -5.27
CA LEU B 217 -26.90 32.77 -5.50
C LEU B 217 -26.75 34.13 -4.82
N GLU B 218 -27.18 35.18 -5.53
CA GLU B 218 -26.82 36.55 -5.16
C GLU B 218 -27.39 37.06 -3.84
N ASN B 219 -28.62 36.68 -3.52
CA ASN B 219 -29.24 37.15 -2.30
C ASN B 219 -29.18 36.17 -1.13
N GLU B 220 -28.46 35.06 -1.35
CA GLU B 220 -28.37 33.97 -0.38
C GLU B 220 -27.39 34.28 0.76
N PRO B 221 -27.88 34.29 2.01
CA PRO B 221 -27.11 34.46 3.26
C PRO B 221 -26.23 33.28 3.66
N ILE B 222 -24.93 33.38 3.39
CA ILE B 222 -23.92 32.36 3.69
C ILE B 222 -23.53 32.23 5.18
N TYR B 223 -23.09 33.34 5.76
CA TYR B 223 -22.45 33.32 7.08
C TYR B 223 -22.85 34.55 7.89
N GLU B 224 -23.30 34.30 9.12
CA GLU B 224 -23.67 35.35 10.07
C GLU B 224 -24.49 36.48 9.44
N GLY B 225 -25.41 36.10 8.55
CA GLY B 225 -26.28 37.07 7.90
C GLY B 225 -25.76 37.62 6.58
N PHE B 226 -24.45 37.52 6.36
CA PHE B 226 -23.88 38.10 5.16
C PHE B 226 -24.05 37.28 3.87
N THR B 227 -24.36 37.98 2.78
CA THR B 227 -24.40 37.41 1.44
C THR B 227 -22.95 37.20 0.95
N TYR B 228 -22.73 36.33 -0.03
CA TYR B 228 -21.34 36.11 -0.48
C TYR B 228 -20.77 37.41 -0.97
N ARG B 229 -21.56 38.12 -1.80
CA ARG B 229 -21.13 39.38 -2.38
C ARG B 229 -20.78 40.39 -1.29
N GLU B 230 -21.60 40.44 -0.24
CA GLU B 230 -21.35 41.32 0.90
C GLU B 230 -19.97 41.05 1.51
N ILE B 231 -19.67 39.77 1.72
CA ILE B 231 -18.35 39.38 2.23
C ILE B 231 -17.23 39.82 1.27
N VAL B 232 -17.50 39.65 -0.03
CA VAL B 232 -16.48 39.94 -1.00
C VAL B 232 -16.17 41.46 -0.87
N GLU B 233 -17.22 42.27 -0.66
CA GLU B 233 -17.09 43.74 -0.49
C GLU B 233 -16.25 44.12 0.73
N ASP B 234 -16.66 43.62 1.89
CA ASP B 234 -15.93 43.92 3.12
C ASP B 234 -14.44 43.52 3.01
N ILE B 235 -14.21 42.32 2.46
CA ILE B 235 -12.86 41.81 2.27
C ILE B 235 -12.06 42.75 1.37
N TYR B 236 -12.66 43.10 0.24
CA TYR B 236 -12.10 44.07 -0.69
C TYR B 236 -11.65 45.36 0.06
N LYS B 237 -12.52 45.89 0.90
CA LYS B 237 -12.16 47.05 1.72
C LYS B 237 -10.87 46.77 2.47
N ILE B 238 -10.84 45.61 3.15
CA ILE B 238 -9.68 45.30 4.00
C ILE B 238 -8.41 45.18 3.14
N LEU B 239 -8.56 44.64 1.93
CA LEU B 239 -7.44 44.49 1.01
C LEU B 239 -6.88 45.83 0.63
N LEU B 240 -7.78 46.77 0.34
CA LEU B 240 -7.38 48.15 0.02
C LEU B 240 -6.59 48.80 1.16
N GLU B 241 -7.14 48.65 2.38
CA GLU B 241 -6.43 49.13 3.56
C GLU B 241 -5.03 48.57 3.65
N ILE B 242 -4.91 47.28 3.36
CA ILE B 242 -3.61 46.62 3.30
C ILE B 242 -2.69 47.23 2.24
N LYS B 243 -3.21 47.42 1.03
CA LYS B 243 -2.46 48.05 -0.04
C LYS B 243 -1.85 49.38 0.42
N LYS B 244 -2.66 50.23 1.06
CA LYS B 244 -2.15 51.48 1.62
C LYS B 244 -1.06 51.21 2.66
N LEU B 245 -1.42 50.43 3.68
CA LEU B 245 -0.57 50.19 4.83
C LEU B 245 0.77 49.45 4.56
N GLY B 246 0.83 48.65 3.49
CA GLY B 246 1.99 47.82 3.21
C GLY B 246 2.14 46.60 4.11
N ARG B 247 1.22 46.46 5.05
CA ARG B 247 1.20 45.36 6.01
C ARG B 247 -0.21 45.05 6.48
N LEU B 248 -0.31 44.23 7.50
CA LEU B 248 -1.63 43.88 8.00
C LEU B 248 -2.06 44.95 8.97
N PRO B 249 -3.36 45.29 8.95
CA PRO B 249 -4.04 46.26 9.81
C PRO B 249 -3.96 45.91 11.27
N VAL B 250 -3.42 44.75 11.59
CA VAL B 250 -3.46 44.28 12.96
C VAL B 250 -2.05 43.83 13.35
N VAL B 251 -1.79 43.70 14.65
CA VAL B 251 -0.50 43.18 15.12
C VAL B 251 -0.28 41.77 14.55
N ASN B 252 0.88 41.54 13.98
CA ASN B 252 1.18 40.31 13.27
C ASN B 252 2.39 39.57 13.85
N PHE B 253 2.16 38.43 14.49
CA PHE B 253 3.24 37.67 15.14
C PHE B 253 3.64 36.42 14.37
N ALA B 254 4.91 36.02 14.50
CA ALA B 254 5.35 34.71 14.05
C ALA B 254 5.09 33.63 15.09
N ALA B 255 4.69 32.45 14.61
CA ALA B 255 4.41 31.34 15.54
C ALA B 255 4.71 30.01 14.91
N GLY B 256 5.08 29.08 15.78
CA GLY B 256 5.22 27.66 15.53
C GLY B 256 6.59 27.19 15.09
N GLY B 257 7.06 26.22 15.86
CA GLY B 257 8.39 25.66 15.74
C GLY B 257 9.54 26.61 15.99
N VAL B 258 9.38 27.62 16.84
CA VAL B 258 10.55 28.43 17.16
C VAL B 258 11.27 27.67 18.25
N ALA B 259 12.46 27.17 17.91
CA ALA B 259 13.18 26.32 18.88
C ALA B 259 14.45 26.88 19.52
N THR B 260 14.96 27.98 18.94
CA THR B 260 16.24 28.57 19.36
C THR B 260 16.24 30.09 19.17
N PRO B 261 17.08 30.79 19.94
CA PRO B 261 17.20 32.24 19.82
C PRO B 261 17.31 32.67 18.37
N ALA B 262 18.10 31.95 17.58
CA ALA B 262 18.31 32.38 16.20
C ALA B 262 17.00 32.32 15.42
N ASP B 263 16.15 31.37 15.78
CA ASP B 263 14.88 31.24 15.12
C ASP B 263 14.09 32.51 15.31
N ALA B 264 13.90 32.87 16.57
CA ALA B 264 13.14 34.07 16.95
C ALA B 264 13.71 35.28 16.23
N ALA B 265 15.03 35.37 16.25
CA ALA B 265 15.69 36.49 15.59
C ALA B 265 15.29 36.56 14.13
N LEU B 266 15.34 35.41 13.45
CA LEU B 266 15.01 35.33 12.03
C LEU B 266 13.58 35.85 11.77
N MET B 267 12.63 35.40 12.57
CA MET B 267 11.26 35.88 12.40
C MET B 267 11.19 37.40 12.53
N MET B 268 11.77 37.93 13.61
CA MET B 268 11.78 39.39 13.80
C MET B 268 12.39 40.06 12.58
N ALA B 269 13.50 39.53 12.10
CA ALA B 269 14.20 40.09 10.96
C ALA B 269 13.37 40.05 9.68
N MET B 270 12.32 39.23 9.66
CA MET B 270 11.51 39.16 8.45
C MET B 270 10.35 40.10 8.54
N GLY B 271 10.29 40.85 9.65
CA GLY B 271 9.32 41.91 9.77
C GLY B 271 8.11 41.56 10.60
N MET B 272 8.24 40.48 11.37
CA MET B 272 7.18 40.15 12.31
C MET B 272 7.21 41.09 13.55
N ASP B 273 6.08 41.27 14.21
CA ASP B 273 5.99 42.17 15.37
C ASP B 273 6.39 41.49 16.65
N GLY B 274 6.53 40.18 16.63
CA GLY B 274 6.75 39.42 17.85
C GLY B 274 6.63 37.93 17.64
N VAL B 275 6.88 37.16 18.69
CA VAL B 275 7.02 35.72 18.55
C VAL B 275 6.23 34.96 19.59
N PHE B 276 5.53 33.92 19.14
CA PHE B 276 4.87 32.97 20.02
C PHE B 276 5.78 31.78 20.10
N VAL B 277 6.11 31.32 21.30
CA VAL B 277 6.77 30.03 21.41
C VAL B 277 6.18 29.21 22.55
N GLY B 278 5.56 28.09 22.24
CA GLY B 278 5.29 27.08 23.26
C GLY B 278 6.31 25.99 23.56
N SER B 279 6.57 25.19 22.53
CA SER B 279 7.22 23.91 22.76
C SER B 279 8.72 24.15 22.87
N GLY B 280 9.22 25.09 22.08
CA GLY B 280 10.64 25.40 22.06
C GLY B 280 11.26 25.58 23.43
N ILE B 281 10.51 26.22 24.33
CA ILE B 281 10.96 26.49 25.68
C ILE B 281 10.83 25.34 26.69
N PHE B 282 9.64 24.78 26.85
CA PHE B 282 9.48 23.78 27.90
C PHE B 282 9.80 22.35 27.51
N LYS B 283 10.02 22.11 26.21
CA LYS B 283 10.53 20.82 25.73
C LYS B 283 12.05 20.90 25.56
N SER B 284 12.59 22.07 25.90
CA SER B 284 14.02 22.30 25.98
C SER B 284 14.61 21.72 27.29
N SER B 285 15.92 21.46 27.30
CA SER B 285 16.56 20.96 28.53
C SER B 285 16.60 21.98 29.67
N ASN B 286 16.86 23.24 29.35
CA ASN B 286 16.91 24.29 30.37
C ASN B 286 15.88 25.39 30.11
N PRO B 287 14.60 25.11 30.43
CA PRO B 287 13.55 26.05 30.03
C PRO B 287 13.73 27.53 30.45
N PRO B 288 14.11 27.84 31.71
CA PRO B 288 14.23 29.27 32.02
C PRO B 288 15.34 29.96 31.20
N LYS B 289 16.43 29.22 30.99
CA LYS B 289 17.55 29.81 30.26
C LYS B 289 17.11 30.12 28.83
N MET B 290 16.46 29.13 28.20
CA MET B 290 15.99 29.22 26.83
C MET B 290 14.95 30.34 26.71
N ALA B 291 14.06 30.41 27.70
CA ALA B 291 13.04 31.46 27.73
C ALA B 291 13.68 32.85 27.69
N ARG B 292 14.49 33.13 28.70
CA ARG B 292 15.19 34.42 28.73
C ARG B 292 15.95 34.69 27.43
N ALA B 293 16.59 33.64 26.90
CA ALA B 293 17.41 33.75 25.70
C ALA B 293 16.59 34.20 24.49
N ILE B 294 15.42 33.61 24.33
CA ILE B 294 14.54 33.95 23.22
C ILE B 294 13.99 35.36 23.37
N VAL B 295 13.64 35.74 24.61
CA VAL B 295 13.23 37.12 24.88
C VAL B 295 14.32 38.11 24.46
N GLU B 296 15.54 37.87 24.92
CA GLU B 296 16.63 38.81 24.64
C GLU B 296 16.96 38.80 23.15
N ALA B 297 16.76 37.65 22.52
CA ALA B 297 16.96 37.52 21.09
C ALA B 297 15.98 38.43 20.33
N VAL B 298 14.73 38.43 20.77
CA VAL B 298 13.71 39.25 20.12
C VAL B 298 13.97 40.75 20.35
N ASN B 299 14.51 41.09 21.52
CA ASN B 299 14.86 42.48 21.81
C ASN B 299 16.09 42.94 21.03
N HIS B 300 17.07 42.04 20.88
CA HIS B 300 18.31 42.29 20.16
C HIS B 300 18.52 41.74 18.74
N TRP B 301 17.42 41.35 18.10
CA TRP B 301 17.49 40.62 16.84
C TRP B 301 18.34 41.18 15.70
N ASP B 302 18.54 42.50 15.67
CA ASP B 302 19.38 43.12 14.64
C ASP B 302 20.87 43.25 15.04
N GLU B 303 21.22 42.65 16.18
CA GLU B 303 22.58 42.73 16.73
C GLU B 303 23.26 41.35 16.85
N PRO B 304 23.88 40.88 15.76
CA PRO B 304 24.48 39.55 15.68
C PRO B 304 25.43 39.23 16.82
N ASP B 305 26.18 40.23 17.27
CA ASP B 305 27.15 40.01 18.35
C ASP B 305 26.42 39.62 19.61
N VAL B 306 25.31 40.33 19.85
CA VAL B 306 24.48 40.04 21.00
C VAL B 306 23.80 38.67 20.88
N LEU B 307 23.24 38.38 19.70
CA LEU B 307 22.58 37.08 19.44
C LEU B 307 23.54 35.97 19.79
N ALA B 308 24.77 36.14 19.31
CA ALA B 308 25.84 35.20 19.52
C ALA B 308 26.14 34.97 20.99
N GLU B 309 26.25 36.07 21.75
CA GLU B 309 26.50 35.88 23.18
C GLU B 309 25.29 35.24 23.90
N ILE B 310 24.10 35.64 23.46
CA ILE B 310 22.84 35.21 24.04
C ILE B 310 22.66 33.70 24.01
N SER B 311 23.14 33.05 22.94
CA SER B 311 22.93 31.62 22.92
C SER B 311 24.20 30.85 23.22
N ARG B 312 24.72 31.08 24.43
CA ARG B 312 25.90 30.34 24.87
C ARG B 312 25.64 29.22 25.88
N GLU B 313 24.50 29.19 26.52
CA GLU B 313 24.15 27.94 27.21
C GLU B 313 22.72 27.57 27.11
N ILE B 314 22.47 26.43 26.45
CA ILE B 314 21.22 25.67 26.55
C ILE B 314 21.36 24.44 25.64
N GLY B 315 20.56 23.39 25.87
CA GLY B 315 20.41 22.47 24.75
C GLY B 315 19.17 21.62 24.68
N GLU B 316 18.51 21.58 23.52
CA GLU B 316 17.06 21.34 23.54
C GLU B 316 16.45 20.28 22.59
N PRO B 317 15.82 19.25 23.20
CA PRO B 317 15.21 18.15 22.47
C PRO B 317 14.33 18.76 21.37
N MET B 318 14.51 18.28 20.16
CA MET B 318 13.69 18.79 19.12
C MET B 318 13.34 17.71 18.15
N ARG B 319 12.07 17.33 18.14
CA ARG B 319 11.69 16.27 17.25
C ARG B 319 10.50 16.64 16.41
N GLY B 320 10.79 16.90 15.16
CA GLY B 320 10.13 16.24 14.03
C GLY B 320 10.60 16.88 12.76
N GLN B 321 10.60 16.07 11.71
CA GLN B 321 11.10 16.42 10.41
C GLN B 321 9.91 16.55 9.49
N ALA B 322 10.18 16.92 8.25
CA ALA B 322 9.23 16.87 7.14
C ALA B 322 8.50 15.55 7.12
N ILE B 323 9.27 14.47 6.92
CA ILE B 323 8.77 13.10 6.95
C ILE B 323 8.15 12.71 8.29
N GLU B 324 6.91 12.25 8.22
CA GLU B 324 6.13 11.78 9.37
C GLU B 324 5.82 12.81 10.45
N GLU B 325 5.37 14.01 10.04
CA GLU B 325 4.77 14.92 11.02
C GLU B 325 3.42 14.32 11.50
N LEU B 326 2.80 13.47 10.66
CA LEU B 326 1.64 12.63 11.02
C LEU B 326 0.31 13.36 11.34
N GLN B 327 0.40 14.67 11.52
CA GLN B 327 -0.74 15.55 11.84
C GLN B 327 -0.96 16.77 10.95
N VAL B 328 0.12 17.38 10.45
CA VAL B 328 0.07 18.57 9.57
C VAL B 328 -0.98 19.63 9.98
N ARG B 329 -0.67 20.34 11.07
CA ARG B 329 -1.68 21.12 11.80
C ARG B 329 -1.97 22.49 11.16
N MET B 330 -1.42 22.77 9.97
CA MET B 330 -1.80 24.04 9.39
C MET B 330 -2.98 23.78 8.44
N GLU B 331 -4.15 23.58 9.04
CA GLU B 331 -5.44 23.58 8.36
C GLU B 331 -6.58 24.09 9.28
N GLU B 332 -7.21 25.18 8.84
CA GLU B 332 -8.42 25.76 9.40
C GLU B 332 -9.34 26.34 8.30
N ARG B 333 -8.80 27.33 7.58
CA ARG B 333 -9.44 28.04 6.47
C ARG B 333 -10.91 28.37 6.71
N MET C 1 27.92 55.77 1.24
CA MET C 1 28.72 56.36 0.17
C MET C 1 28.29 55.75 -1.18
N ASP C 2 28.72 56.38 -2.28
CA ASP C 2 28.37 55.95 -3.64
C ASP C 2 29.55 55.23 -4.35
N LYS C 3 30.50 55.97 -4.92
CA LYS C 3 31.54 55.36 -5.77
C LYS C 3 32.54 54.49 -4.99
N LEU C 4 32.83 54.90 -3.76
CA LEU C 4 33.73 54.17 -2.88
C LEU C 4 33.07 52.87 -2.47
N LYS C 5 31.85 53.01 -1.94
CA LYS C 5 31.03 51.85 -1.58
C LYS C 5 30.99 50.84 -2.73
N ILE C 6 30.78 51.34 -3.95
CA ILE C 6 30.75 50.54 -5.17
C ILE C 6 32.04 49.78 -5.29
N ILE C 7 33.15 50.50 -5.19
CA ILE C 7 34.47 49.89 -5.40
C ILE C 7 34.61 48.69 -4.43
N MET C 8 34.42 49.01 -3.15
CA MET C 8 34.46 48.06 -2.06
C MET C 8 33.62 46.82 -2.34
N GLU C 9 32.38 47.07 -2.76
CA GLU C 9 31.45 45.98 -3.02
C GLU C 9 31.80 45.10 -4.26
N LYS C 10 32.42 45.67 -5.30
CA LYS C 10 32.76 44.86 -6.46
C LYS C 10 33.93 43.89 -6.19
N GLY C 11 35.04 44.46 -5.74
CA GLY C 11 36.19 43.76 -5.19
C GLY C 11 35.96 42.86 -4.00
N THR C 12 34.88 43.07 -3.27
CA THR C 12 34.53 42.12 -2.21
C THR C 12 34.29 40.69 -2.70
N GLU C 13 33.54 40.52 -3.80
CA GLU C 13 33.33 39.18 -4.36
C GLU C 13 34.68 38.54 -4.56
N ARG C 14 35.59 39.24 -5.24
CA ARG C 14 36.89 38.64 -5.54
C ARG C 14 37.69 38.29 -4.29
N LEU C 15 37.55 39.11 -3.26
CA LEU C 15 38.18 38.79 -1.97
C LEU C 15 37.66 37.53 -1.33
N LYS C 16 36.34 37.44 -1.26
CA LYS C 16 35.65 36.26 -0.72
C LYS C 16 36.12 35.02 -1.47
N ARG C 17 35.97 35.07 -2.78
CA ARG C 17 36.46 34.04 -3.68
C ARG C 17 37.91 33.66 -3.37
N GLY C 18 38.71 34.70 -3.12
CA GLY C 18 40.11 34.54 -2.78
C GLY C 18 40.32 33.63 -1.58
N PHE C 19 39.54 33.85 -0.50
CA PHE C 19 39.69 32.99 0.70
C PHE C 19 39.58 31.51 0.34
N ALA C 20 38.60 31.20 -0.50
CA ALA C 20 38.35 29.84 -0.94
C ALA C 20 39.61 29.20 -1.52
N LYS C 21 40.41 29.99 -2.24
CA LYS C 21 41.60 29.46 -2.91
C LYS C 21 42.64 28.92 -1.92
N MET C 22 42.67 29.49 -0.73
CA MET C 22 43.57 29.00 0.32
C MET C 22 43.37 27.52 0.66
N VAL C 23 42.12 27.08 0.55
CA VAL C 23 41.75 25.75 1.00
C VAL C 23 41.90 24.69 -0.12
N LYS C 24 42.03 25.20 -1.35
CA LYS C 24 42.15 24.40 -2.58
C LYS C 24 43.26 23.33 -2.52
N GLY C 25 43.00 22.15 -3.09
CA GLY C 25 43.95 21.03 -3.08
C GLY C 25 43.93 20.09 -1.87
N GLY C 26 43.21 20.47 -0.82
CA GLY C 26 43.17 19.69 0.40
C GLY C 26 41.85 19.07 0.80
N VAL C 27 41.78 18.60 2.05
CA VAL C 27 40.58 17.96 2.58
C VAL C 27 39.97 18.81 3.70
N ILE C 28 38.66 19.01 3.66
CA ILE C 28 38.00 19.69 4.77
C ILE C 28 37.17 18.68 5.56
N MET C 29 37.32 18.66 6.88
CA MET C 29 36.76 17.54 7.63
C MET C 29 35.68 17.95 8.60
N ASP C 30 34.50 17.36 8.49
CA ASP C 30 33.48 17.63 9.50
C ASP C 30 33.95 17.16 10.86
N VAL C 31 33.67 17.99 11.86
CA VAL C 31 34.12 17.80 13.23
C VAL C 31 33.02 18.28 14.23
N THR C 32 32.69 17.43 15.19
CA THR C 32 31.68 17.80 16.16
C THR C 32 32.20 18.33 17.50
N ASN C 33 33.50 18.18 17.75
CA ASN C 33 34.08 18.52 19.06
C ASN C 33 35.57 18.83 19.01
N ALA C 34 36.09 19.35 20.11
CA ALA C 34 37.53 19.64 20.26
C ALA C 34 38.48 18.48 19.82
N GLU C 35 38.21 17.25 20.26
CA GLU C 35 39.11 16.14 19.91
C GLU C 35 39.18 15.95 18.42
N GLN C 36 38.01 15.84 17.79
CA GLN C 36 37.93 15.60 16.38
C GLN C 36 38.60 16.72 15.60
N ALA C 37 38.43 17.95 16.09
CA ALA C 37 39.10 19.08 15.47
C ALA C 37 40.61 18.81 15.45
N ARG C 38 41.12 18.38 16.60
CA ARG C 38 42.54 18.08 16.73
C ARG C 38 43.04 16.97 15.81
N ILE C 39 42.39 15.81 15.89
CA ILE C 39 42.68 14.70 14.99
C ILE C 39 42.70 15.13 13.53
N ALA C 40 41.69 15.92 13.15
CA ALA C 40 41.60 16.47 11.83
C ALA C 40 42.82 17.30 11.44
N GLU C 41 43.17 18.28 12.27
CA GLU C 41 44.29 19.18 11.97
C GLU C 41 45.59 18.41 11.88
N GLU C 42 45.79 17.55 12.88
CA GLU C 42 46.93 16.66 12.96
C GLU C 42 47.07 15.80 11.72
N ALA C 43 45.94 15.45 11.12
CA ALA C 43 45.97 14.55 9.99
C ALA C 43 46.17 15.28 8.65
N GLY C 44 46.27 16.60 8.68
CA GLY C 44 46.57 17.29 7.44
C GLY C 44 45.35 17.87 6.77
N ALA C 45 44.29 18.02 7.57
CA ALA C 45 43.11 18.73 7.10
C ALA C 45 43.45 20.21 6.86
N VAL C 46 43.08 20.76 5.71
CA VAL C 46 43.30 22.17 5.47
C VAL C 46 42.33 22.98 6.30
N ALA C 47 41.17 22.41 6.60
CA ALA C 47 40.19 23.09 7.45
C ALA C 47 39.17 22.14 8.07
N VAL C 48 38.53 22.57 9.15
CA VAL C 48 37.49 21.75 9.71
C VAL C 48 36.14 22.41 9.52
N MET C 49 35.10 21.57 9.48
CA MET C 49 33.72 22.00 9.36
C MET C 49 32.96 21.65 10.63
N ALA C 50 32.53 22.67 11.37
CA ALA C 50 31.93 22.42 12.67
C ALA C 50 30.43 22.22 12.54
N LEU C 51 29.95 21.14 13.16
CA LEU C 51 28.52 20.85 13.18
C LEU C 51 28.20 20.03 14.40
N HIS C 52 26.91 19.95 14.72
CA HIS C 52 26.45 19.24 15.90
C HIS C 52 26.69 17.73 15.81
N LYS C 53 26.28 17.14 14.67
CA LYS C 53 26.48 15.71 14.42
C LYS C 53 26.93 15.53 12.99
N VAL C 54 27.79 14.53 12.75
CA VAL C 54 28.16 14.18 11.38
C VAL C 54 26.93 13.67 10.62
N PRO C 55 26.88 13.94 9.32
CA PRO C 55 25.67 13.64 8.55
C PRO C 55 25.09 12.23 8.79
N ALA C 56 25.92 11.18 8.78
CA ALA C 56 25.45 9.82 9.06
C ALA C 56 24.58 9.79 10.34
N ASP C 57 25.07 10.47 11.37
CA ASP C 57 24.36 10.58 12.63
C ASP C 57 23.12 11.44 12.49
N ILE C 58 23.23 12.52 11.71
CA ILE C 58 22.08 13.40 11.47
C ILE C 58 20.91 12.55 10.98
N ARG C 59 21.20 11.69 10.00
CA ARG C 59 20.24 10.71 9.48
C ARG C 59 19.64 9.84 10.57
N LYS C 60 20.52 9.22 11.37
CA LYS C 60 20.03 8.31 12.41
C LYS C 60 19.10 8.99 13.40
N ALA C 61 19.40 10.25 13.70
CA ALA C 61 18.72 10.95 14.78
C ALA C 61 17.34 11.47 14.37
N GLY C 62 17.14 11.73 13.09
CA GLY C 62 15.92 12.36 12.65
C GLY C 62 15.75 13.71 13.33
N GLY C 63 14.51 14.20 13.36
CA GLY C 63 14.26 15.50 13.97
C GLY C 63 14.86 16.68 13.23
N VAL C 64 14.93 17.83 13.90
CA VAL C 64 15.41 19.03 13.22
C VAL C 64 16.90 19.24 13.42
N ALA C 65 17.64 19.40 12.33
CA ALA C 65 19.09 19.62 12.39
C ALA C 65 19.38 21.07 12.18
N ARG C 66 19.93 21.72 13.21
CA ARG C 66 20.23 23.14 13.14
C ARG C 66 21.72 23.40 13.25
N MET C 67 22.05 24.70 13.26
CA MET C 67 23.40 25.19 13.52
C MET C 67 23.90 24.56 14.82
N ALA C 68 25.21 24.30 14.88
CA ALA C 68 25.82 23.77 16.10
C ALA C 68 25.69 24.78 17.26
N PRO C 69 25.72 24.28 18.51
CA PRO C 69 25.68 25.18 19.67
C PRO C 69 26.88 26.11 19.62
N VAL C 70 26.69 27.37 20.02
CA VAL C 70 27.80 28.33 19.94
C VAL C 70 29.04 27.86 20.70
N GLU C 71 28.82 27.35 21.93
CA GLU C 71 29.86 26.77 22.76
C GLU C 71 30.74 25.77 22.01
N LYS C 72 30.08 24.90 21.24
CA LYS C 72 30.79 23.87 20.50
C LYS C 72 31.65 24.51 19.41
N ILE C 73 31.09 25.47 18.69
CA ILE C 73 31.84 26.11 17.62
C ILE C 73 33.05 26.80 18.21
N GLN C 74 32.83 27.56 19.28
CA GLN C 74 33.91 28.22 20.04
C GLN C 74 35.02 27.22 20.34
N GLU C 75 34.65 26.19 21.11
CA GLU C 75 35.56 25.13 21.55
C GLU C 75 36.39 24.58 20.37
N ILE C 76 35.75 24.45 19.22
CA ILE C 76 36.44 23.99 18.04
C ILE C 76 37.43 25.02 17.50
N MET C 77 37.02 26.29 17.45
CA MET C 77 37.89 27.33 16.92
C MET C 77 39.14 27.47 17.79
N ASP C 78 38.95 27.19 19.08
CA ASP C 78 40.04 27.21 20.05
C ASP C 78 40.99 26.02 19.83
N ALA C 79 40.42 24.85 19.59
CA ALA C 79 41.24 23.65 19.45
C ALA C 79 42.19 23.61 18.23
N VAL C 80 41.97 24.44 17.21
CA VAL C 80 42.82 24.37 16.01
C VAL C 80 43.20 25.69 15.36
N THR C 81 44.34 25.65 14.69
CA THR C 81 44.95 26.77 13.97
C THR C 81 44.41 26.98 12.55
N ILE C 82 44.00 25.89 11.90
CA ILE C 82 43.50 25.94 10.52
C ILE C 82 42.10 26.58 10.48
N PRO C 83 41.64 27.02 9.28
CA PRO C 83 40.30 27.63 9.24
C PRO C 83 39.18 26.74 9.80
N VAL C 84 38.31 27.33 10.61
CA VAL C 84 37.08 26.69 11.05
C VAL C 84 35.87 27.22 10.27
N MET C 85 35.11 26.29 9.69
CA MET C 85 33.92 26.61 8.93
C MET C 85 32.78 26.04 9.73
N ALA C 86 31.59 26.57 9.52
CA ALA C 86 30.45 26.01 10.23
C ALA C 86 29.22 26.00 9.35
N LYS C 87 28.29 25.12 9.71
CA LYS C 87 27.11 24.92 8.91
C LYS C 87 25.93 25.69 9.47
N CYS C 88 25.09 26.20 8.57
CA CYS C 88 23.76 26.71 8.92
C CYS C 88 22.66 26.20 7.98
N ARG C 89 21.45 26.23 8.50
CA ARG C 89 20.25 25.82 7.78
C ARG C 89 20.02 26.70 6.55
N ILE C 90 19.55 26.11 5.48
CA ILE C 90 19.32 26.85 4.24
C ILE C 90 18.36 27.98 4.47
N GLY C 91 18.73 29.18 4.02
CA GLY C 91 17.90 30.36 4.13
C GLY C 91 17.84 30.98 5.54
N HIS C 92 18.53 30.40 6.51
CA HIS C 92 18.39 30.88 7.87
C HIS C 92 19.44 31.98 8.08
N GLU C 93 18.97 33.21 7.96
CA GLU C 93 19.86 34.35 7.88
C GLU C 93 20.47 34.62 9.25
N ALA C 94 19.65 34.40 10.28
CA ALA C 94 20.06 34.71 11.64
C ALA C 94 21.21 33.80 12.06
N GLU C 95 21.05 32.51 11.77
CA GLU C 95 22.07 31.53 12.13
C GLU C 95 23.38 31.90 11.47
N ALA C 96 23.31 32.29 10.19
CA ALA C 96 24.51 32.73 9.49
C ALA C 96 25.14 34.01 10.13
N ARG C 97 24.33 35.01 10.47
CA ARG C 97 24.91 36.20 11.07
C ARG C 97 25.53 35.93 12.44
N ILE C 98 24.95 34.99 13.18
CA ILE C 98 25.58 34.58 14.42
C ILE C 98 26.88 33.87 14.12
N LEU C 99 26.90 33.11 13.04
CA LEU C 99 28.12 32.37 12.72
C LEU C 99 29.23 33.35 12.37
N GLU C 100 28.87 34.31 11.54
CA GLU C 100 29.78 35.36 11.09
C GLU C 100 30.31 36.17 12.27
N ALA C 101 29.39 36.65 13.10
CA ALA C 101 29.76 37.31 14.34
C ALA C 101 30.70 36.50 15.21
N LEU C 102 30.53 35.18 15.21
CA LEU C 102 31.37 34.31 16.01
C LEU C 102 32.77 34.23 15.42
N GLY C 103 32.92 34.76 14.21
CA GLY C 103 34.18 34.81 13.50
C GLY C 103 34.61 33.52 12.81
N VAL C 104 33.67 32.71 12.36
CA VAL C 104 34.04 31.54 11.55
C VAL C 104 34.60 32.03 10.24
N ASP C 105 35.46 31.21 9.63
CA ASP C 105 36.15 31.62 8.41
C ASP C 105 35.30 31.44 7.17
N MET C 106 34.36 30.50 7.25
CA MET C 106 33.43 30.25 6.15
C MET C 106 32.12 29.68 6.69
N ILE C 107 31.03 30.09 6.06
CA ILE C 107 29.74 29.53 6.41
C ILE C 107 29.23 28.64 5.28
N ASP C 108 28.73 27.47 5.67
CA ASP C 108 28.19 26.53 4.70
C ASP C 108 26.67 26.51 4.80
N GLU C 109 26.00 26.85 3.70
CA GLU C 109 24.54 26.86 3.72
C GLU C 109 24.24 25.44 3.28
N SER C 110 23.85 24.62 4.26
CA SER C 110 23.97 23.20 4.03
C SER C 110 22.64 22.50 3.91
N GLU C 111 22.58 21.65 2.89
CA GLU C 111 21.36 20.89 2.62
C GLU C 111 21.25 19.72 3.57
N VAL C 112 22.28 19.49 4.39
CA VAL C 112 22.18 18.42 5.37
C VAL C 112 21.45 18.84 6.62
N LEU C 113 21.44 20.14 6.89
CA LEU C 113 20.61 20.65 7.98
C LEU C 113 19.17 20.86 7.50
N THR C 114 18.20 20.80 8.41
CA THR C 114 16.81 21.01 8.02
C THR C 114 16.58 22.41 7.49
N PRO C 115 16.24 22.55 6.20
CA PRO C 115 16.05 23.90 5.60
C PRO C 115 15.10 24.83 6.41
N ALA C 116 15.49 26.09 6.54
CA ALA C 116 14.67 27.09 7.23
C ALA C 116 13.65 27.77 6.34
N ASP C 117 14.01 27.94 5.07
CA ASP C 117 13.20 28.67 4.09
C ASP C 117 12.86 27.79 2.87
N PRO C 118 11.56 27.51 2.65
CA PRO C 118 11.14 26.65 1.54
C PRO C 118 11.33 27.37 0.22
N PHE C 119 11.44 28.70 0.22
CA PHE C 119 11.52 29.50 -1.02
C PHE C 119 12.93 29.90 -1.48
N PHE C 120 13.66 30.55 -0.57
CA PHE C 120 14.91 31.21 -0.94
C PHE C 120 16.12 30.81 -0.09
N HIS C 121 17.29 30.83 -0.72
CA HIS C 121 18.54 30.80 0.04
C HIS C 121 18.89 32.18 0.66
N ILE C 122 19.81 32.15 1.62
CA ILE C 122 20.36 33.37 2.21
C ILE C 122 20.96 34.25 1.12
N TYR C 123 20.78 35.58 1.20
CA TYR C 123 21.39 36.38 0.15
C TYR C 123 22.77 36.70 0.65
N LYS C 124 23.73 36.02 0.01
CA LYS C 124 25.05 35.85 0.60
C LYS C 124 25.93 37.07 0.37
N LYS C 125 25.64 37.78 -0.73
CA LYS C 125 26.39 39.00 -1.06
C LYS C 125 26.39 40.04 0.07
N LYS C 126 25.34 40.07 0.89
CA LYS C 126 25.22 41.02 1.98
C LYS C 126 26.13 40.71 3.16
N PHE C 127 26.68 39.51 3.16
CA PHE C 127 27.53 39.07 4.25
C PHE C 127 29.00 39.48 4.06
N THR C 128 29.74 39.69 5.15
CA THR C 128 31.20 39.79 4.97
C THR C 128 31.83 38.39 4.87
N ALA C 129 31.39 37.49 5.75
CA ALA C 129 31.89 36.11 5.67
C ALA C 129 31.56 35.46 4.31
N PRO C 130 32.50 34.67 3.78
CA PRO C 130 32.31 33.91 2.53
C PRO C 130 31.47 32.63 2.74
N PHE C 131 30.66 32.32 1.75
CA PHE C 131 29.79 31.15 1.85
C PHE C 131 30.21 29.98 0.95
N VAL C 132 30.10 28.76 1.45
CA VAL C 132 30.16 27.60 0.56
C VAL C 132 28.76 26.97 0.45
N CYS C 133 28.38 26.60 -0.77
CA CYS C 133 27.04 26.06 -0.99
C CYS C 133 27.05 24.76 -1.77
N GLY C 134 26.04 23.92 -1.56
CA GLY C 134 25.94 22.67 -2.30
C GLY C 134 25.24 22.85 -3.66
N ALA C 135 25.60 22.01 -4.64
CA ALA C 135 24.88 22.01 -5.92
C ALA C 135 24.81 20.62 -6.52
N ARG C 136 23.63 20.19 -6.97
CA ARG C 136 23.57 18.88 -7.62
C ARG C 136 23.69 18.91 -9.13
N ASN C 137 23.66 20.12 -9.70
CA ASN C 137 23.88 20.35 -11.13
C ASN C 137 24.26 21.80 -11.39
N LEU C 138 24.52 22.13 -12.65
CA LEU C 138 25.01 23.48 -12.97
C LEU C 138 24.02 24.61 -12.66
N GLY C 139 22.72 24.41 -12.94
CA GLY C 139 21.69 25.37 -12.62
C GLY C 139 21.81 25.77 -11.17
N GLU C 140 21.83 24.77 -10.30
CA GLU C 140 21.99 25.00 -8.87
C GLU C 140 23.26 25.78 -8.53
N ALA C 141 24.36 25.36 -9.15
CA ALA C 141 25.64 25.93 -8.82
C ALA C 141 25.65 27.42 -9.16
N VAL C 142 25.18 27.71 -10.37
CA VAL C 142 25.11 29.06 -10.88
C VAL C 142 24.21 29.92 -9.99
N ARG C 143 23.02 29.42 -9.65
CA ARG C 143 22.15 30.18 -8.75
C ARG C 143 22.86 30.49 -7.41
N ARG C 144 23.43 29.47 -6.80
CA ARG C 144 24.14 29.64 -5.54
C ARG C 144 25.27 30.66 -5.63
N ILE C 145 25.96 30.67 -6.77
CA ILE C 145 27.03 31.62 -7.01
C ILE C 145 26.44 33.02 -7.07
N TRP C 146 25.42 33.18 -7.92
CA TRP C 146 24.76 34.46 -8.07
C TRP C 146 24.27 35.06 -6.75
N GLU C 147 23.85 34.20 -5.82
CA GLU C 147 23.44 34.65 -4.51
C GLU C 147 24.65 35.00 -3.68
N GLY C 148 25.83 34.76 -4.26
CA GLY C 148 27.06 35.19 -3.62
C GLY C 148 27.96 34.15 -2.97
N ALA C 149 27.72 32.87 -3.29
CA ALA C 149 28.58 31.80 -2.80
C ALA C 149 29.98 32.00 -3.37
N ALA C 150 30.96 31.89 -2.47
CA ALA C 150 32.36 32.07 -2.84
C ALA C 150 32.98 30.75 -3.23
N MET C 151 32.30 29.68 -2.86
CA MET C 151 32.77 28.33 -3.12
C MET C 151 31.62 27.35 -3.25
N ILE C 152 31.71 26.41 -4.17
CA ILE C 152 30.62 25.44 -4.23
C ILE C 152 31.12 24.01 -4.15
N ARG C 153 30.32 23.15 -3.52
CA ARG C 153 30.63 21.72 -3.49
C ARG C 153 29.48 20.90 -4.08
N THR C 154 29.73 19.64 -4.41
CA THR C 154 28.61 18.78 -4.78
C THR C 154 27.87 18.40 -3.52
N LYS C 155 26.57 18.12 -3.69
CA LYS C 155 25.77 17.75 -2.55
C LYS C 155 26.07 16.31 -2.19
N GLY C 156 26.10 15.47 -3.22
CA GLY C 156 26.16 14.02 -3.06
C GLY C 156 24.97 13.53 -2.24
N GLU C 157 25.14 12.39 -1.57
CA GLU C 157 24.14 12.00 -0.59
C GLU C 157 24.88 11.90 0.74
N ALA C 158 24.68 12.86 1.62
CA ALA C 158 25.51 13.00 2.83
C ALA C 158 25.23 11.94 3.86
N GLY C 159 26.29 11.37 4.42
CA GLY C 159 26.17 10.39 5.49
C GLY C 159 25.89 8.98 5.00
N THR C 160 25.91 8.77 3.68
CA THR C 160 25.63 7.45 3.13
C THR C 160 26.87 6.59 2.86
N GLY C 161 28.05 7.21 2.92
CA GLY C 161 29.27 6.50 2.56
C GLY C 161 29.22 5.96 1.13
N ASN C 162 28.30 6.51 0.35
CA ASN C 162 28.14 6.11 -1.05
C ASN C 162 28.48 7.24 -2.05
N ILE C 163 29.57 7.03 -2.79
CA ILE C 163 30.17 8.05 -3.61
C ILE C 163 29.34 8.33 -4.85
N ILE C 164 28.37 7.47 -5.14
CA ILE C 164 27.62 7.55 -6.39
C ILE C 164 26.96 8.90 -6.63
N GLU C 165 26.32 9.48 -5.61
CA GLU C 165 25.58 10.72 -5.81
C GLU C 165 26.52 11.89 -6.04
N ALA C 166 27.60 11.93 -5.28
CA ALA C 166 28.68 12.85 -5.59
C ALA C 166 29.14 12.78 -7.07
N VAL C 167 29.42 11.56 -7.54
CA VAL C 167 29.88 11.39 -8.90
C VAL C 167 28.86 11.89 -9.90
N ARG C 168 27.59 11.55 -9.68
CA ARG C 168 26.50 12.01 -10.55
C ARG C 168 26.51 13.54 -10.63
N HIS C 169 26.62 14.19 -9.47
CA HIS C 169 26.59 15.64 -9.46
C HIS C 169 27.78 16.25 -10.22
N VAL C 170 28.97 15.70 -9.98
CA VAL C 170 30.13 16.14 -10.74
C VAL C 170 29.91 16.00 -12.24
N ARG C 171 29.44 14.84 -12.69
CA ARG C 171 29.24 14.63 -14.13
C ARG C 171 28.18 15.55 -14.72
N LEU C 172 27.06 15.72 -14.00
CA LEU C 172 26.02 16.61 -14.46
C LEU C 172 26.57 18.02 -14.64
N VAL C 173 27.30 18.51 -13.62
CA VAL C 173 27.90 19.83 -13.74
C VAL C 173 28.84 19.90 -14.94
N ASN C 174 29.79 18.98 -15.01
CA ASN C 174 30.79 19.05 -16.05
C ASN C 174 30.19 18.99 -17.45
N GLU C 175 29.34 17.99 -17.69
CA GLU C 175 28.71 17.84 -19.01
C GLU C 175 27.95 19.10 -19.34
N ASN C 176 27.32 19.71 -18.32
CA ASN C 176 26.52 20.91 -18.58
C ASN C 176 27.43 22.09 -19.01
N ILE C 177 28.61 22.19 -18.39
CA ILE C 177 29.64 23.14 -18.81
C ILE C 177 30.11 22.90 -20.27
N ARG C 178 30.47 21.66 -20.58
CA ARG C 178 30.86 21.33 -21.95
C ARG C 178 29.74 21.74 -22.96
N LEU C 179 28.50 21.42 -22.61
CA LEU C 179 27.34 21.82 -23.43
C LEU C 179 27.35 23.33 -23.65
N ILE C 180 27.49 24.09 -22.56
CA ILE C 180 27.59 25.56 -22.64
C ILE C 180 28.66 25.99 -23.67
N GLN C 181 29.86 25.44 -23.53
CA GLN C 181 30.95 25.76 -24.45
C GLN C 181 30.60 25.48 -25.91
N ARG C 182 29.71 24.55 -26.18
CA ARG C 182 29.35 24.30 -27.58
C ARG C 182 28.21 25.17 -28.09
N MET C 183 27.77 26.14 -27.28
CA MET C 183 26.57 26.88 -27.65
C MET C 183 26.86 28.28 -28.13
N THR C 184 26.02 28.76 -29.04
CA THR C 184 25.96 30.18 -29.40
C THR C 184 25.50 30.99 -28.19
N ASP C 185 25.87 32.27 -28.15
CA ASP C 185 25.44 33.15 -27.06
C ASP C 185 23.91 33.15 -26.80
N GLU C 186 23.11 33.10 -27.86
CA GLU C 186 21.65 33.17 -27.75
C GLU C 186 21.11 31.92 -27.04
N GLU C 187 21.64 30.78 -27.46
CA GLU C 187 21.30 29.49 -26.86
C GLU C 187 21.57 29.53 -25.35
N ILE C 188 22.77 30.01 -25.02
CA ILE C 188 23.18 30.17 -23.64
C ILE C 188 22.18 31.05 -22.90
N TYR C 189 21.68 32.07 -23.58
CA TYR C 189 20.65 32.91 -22.96
C TYR C 189 19.42 32.07 -22.54
N GLY C 190 18.99 31.18 -23.44
CA GLY C 190 17.89 30.29 -23.13
C GLY C 190 18.15 29.50 -21.85
N VAL C 191 19.35 28.90 -21.79
CA VAL C 191 19.73 28.19 -20.57
C VAL C 191 19.62 29.10 -19.35
N ALA C 192 20.05 30.34 -19.48
CA ALA C 192 19.97 31.30 -18.39
C ALA C 192 18.51 31.49 -17.93
N GLU C 193 17.60 31.51 -18.90
CA GLU C 193 16.20 31.66 -18.57
C GLU C 193 15.75 30.48 -17.73
N LYS C 194 16.08 29.27 -18.20
CA LYS C 194 15.75 28.04 -17.47
C LYS C 194 16.33 28.01 -16.05
N PHE C 195 17.57 28.49 -15.90
CA PHE C 195 18.25 28.40 -14.62
C PHE C 195 17.71 29.37 -13.59
N ALA C 196 17.01 30.41 -14.03
CA ALA C 196 16.48 31.38 -13.09
C ALA C 196 15.03 31.07 -12.69
N GLU C 197 14.43 30.06 -13.34
CA GLU C 197 13.04 29.71 -13.05
C GLU C 197 12.67 29.53 -11.56
N PRO C 198 13.50 28.78 -10.79
CA PRO C 198 13.14 28.49 -9.39
C PRO C 198 12.75 29.70 -8.54
N TYR C 199 13.28 30.88 -8.87
CA TYR C 199 12.97 32.04 -8.03
C TYR C 199 11.47 32.43 -8.07
N LEU C 200 10.82 32.10 -9.19
CA LEU C 200 9.37 32.36 -9.42
C LEU C 200 8.44 31.58 -8.52
N ARG C 201 9.01 30.65 -7.77
CA ARG C 201 8.23 29.62 -7.11
C ARG C 201 7.36 30.33 -6.04
N LEU C 202 7.87 31.31 -5.30
CA LEU C 202 7.03 31.91 -4.26
C LEU C 202 6.03 32.91 -4.88
N ALA C 203 6.42 33.58 -5.96
CA ALA C 203 5.47 34.37 -6.73
C ALA C 203 4.27 33.52 -7.15
N PHE C 204 4.57 32.40 -7.80
CA PHE C 204 3.50 31.60 -8.41
C PHE C 204 2.54 31.03 -7.36
N SER C 205 3.11 30.62 -6.22
CA SER C 205 2.31 30.11 -5.12
C SER C 205 1.28 31.13 -4.70
N VAL C 206 1.72 32.39 -4.67
CA VAL C 206 0.87 33.47 -4.26
C VAL C 206 -0.13 33.82 -5.38
N LYS C 207 0.31 33.71 -6.65
CA LYS C 207 -0.64 33.94 -7.74
C LYS C 207 -1.78 32.94 -7.63
N GLU C 208 -1.43 31.69 -7.36
CA GLU C 208 -2.45 30.67 -7.23
C GLU C 208 -3.41 30.97 -6.05
N ILE C 209 -2.86 31.40 -4.92
CA ILE C 209 -3.69 31.71 -3.77
C ILE C 209 -4.64 32.84 -4.08
N SER C 210 -4.17 33.76 -4.93
CA SER C 210 -4.92 34.98 -5.28
C SER C 210 -5.87 34.77 -6.46
N GLY C 211 -5.93 33.54 -6.95
CA GLY C 211 -6.79 33.22 -8.07
C GLY C 211 -6.41 33.86 -9.41
N LEU C 212 -5.12 34.13 -9.59
CA LEU C 212 -4.59 34.68 -10.83
C LEU C 212 -3.81 33.57 -11.48
N PRO C 213 -3.61 33.66 -12.82
CA PRO C 213 -2.79 32.68 -13.55
C PRO C 213 -1.30 32.79 -13.17
N LYS C 214 -0.53 31.70 -13.30
CA LYS C 214 0.86 31.78 -12.87
C LYS C 214 1.70 32.24 -14.05
N ARG C 215 2.05 33.50 -14.02
CA ARG C 215 2.70 34.12 -15.16
C ARG C 215 3.82 34.97 -14.62
N VAL C 216 4.85 35.12 -15.41
CA VAL C 216 5.92 36.00 -15.00
C VAL C 216 5.57 37.39 -15.51
N LEU C 217 5.52 38.36 -14.60
CA LEU C 217 5.26 39.75 -14.96
C LEU C 217 6.61 40.48 -15.01
N GLU C 218 6.78 41.33 -16.01
CA GLU C 218 8.10 41.87 -16.37
C GLU C 218 8.78 42.79 -15.34
N ASN C 219 7.97 43.62 -14.68
CA ASN C 219 8.49 44.55 -13.68
C ASN C 219 8.37 44.08 -12.23
N GLU C 220 7.91 42.85 -12.06
CA GLU C 220 7.64 42.28 -10.74
C GLU C 220 8.90 41.80 -10.03
N PRO C 221 9.21 42.41 -8.86
CA PRO C 221 10.35 41.99 -8.03
C PRO C 221 10.10 40.66 -7.36
N ILE C 222 10.98 39.70 -7.64
CA ILE C 222 10.88 38.31 -7.18
C ILE C 222 11.70 38.11 -5.89
N TYR C 223 13.00 38.40 -5.99
CA TYR C 223 13.95 38.07 -4.95
C TYR C 223 14.94 39.22 -4.69
N GLU C 224 15.07 39.62 -3.43
CA GLU C 224 16.01 40.66 -2.97
C GLU C 224 16.05 41.87 -3.91
N GLY C 225 14.87 42.31 -4.35
CA GLY C 225 14.77 43.46 -5.23
C GLY C 225 14.85 43.17 -6.72
N PHE C 226 15.34 41.99 -7.08
CA PHE C 226 15.53 41.69 -8.51
C PHE C 226 14.26 41.22 -9.23
N THR C 227 14.08 41.72 -10.45
CA THR C 227 13.04 41.25 -11.34
C THR C 227 13.50 39.88 -11.91
N TYR C 228 12.57 39.05 -12.39
CA TYR C 228 12.98 37.76 -12.97
C TYR C 228 13.96 37.96 -14.12
N ARG C 229 13.65 38.91 -15.01
CA ARG C 229 14.50 39.20 -16.15
C ARG C 229 15.91 39.66 -15.75
N GLU C 230 15.96 40.44 -14.67
CA GLU C 230 17.23 40.89 -14.13
C GLU C 230 18.09 39.70 -13.71
N ILE C 231 17.46 38.77 -12.98
CA ILE C 231 18.15 37.55 -12.59
C ILE C 231 18.61 36.79 -13.83
N VAL C 232 17.75 36.70 -14.83
CA VAL C 232 18.12 35.98 -16.05
C VAL C 232 19.41 36.58 -16.63
N GLU C 233 19.51 37.91 -16.60
CA GLU C 233 20.67 38.65 -17.15
C GLU C 233 21.95 38.36 -16.39
N ASP C 234 21.88 38.53 -15.07
CA ASP C 234 23.05 38.27 -14.24
C ASP C 234 23.56 36.83 -14.43
N ILE C 235 22.62 35.89 -14.40
CA ILE C 235 22.93 34.47 -14.55
C ILE C 235 23.61 34.24 -15.90
N TYR C 236 23.01 34.78 -16.96
CA TYR C 236 23.57 34.72 -18.30
C TYR C 236 25.03 35.20 -18.32
N LYS C 237 25.29 36.31 -17.62
CA LYS C 237 26.66 36.80 -17.51
C LYS C 237 27.56 35.72 -16.94
N ILE C 238 27.11 35.11 -15.83
CA ILE C 238 27.90 34.06 -15.15
C ILE C 238 28.14 32.82 -16.04
N LEU C 239 27.12 32.43 -16.80
CA LEU C 239 27.24 31.36 -17.77
C LEU C 239 28.31 31.67 -18.78
N LEU C 240 28.32 32.90 -19.30
CA LEU C 240 29.33 33.30 -20.30
C LEU C 240 30.75 33.22 -19.73
N GLU C 241 30.90 33.70 -18.51
CA GLU C 241 32.17 33.57 -17.82
C GLU C 241 32.59 32.10 -17.72
N ILE C 242 31.62 31.23 -17.41
CA ILE C 242 31.88 29.79 -17.37
C ILE C 242 32.34 29.24 -18.74
N LYS C 243 31.63 29.64 -19.80
CA LYS C 243 31.98 29.22 -21.15
C LYS C 243 33.43 29.53 -21.45
N LYS C 244 33.83 30.76 -21.11
CA LYS C 244 35.24 31.18 -21.23
C LYS C 244 36.18 30.31 -20.39
N LEU C 245 35.89 30.24 -19.11
CA LEU C 245 36.73 29.58 -18.14
C LEU C 245 36.83 28.07 -18.25
N GLY C 246 35.80 27.41 -18.82
CA GLY C 246 35.79 25.95 -18.93
C GLY C 246 35.48 25.23 -17.63
N ARG C 247 35.30 26.00 -16.56
CA ARG C 247 34.94 25.47 -15.25
C ARG C 247 34.13 26.51 -14.45
N LEU C 248 33.93 26.26 -13.16
CA LEU C 248 33.22 27.23 -12.35
C LEU C 248 34.18 28.32 -11.91
N PRO C 249 33.69 29.57 -11.86
CA PRO C 249 34.39 30.79 -11.44
C PRO C 249 34.83 30.74 -9.97
N VAL C 250 34.39 29.73 -9.22
CA VAL C 250 34.84 29.63 -7.84
C VAL C 250 35.46 28.27 -7.57
N VAL C 251 36.15 28.16 -6.44
CA VAL C 251 36.71 26.89 -6.02
C VAL C 251 35.57 25.88 -5.92
N ASN C 252 35.78 24.69 -6.48
CA ASN C 252 34.74 23.67 -6.58
C ASN C 252 35.15 22.34 -5.94
N PHE C 253 34.51 21.98 -4.82
CA PHE C 253 34.88 20.73 -4.11
C PHE C 253 33.89 19.59 -4.28
N ALA C 254 34.41 18.37 -4.23
CA ALA C 254 33.54 17.19 -4.14
C ALA C 254 33.14 16.95 -2.68
N ALA C 255 31.89 16.55 -2.48
CA ALA C 255 31.42 16.28 -1.13
C ALA C 255 30.36 15.19 -1.11
N GLY C 256 30.36 14.44 -0.01
CA GLY C 256 29.35 13.50 0.39
C GLY C 256 29.55 12.07 -0.04
N GLY C 257 29.45 11.22 0.98
CA GLY C 257 29.74 9.81 0.89
C GLY C 257 31.17 9.47 0.51
N VAL C 258 32.16 10.31 0.82
CA VAL C 258 33.52 9.85 0.63
C VAL C 258 33.85 8.98 1.84
N ALA C 259 34.17 7.73 1.56
CA ALA C 259 34.33 6.68 2.57
C ALA C 259 35.76 6.18 2.70
N THR C 260 36.44 6.06 1.57
CA THR C 260 37.81 5.54 1.51
C THR C 260 38.78 6.40 0.66
N PRO C 261 40.10 6.22 0.87
CA PRO C 261 41.11 6.91 0.06
C PRO C 261 40.81 6.86 -1.41
N ALA C 262 40.42 5.70 -1.91
CA ALA C 262 40.15 5.61 -3.34
C ALA C 262 39.03 6.53 -3.78
N ASP C 263 38.01 6.69 -2.93
CA ASP C 263 36.92 7.61 -3.21
C ASP C 263 37.46 9.00 -3.47
N ALA C 264 38.18 9.54 -2.48
CA ALA C 264 38.75 10.86 -2.59
C ALA C 264 39.58 10.99 -3.87
N ALA C 265 40.40 9.97 -4.13
CA ALA C 265 41.26 10.02 -5.30
C ALA C 265 40.41 10.17 -6.56
N LEU C 266 39.31 9.42 -6.61
CA LEU C 266 38.42 9.42 -7.77
C LEU C 266 37.90 10.82 -8.02
N MET C 267 37.42 11.44 -6.94
CA MET C 267 36.92 12.81 -7.03
C MET C 267 37.99 13.75 -7.60
N MET C 268 39.19 13.71 -7.01
CA MET C 268 40.29 14.54 -7.52
C MET C 268 40.54 14.26 -9.01
N ALA C 269 40.51 12.99 -9.38
CA ALA C 269 40.78 12.60 -10.74
C ALA C 269 39.69 13.05 -11.70
N MET C 270 38.54 13.43 -11.16
CA MET C 270 37.49 13.93 -12.03
C MET C 270 37.56 15.44 -12.22
N GLY C 271 38.59 16.06 -11.64
CA GLY C 271 38.82 17.49 -11.81
C GLY C 271 38.30 18.38 -10.68
N MET C 272 37.94 17.77 -9.55
CA MET C 272 37.55 18.54 -8.38
C MET C 272 38.79 19.18 -7.74
N ASP C 273 38.59 20.31 -7.07
CA ASP C 273 39.66 21.06 -6.42
C ASP C 273 40.04 20.50 -5.05
N GLY C 274 39.19 19.64 -4.49
CA GLY C 274 39.39 19.21 -3.11
C GLY C 274 38.17 18.47 -2.62
N VAL C 275 38.27 17.95 -1.40
CA VAL C 275 37.29 17.00 -0.91
C VAL C 275 36.79 17.39 0.49
N PHE C 276 35.47 17.32 0.67
CA PHE C 276 34.86 17.41 1.99
C PHE C 276 34.58 15.98 2.46
N VAL C 277 35.00 15.63 3.67
CA VAL C 277 34.51 14.37 4.22
C VAL C 277 34.17 14.54 5.68
N GLY C 278 32.88 14.37 6.02
CA GLY C 278 32.51 14.17 7.41
C GLY C 278 32.43 12.78 8.00
N SER C 279 31.54 11.97 7.43
CA SER C 279 31.15 10.73 8.07
C SER C 279 32.20 9.64 7.83
N GLY C 280 32.77 9.66 6.63
CA GLY C 280 33.76 8.65 6.24
C GLY C 280 34.89 8.46 7.26
N ILE C 281 35.25 9.55 7.91
CA ILE C 281 36.34 9.56 8.87
C ILE C 281 35.93 9.14 10.28
N PHE C 282 35.00 9.85 10.88
CA PHE C 282 34.67 9.52 12.28
C PHE C 282 33.69 8.35 12.51
N LYS C 283 33.06 7.89 11.44
CA LYS C 283 32.24 6.71 11.51
C LYS C 283 33.05 5.48 11.09
N SER C 284 34.31 5.75 10.75
CA SER C 284 35.33 4.73 10.47
C SER C 284 35.88 4.09 11.76
N SER C 285 36.44 2.89 11.67
CA SER C 285 36.99 2.23 12.87
C SER C 285 38.23 2.96 13.43
N ASN C 286 39.08 3.43 12.54
CA ASN C 286 40.32 4.10 12.94
C ASN C 286 40.41 5.52 12.38
N PRO C 287 39.65 6.44 13.00
CA PRO C 287 39.51 7.77 12.41
C PRO C 287 40.82 8.51 12.09
N PRO C 288 41.82 8.55 13.00
CA PRO C 288 43.02 9.31 12.61
C PRO C 288 43.73 8.69 11.39
N LYS C 289 43.72 7.36 11.33
CA LYS C 289 44.40 6.67 10.26
C LYS C 289 43.71 7.01 8.94
N MET C 290 42.38 6.89 8.97
CA MET C 290 41.56 7.15 7.80
C MET C 290 41.73 8.62 7.36
N ALA C 291 41.77 9.51 8.35
CA ALA C 291 41.89 10.92 8.09
C ALA C 291 43.18 11.19 7.31
N ARG C 292 44.30 10.83 7.92
CA ARG C 292 45.59 11.00 7.26
C ARG C 292 45.61 10.34 5.86
N ALA C 293 44.99 9.17 5.77
CA ALA C 293 44.99 8.41 4.53
C ALA C 293 44.29 9.19 3.42
N ILE C 294 43.16 9.80 3.77
CA ILE C 294 42.37 10.52 2.77
C ILE C 294 43.12 11.78 2.36
N VAL C 295 43.79 12.42 3.32
CA VAL C 295 44.60 13.58 3.00
C VAL C 295 45.69 13.21 2.00
N GLU C 296 46.41 12.13 2.31
CA GLU C 296 47.54 11.69 1.48
C GLU C 296 47.06 11.21 0.10
N ALA C 297 45.88 10.61 0.10
CA ALA C 297 45.20 10.25 -1.13
C ALA C 297 44.93 11.46 -2.03
N VAL C 298 44.45 12.56 -1.44
CA VAL C 298 44.16 13.76 -2.22
C VAL C 298 45.45 14.39 -2.74
N ASN C 299 46.52 14.29 -1.95
CA ASN C 299 47.80 14.85 -2.38
C ASN C 299 48.43 14.01 -3.45
N HIS C 300 48.30 12.69 -3.31
CA HIS C 300 48.80 11.70 -4.28
C HIS C 300 47.86 11.02 -5.32
N TRP C 301 46.69 11.58 -5.53
CA TRP C 301 45.66 10.96 -6.35
C TRP C 301 46.02 10.46 -7.76
N ASP C 302 47.04 11.04 -8.38
CA ASP C 302 47.45 10.58 -9.72
C ASP C 302 48.53 9.49 -9.69
N GLU C 303 48.82 9.02 -8.47
CA GLU C 303 49.90 8.04 -8.25
C GLU C 303 49.38 6.75 -7.63
N PRO C 304 48.93 5.81 -8.49
CA PRO C 304 48.30 4.56 -8.08
C PRO C 304 49.13 3.79 -7.09
N ASP C 305 50.45 3.81 -7.28
CA ASP C 305 51.34 3.04 -6.40
C ASP C 305 51.24 3.59 -5.00
N VAL C 306 51.23 4.92 -4.90
CA VAL C 306 51.08 5.56 -3.61
C VAL C 306 49.70 5.31 -2.99
N LEU C 307 48.63 5.48 -3.79
CA LEU C 307 47.26 5.24 -3.30
C LEU C 307 47.16 3.87 -2.67
N ALA C 308 47.69 2.88 -3.41
CA ALA C 308 47.76 1.50 -2.95
C ALA C 308 48.45 1.33 -1.59
N GLU C 309 49.62 1.95 -1.42
CA GLU C 309 50.31 1.84 -0.13
C GLU C 309 49.53 2.54 0.98
N ILE C 310 48.93 3.68 0.62
CA ILE C 310 48.22 4.57 1.55
C ILE C 310 47.06 3.88 2.25
N SER C 311 46.43 2.95 1.54
CA SER C 311 45.24 2.26 1.99
C SER C 311 45.48 0.94 2.68
N ARG C 312 46.68 0.70 3.19
CA ARG C 312 46.98 -0.58 3.82
C ARG C 312 46.51 -0.83 5.26
N GLU C 313 46.20 0.18 6.07
CA GLU C 313 45.44 -0.20 7.29
C GLU C 313 44.31 0.77 7.58
N ILE C 314 43.09 0.27 7.48
CA ILE C 314 41.91 0.80 8.17
C ILE C 314 40.70 -0.08 7.94
N GLY C 315 39.75 0.04 8.86
CA GLY C 315 38.50 -0.70 8.85
C GLY C 315 37.13 -0.06 8.77
N GLU C 316 36.88 1.04 8.03
CA GLU C 316 35.70 1.95 8.23
C GLU C 316 34.23 1.52 8.07
N PRO C 317 33.33 2.13 8.85
CA PRO C 317 31.89 1.80 8.83
C PRO C 317 31.06 2.48 7.73
N MET C 318 30.29 1.61 7.09
CA MET C 318 29.57 1.88 5.86
C MET C 318 28.16 1.38 6.04
N ARG C 319 27.22 2.11 5.42
CA ARG C 319 25.82 1.76 5.43
C ARG C 319 25.14 2.45 4.27
N GLY C 320 23.81 2.45 4.29
CA GLY C 320 23.02 3.28 3.37
C GLY C 320 23.24 3.05 1.86
N GLN C 321 22.61 1.96 1.37
CA GLN C 321 22.45 1.68 -0.04
C GLN C 321 21.46 2.63 -0.73
N ALA C 322 21.31 2.44 -2.03
CA ALA C 322 20.23 3.04 -2.82
C ALA C 322 18.88 2.89 -2.11
N ILE C 323 18.47 1.64 -1.94
CA ILE C 323 17.25 1.28 -1.21
C ILE C 323 17.26 1.73 0.26
N GLU C 324 16.22 2.49 0.60
CA GLU C 324 15.98 2.98 1.95
C GLU C 324 17.02 3.96 2.48
N GLU C 325 17.39 4.96 1.66
CA GLU C 325 18.14 6.08 2.21
C GLU C 325 17.20 6.90 3.13
N LEU C 326 15.87 6.81 2.89
CA LEU C 326 14.81 7.35 3.80
C LEU C 326 14.75 8.88 3.96
N GLN C 327 15.79 9.58 3.51
CA GLN C 327 15.92 11.04 3.59
C GLN C 327 16.25 11.79 2.31
N VAL C 328 17.04 11.20 1.42
CA VAL C 328 17.43 11.79 0.12
C VAL C 328 17.74 13.31 0.18
N ARG C 329 18.90 13.64 0.76
CA ARG C 329 19.23 14.99 1.22
C ARG C 329 19.74 15.91 0.12
N MET C 330 19.66 15.46 -1.12
CA MET C 330 20.02 16.24 -2.31
C MET C 330 18.92 17.17 -2.80
N GLU C 331 18.17 17.79 -1.88
CA GLU C 331 17.21 18.87 -2.23
C GLU C 331 17.39 20.23 -1.47
N GLU C 332 17.62 21.28 -2.26
CA GLU C 332 17.58 22.70 -1.86
C GLU C 332 16.95 23.64 -2.94
N ARG C 333 17.61 23.66 -4.12
CA ARG C 333 17.23 24.46 -5.30
C ARG C 333 16.76 25.88 -4.99
N MET D 1 51.99 8.29 -31.54
CA MET D 1 52.24 9.42 -32.43
C MET D 1 52.51 8.96 -33.87
N ASP D 2 51.71 7.99 -34.32
CA ASP D 2 51.76 7.34 -35.65
C ASP D 2 50.46 6.53 -35.80
N LYS D 3 50.46 5.57 -36.71
CA LYS D 3 49.57 4.41 -36.57
C LYS D 3 49.91 3.63 -35.27
N LEU D 4 50.93 4.11 -34.53
CA LEU D 4 51.30 3.64 -33.19
C LEU D 4 50.09 3.44 -32.26
N LYS D 5 49.22 4.44 -32.12
CA LYS D 5 48.08 4.31 -31.19
C LYS D 5 46.99 3.36 -31.71
N ILE D 6 46.92 3.16 -33.03
CA ILE D 6 46.00 2.18 -33.61
C ILE D 6 46.55 0.75 -33.53
N ILE D 7 47.82 0.56 -33.90
CA ILE D 7 48.41 -0.77 -34.03
C ILE D 7 49.06 -1.31 -32.75
N MET D 8 49.37 -0.42 -31.83
CA MET D 8 49.84 -0.83 -30.52
C MET D 8 48.65 -1.19 -29.65
N GLU D 9 47.65 -0.30 -29.61
CA GLU D 9 46.44 -0.52 -28.81
C GLU D 9 45.80 -1.87 -29.16
N LYS D 10 45.85 -2.26 -30.44
CA LYS D 10 45.26 -3.53 -30.87
C LYS D 10 46.10 -4.69 -30.38
N GLY D 11 47.43 -4.53 -30.47
CA GLY D 11 48.36 -5.48 -29.88
C GLY D 11 48.07 -5.68 -28.39
N THR D 12 47.90 -4.57 -27.67
CA THR D 12 47.52 -4.64 -26.26
C THR D 12 46.16 -5.33 -26.02
N GLU D 13 45.15 -4.97 -26.81
CA GLU D 13 43.85 -5.62 -26.68
C GLU D 13 44.07 -7.10 -26.80
N ARG D 14 44.72 -7.53 -27.88
CA ARG D 14 44.90 -8.95 -28.09
C ARG D 14 45.66 -9.64 -26.96
N LEU D 15 46.61 -8.93 -26.37
CA LEU D 15 47.29 -9.48 -25.20
C LEU D 15 46.41 -9.71 -24.00
N LYS D 16 45.67 -8.65 -23.69
CA LYS D 16 44.75 -8.67 -22.58
C LYS D 16 43.80 -9.85 -22.77
N ARG D 17 43.17 -9.88 -23.94
CA ARG D 17 42.30 -10.98 -24.35
C ARG D 17 43.00 -12.32 -24.14
N GLY D 18 44.28 -12.36 -24.50
CA GLY D 18 45.11 -13.53 -24.34
C GLY D 18 45.14 -14.08 -22.94
N PHE D 19 45.31 -13.20 -21.95
CA PHE D 19 45.30 -13.66 -20.57
C PHE D 19 44.04 -14.47 -20.24
N ALA D 20 42.91 -13.93 -20.69
CA ALA D 20 41.61 -14.54 -20.42
C ALA D 20 41.57 -15.99 -20.86
N LYS D 21 42.26 -16.30 -21.96
CA LYS D 21 42.25 -17.65 -22.53
C LYS D 21 42.89 -18.67 -21.60
N MET D 22 43.84 -18.23 -20.78
CA MET D 22 44.45 -19.09 -19.76
C MET D 22 43.44 -19.74 -18.80
N VAL D 23 42.40 -19.00 -18.50
CA VAL D 23 41.45 -19.38 -17.48
C VAL D 23 40.28 -20.23 -18.03
N LYS D 24 40.15 -20.22 -19.36
CA LYS D 24 39.11 -20.92 -20.11
C LYS D 24 39.04 -22.42 -19.79
N GLY D 25 37.82 -22.96 -19.73
CA GLY D 25 37.61 -24.36 -19.41
C GLY D 25 37.50 -24.73 -17.93
N GLY D 26 37.58 -23.75 -17.04
CA GLY D 26 37.74 -23.99 -15.62
C GLY D 26 36.80 -23.17 -14.74
N VAL D 27 36.93 -23.32 -13.44
CA VAL D 27 36.08 -22.61 -12.53
C VAL D 27 36.84 -21.51 -11.79
N ILE D 28 36.24 -20.34 -11.66
CA ILE D 28 36.85 -19.27 -10.88
C ILE D 28 36.03 -19.05 -9.64
N MET D 29 36.67 -19.04 -8.48
CA MET D 29 35.91 -19.07 -7.23
C MET D 29 36.03 -17.83 -6.39
N ASP D 30 34.91 -17.23 -6.00
CA ASP D 30 34.94 -16.11 -5.07
C ASP D 30 35.49 -16.57 -3.71
N VAL D 31 36.38 -15.76 -3.15
CA VAL D 31 37.11 -16.09 -1.95
C VAL D 31 37.29 -14.82 -1.10
N THR D 32 36.94 -14.91 0.17
CA THR D 32 37.05 -13.74 1.03
C THR D 32 38.31 -13.69 1.91
N ASN D 33 39.05 -14.79 1.98
CA ASN D 33 40.20 -14.90 2.88
C ASN D 33 41.22 -15.95 2.46
N ALA D 34 42.37 -15.93 3.12
CA ALA D 34 43.42 -16.91 2.88
C ALA D 34 42.95 -18.38 2.87
N GLU D 35 42.13 -18.79 3.83
CA GLU D 35 41.64 -20.17 3.86
C GLU D 35 40.86 -20.55 2.64
N GLN D 36 39.86 -19.75 2.32
CA GLN D 36 39.05 -20.03 1.16
C GLN D 36 39.88 -20.01 -0.12
N ALA D 37 40.87 -19.13 -0.19
CA ALA D 37 41.77 -19.13 -1.33
C ALA D 37 42.39 -20.49 -1.45
N ARG D 38 42.92 -21.01 -0.34
CA ARG D 38 43.55 -22.32 -0.36
C ARG D 38 42.62 -23.46 -0.77
N ILE D 39 41.46 -23.52 -0.13
CA ILE D 39 40.47 -24.56 -0.44
C ILE D 39 40.14 -24.54 -1.93
N ALA D 40 39.99 -23.33 -2.44
CA ALA D 40 39.72 -23.10 -3.86
C ALA D 40 40.82 -23.69 -4.72
N GLU D 41 42.06 -23.33 -4.43
CA GLU D 41 43.17 -23.77 -5.28
C GLU D 41 43.29 -25.26 -5.25
N GLU D 42 43.21 -25.79 -4.03
CA GLU D 42 43.30 -27.21 -3.75
C GLU D 42 42.22 -27.98 -4.49
N ALA D 43 41.07 -27.35 -4.67
CA ALA D 43 39.96 -28.01 -5.35
C ALA D 43 39.99 -27.94 -6.90
N GLY D 44 40.99 -27.29 -7.47
CA GLY D 44 41.09 -27.24 -8.92
C GLY D 44 40.52 -26.00 -9.55
N ALA D 45 40.37 -24.96 -8.76
CA ALA D 45 39.98 -23.66 -9.29
C ALA D 45 41.09 -23.19 -10.18
N VAL D 46 40.77 -22.70 -11.38
CA VAL D 46 41.79 -22.10 -12.22
C VAL D 46 42.21 -20.73 -11.70
N ALA D 47 41.31 -20.07 -10.99
CA ALA D 47 41.64 -18.78 -10.39
C ALA D 47 40.68 -18.39 -9.25
N VAL D 48 41.13 -17.49 -8.38
CA VAL D 48 40.22 -17.02 -7.36
C VAL D 48 39.82 -15.56 -7.59
N MET D 49 38.65 -15.20 -7.09
CA MET D 49 38.12 -13.85 -7.16
C MET D 49 38.02 -13.29 -5.74
N ALA D 50 38.83 -12.29 -5.44
CA ALA D 50 38.90 -11.69 -4.11
C ALA D 50 37.86 -10.57 -3.92
N LEU D 51 37.13 -10.73 -2.84
CA LEU D 51 36.14 -9.75 -2.44
C LEU D 51 35.92 -9.82 -0.94
N HIS D 52 35.27 -8.79 -0.41
CA HIS D 52 35.04 -8.65 1.02
C HIS D 52 34.05 -9.68 1.54
N LYS D 53 32.93 -9.80 0.85
CA LYS D 53 31.92 -10.81 1.20
C LYS D 53 31.39 -11.49 -0.05
N VAL D 54 31.06 -12.78 0.06
CA VAL D 54 30.44 -13.48 -1.07
C VAL D 54 29.08 -12.86 -1.32
N PRO D 55 28.62 -12.84 -2.58
CA PRO D 55 27.40 -12.13 -2.96
C PRO D 55 26.20 -12.41 -2.05
N ALA D 56 25.97 -13.67 -1.70
CA ALA D 56 24.87 -14.03 -0.81
C ALA D 56 24.91 -13.18 0.47
N ASP D 57 26.12 -13.04 1.01
CA ASP D 57 26.36 -12.22 2.21
C ASP D 57 26.23 -10.72 1.94
N ILE D 58 26.70 -10.28 0.78
CA ILE D 58 26.56 -8.89 0.35
C ILE D 58 25.10 -8.50 0.46
N ARG D 59 24.23 -9.36 -0.09
CA ARG D 59 22.78 -9.17 0.00
C ARG D 59 22.31 -9.03 1.43
N LYS D 60 22.74 -9.93 2.31
CA LYS D 60 22.29 -9.97 3.71
C LYS D 60 22.70 -8.70 4.46
N ALA D 61 23.88 -8.20 4.15
CA ALA D 61 24.47 -7.10 4.89
C ALA D 61 23.91 -5.73 4.52
N GLY D 62 23.43 -5.61 3.29
CA GLY D 62 22.96 -4.32 2.81
C GLY D 62 24.11 -3.31 2.86
N GLY D 63 23.79 -2.02 2.94
CA GLY D 63 24.81 -0.98 2.93
C GLY D 63 25.65 -0.91 1.66
N VAL D 64 26.80 -0.26 1.72
CA VAL D 64 27.62 -0.08 0.52
C VAL D 64 28.71 -1.15 0.36
N ALA D 65 28.70 -1.83 -0.77
CA ALA D 65 29.67 -2.87 -1.05
C ALA D 65 30.76 -2.29 -1.94
N ARG D 66 31.98 -2.23 -1.40
CA ARG D 66 33.14 -1.69 -2.12
C ARG D 66 34.19 -2.76 -2.40
N MET D 67 35.29 -2.32 -3.00
CA MET D 67 36.49 -3.11 -3.20
C MET D 67 36.91 -3.70 -1.86
N ALA D 68 37.46 -4.91 -1.90
CA ALA D 68 38.01 -5.55 -0.70
C ALA D 68 39.15 -4.72 -0.08
N PRO D 69 39.37 -4.87 1.24
CA PRO D 69 40.49 -4.16 1.88
C PRO D 69 41.79 -4.62 1.25
N VAL D 70 42.77 -3.74 1.12
CA VAL D 70 44.01 -4.11 0.43
C VAL D 70 44.72 -5.27 1.12
N GLU D 71 44.79 -5.23 2.45
CA GLU D 71 45.33 -6.31 3.28
C GLU D 71 44.77 -7.69 2.91
N LYS D 72 43.47 -7.77 2.72
CA LYS D 72 42.78 -9.01 2.39
C LYS D 72 43.18 -9.53 1.00
N ILE D 73 43.23 -8.61 0.03
CA ILE D 73 43.65 -8.98 -1.32
C ILE D 73 45.09 -9.48 -1.28
N GLN D 74 45.96 -8.75 -0.60
CA GLN D 74 47.36 -9.15 -0.43
C GLN D 74 47.42 -10.56 0.12
N GLU D 75 46.79 -10.76 1.28
CA GLU D 75 46.74 -12.03 1.99
C GLU D 75 46.34 -13.15 1.04
N ILE D 76 45.37 -12.86 0.18
CA ILE D 76 44.90 -13.87 -0.75
C ILE D 76 45.93 -14.15 -1.84
N MET D 77 46.58 -13.12 -2.37
CA MET D 77 47.57 -13.31 -3.44
C MET D 77 48.73 -14.13 -2.92
N ASP D 78 49.01 -13.96 -1.62
CA ASP D 78 50.05 -14.72 -0.95
C ASP D 78 49.64 -16.19 -0.79
N ALA D 79 48.39 -16.43 -0.39
CA ALA D 79 47.92 -17.79 -0.14
C ALA D 79 47.92 -18.75 -1.36
N VAL D 80 47.88 -18.22 -2.58
CA VAL D 80 47.77 -19.12 -3.74
C VAL D 80 48.64 -18.75 -4.95
N THR D 81 48.95 -19.80 -5.73
CA THR D 81 49.76 -19.74 -6.94
C THR D 81 48.97 -19.36 -8.20
N ILE D 82 47.70 -19.74 -8.26
CA ILE D 82 46.84 -19.46 -9.41
C ILE D 82 46.52 -17.97 -9.50
N PRO D 83 46.01 -17.50 -10.67
CA PRO D 83 45.70 -16.05 -10.76
C PRO D 83 44.65 -15.59 -9.72
N VAL D 84 44.94 -14.42 -9.16
CA VAL D 84 44.01 -13.74 -8.28
C VAL D 84 43.36 -12.57 -9.03
N MET D 85 42.03 -12.56 -9.02
CA MET D 85 41.26 -11.50 -9.63
C MET D 85 40.64 -10.75 -8.49
N ALA D 86 40.27 -9.49 -8.69
CA ALA D 86 39.57 -8.81 -7.60
C ALA D 86 38.43 -7.94 -8.11
N LYS D 87 37.46 -7.70 -7.25
CA LYS D 87 36.31 -6.90 -7.67
C LYS D 87 36.45 -5.40 -7.37
N CYS D 88 35.93 -4.56 -8.27
CA CYS D 88 35.75 -3.13 -8.00
C CYS D 88 34.36 -2.62 -8.42
N ARG D 89 33.95 -1.54 -7.75
CA ARG D 89 32.68 -0.88 -8.02
C ARG D 89 32.63 -0.34 -9.46
N ILE D 90 31.46 -0.50 -10.10
CA ILE D 90 31.28 -0.03 -11.47
C ILE D 90 31.68 1.43 -11.60
N GLY D 91 32.53 1.72 -12.59
CA GLY D 91 32.93 3.07 -12.88
C GLY D 91 33.94 3.65 -11.89
N HIS D 92 34.34 2.87 -10.89
CA HIS D 92 35.20 3.45 -9.87
C HIS D 92 36.63 3.25 -10.32
N GLU D 93 37.19 4.31 -10.88
CA GLU D 93 38.45 4.20 -11.59
C GLU D 93 39.60 4.04 -10.58
N ALA D 94 39.49 4.71 -9.45
CA ALA D 94 40.54 4.73 -8.45
C ALA D 94 40.70 3.36 -7.85
N GLU D 95 39.57 2.75 -7.51
CA GLU D 95 39.60 1.40 -6.97
C GLU D 95 40.31 0.46 -7.94
N ALA D 96 39.96 0.56 -9.22
CA ALA D 96 40.61 -0.24 -10.26
C ALA D 96 42.13 0.00 -10.33
N ARG D 97 42.57 1.27 -10.31
CA ARG D 97 44.00 1.53 -10.42
C ARG D 97 44.76 1.04 -9.20
N ILE D 98 44.13 1.09 -8.03
CA ILE D 98 44.72 0.52 -6.85
C ILE D 98 44.84 -0.97 -7.01
N LEU D 99 43.81 -1.58 -7.61
CA LEU D 99 43.80 -3.03 -7.77
C LEU D 99 44.92 -3.44 -8.71
N GLU D 100 45.06 -2.68 -9.79
CA GLU D 100 46.07 -2.91 -10.80
C GLU D 100 47.47 -2.76 -10.18
N ALA D 101 47.68 -1.65 -9.48
CA ALA D 101 48.94 -1.38 -8.78
C ALA D 101 49.28 -2.48 -7.78
N LEU D 102 48.25 -3.07 -7.18
CA LEU D 102 48.44 -4.15 -6.22
C LEU D 102 48.91 -5.42 -6.94
N GLY D 103 48.82 -5.40 -8.27
CA GLY D 103 49.23 -6.50 -9.13
C GLY D 103 48.27 -7.67 -9.26
N VAL D 104 46.97 -7.41 -9.17
CA VAL D 104 45.99 -8.46 -9.41
C VAL D 104 46.04 -8.81 -10.88
N ASP D 105 45.64 -10.04 -11.19
CA ASP D 105 45.80 -10.54 -12.56
C ASP D 105 44.65 -10.06 -13.44
N MET D 106 43.50 -9.84 -12.81
CA MET D 106 42.34 -9.36 -13.53
C MET D 106 41.43 -8.58 -12.60
N ILE D 107 40.80 -7.56 -13.17
CA ILE D 107 39.86 -6.75 -12.39
C ILE D 107 38.45 -6.98 -12.89
N ASP D 108 37.54 -7.15 -11.96
CA ASP D 108 36.17 -7.37 -12.33
C ASP D 108 35.37 -6.11 -12.03
N GLU D 109 34.76 -5.52 -13.05
CA GLU D 109 33.97 -4.34 -12.77
C GLU D 109 32.62 -4.93 -12.49
N SER D 110 32.24 -4.95 -11.21
CA SER D 110 31.19 -5.86 -10.80
C SER D 110 29.89 -5.19 -10.43
N GLU D 111 28.80 -5.75 -10.91
CA GLU D 111 27.49 -5.22 -10.63
C GLU D 111 27.02 -5.72 -9.29
N VAL D 112 27.81 -6.56 -8.63
CA VAL D 112 27.44 -6.96 -7.28
C VAL D 112 27.91 -5.99 -6.19
N LEU D 113 28.92 -5.20 -6.51
CA LEU D 113 29.31 -4.09 -5.65
C LEU D 113 28.43 -2.86 -5.94
N THR D 114 28.29 -1.97 -4.96
CA THR D 114 27.47 -0.77 -5.18
C THR D 114 28.09 0.14 -6.24
N PRO D 115 27.39 0.35 -7.37
CA PRO D 115 27.99 1.16 -8.45
C PRO D 115 28.49 2.54 -7.98
N ALA D 116 29.65 2.94 -8.47
CA ALA D 116 30.20 4.25 -8.18
C ALA D 116 29.74 5.39 -9.11
N ASP D 117 29.50 5.05 -10.36
CA ASP D 117 29.12 6.01 -11.40
C ASP D 117 27.76 5.64 -12.04
N PRO D 118 26.76 6.52 -11.90
CA PRO D 118 25.45 6.21 -12.48
C PRO D 118 25.45 6.30 -13.99
N PHE D 119 26.38 7.04 -14.58
CA PHE D 119 26.45 7.18 -16.03
C PHE D 119 27.32 6.25 -16.86
N PHE D 120 28.55 6.01 -16.40
CA PHE D 120 29.58 5.37 -17.24
C PHE D 120 30.36 4.25 -16.55
N HIS D 121 30.82 3.28 -17.32
CA HIS D 121 31.76 2.35 -16.74
C HIS D 121 33.17 2.89 -16.87
N ILE D 122 34.11 2.21 -16.23
CA ILE D 122 35.51 2.56 -16.29
C ILE D 122 36.00 2.40 -17.73
N TYR D 123 36.87 3.30 -18.20
CA TYR D 123 37.31 3.14 -19.58
C TYR D 123 38.52 2.23 -19.53
N LYS D 124 38.28 1.00 -19.94
CA LYS D 124 39.15 -0.08 -19.55
C LYS D 124 40.39 -0.13 -20.41
N LYS D 125 40.26 0.37 -21.64
CA LYS D 125 41.36 0.37 -22.61
C LYS D 125 42.62 1.10 -22.09
N LYS D 126 42.41 2.08 -21.20
CA LYS D 126 43.50 2.86 -20.58
C LYS D 126 44.30 2.08 -19.55
N PHE D 127 43.75 0.97 -19.08
CA PHE D 127 44.43 0.16 -18.08
C PHE D 127 45.43 -0.82 -18.67
N THR D 128 46.46 -1.19 -17.92
CA THR D 128 47.27 -2.33 -18.36
C THR D 128 46.58 -3.63 -17.95
N ALA D 129 46.14 -3.71 -16.69
CA ALA D 129 45.42 -4.90 -16.25
C ALA D 129 44.14 -5.15 -17.10
N PRO D 130 43.86 -6.43 -17.40
CA PRO D 130 42.67 -6.85 -18.16
C PRO D 130 41.41 -6.89 -17.29
N PHE D 131 40.28 -6.56 -17.90
CA PHE D 131 39.03 -6.48 -17.14
C PHE D 131 38.04 -7.59 -17.50
N VAL D 132 37.32 -8.10 -16.51
CA VAL D 132 36.14 -8.90 -16.80
C VAL D 132 34.90 -8.14 -16.36
N CYS D 133 33.86 -8.20 -17.20
CA CYS D 133 32.65 -7.44 -16.94
C CYS D 133 31.42 -8.30 -17.11
N GLY D 134 30.33 -7.89 -16.49
CA GLY D 134 29.09 -8.64 -16.58
C GLY D 134 28.22 -8.14 -17.71
N ALA D 135 27.37 -9.00 -18.23
CA ALA D 135 26.42 -8.60 -19.27
C ALA D 135 25.11 -9.37 -19.17
N ARG D 136 23.97 -8.70 -19.22
CA ARG D 136 22.74 -9.47 -19.22
C ARG D 136 22.16 -9.70 -20.59
N ASN D 137 22.77 -9.10 -21.61
CA ASN D 137 22.40 -9.35 -22.99
C ASN D 137 23.51 -8.91 -23.92
N LEU D 138 23.31 -9.09 -25.22
CA LEU D 138 24.38 -8.77 -26.18
C LEU D 138 24.75 -7.29 -26.23
N GLY D 139 23.77 -6.40 -26.17
CA GLY D 139 24.05 -4.97 -26.16
C GLY D 139 25.05 -4.62 -25.07
N GLU D 140 24.75 -5.09 -23.85
CA GLU D 140 25.61 -4.89 -22.70
C GLU D 140 27.01 -5.43 -22.95
N ALA D 141 27.08 -6.63 -23.54
CA ALA D 141 28.35 -7.33 -23.67
C ALA D 141 29.22 -6.53 -24.59
N VAL D 142 28.64 -6.15 -25.71
CA VAL D 142 29.33 -5.40 -26.75
C VAL D 142 29.80 -4.08 -26.20
N ARG D 143 28.95 -3.34 -25.52
CA ARG D 143 29.41 -2.09 -24.90
C ARG D 143 30.60 -2.33 -23.97
N ARG D 144 30.46 -3.30 -23.07
CA ARG D 144 31.51 -3.66 -22.16
C ARG D 144 32.84 -3.99 -22.86
N ILE D 145 32.73 -4.72 -23.96
CA ILE D 145 33.89 -5.08 -24.75
C ILE D 145 34.50 -3.80 -25.33
N TRP D 146 33.67 -2.97 -25.95
CA TRP D 146 34.15 -1.75 -26.55
C TRP D 146 34.90 -0.89 -25.58
N GLU D 147 34.44 -0.88 -24.34
CA GLU D 147 35.11 -0.11 -23.31
C GLU D 147 36.43 -0.76 -22.91
N GLY D 148 36.68 -1.95 -23.46
CA GLY D 148 37.94 -2.64 -23.25
C GLY D 148 37.99 -3.87 -22.36
N ALA D 149 36.81 -4.39 -22.00
CA ALA D 149 36.74 -5.68 -21.32
C ALA D 149 37.44 -6.76 -22.15
N ALA D 150 38.31 -7.51 -21.49
CA ALA D 150 39.02 -8.64 -22.09
C ALA D 150 38.22 -9.94 -22.02
N MET D 151 37.25 -9.96 -21.13
CA MET D 151 36.47 -11.15 -20.86
C MET D 151 35.10 -10.74 -20.35
N ILE D 152 34.08 -11.45 -20.78
CA ILE D 152 32.78 -11.13 -20.20
C ILE D 152 32.08 -12.34 -19.59
N ARG D 153 31.28 -12.10 -18.55
CA ARG D 153 30.47 -13.14 -17.93
C ARG D 153 29.03 -12.72 -17.87
N THR D 154 28.15 -13.66 -17.63
CA THR D 154 26.76 -13.29 -17.44
C THR D 154 26.62 -12.73 -16.04
N LYS D 155 25.64 -11.86 -15.84
CA LYS D 155 25.44 -11.28 -14.52
C LYS D 155 24.72 -12.28 -13.66
N GLY D 156 23.67 -12.87 -14.25
CA GLY D 156 22.77 -13.73 -13.50
C GLY D 156 22.15 -12.95 -12.37
N GLU D 157 21.73 -13.62 -11.30
CA GLU D 157 21.34 -12.92 -10.09
C GLU D 157 22.30 -13.42 -9.00
N ALA D 158 23.26 -12.58 -8.60
CA ALA D 158 24.36 -13.04 -7.75
C ALA D 158 23.90 -13.33 -6.35
N GLY D 159 24.36 -14.44 -5.77
CA GLY D 159 24.05 -14.76 -4.38
C GLY D 159 22.67 -15.36 -4.12
N THR D 160 21.93 -15.65 -5.18
CA THR D 160 20.61 -16.24 -5.04
C THR D 160 20.60 -17.78 -5.12
N GLY D 161 21.70 -18.39 -5.49
CA GLY D 161 21.71 -19.83 -5.72
C GLY D 161 20.69 -20.26 -6.77
N ASN D 162 20.22 -19.31 -7.55
CA ASN D 162 19.23 -19.59 -8.58
C ASN D 162 19.78 -19.38 -9.98
N ILE D 163 19.89 -20.49 -10.72
CA ILE D 163 20.56 -20.51 -12.02
C ILE D 163 19.74 -19.83 -13.14
N ILE D 164 18.46 -19.57 -12.87
CA ILE D 164 17.56 -19.01 -13.89
C ILE D 164 18.05 -17.72 -14.56
N GLU D 165 18.55 -16.78 -13.78
CA GLU D 165 18.93 -15.53 -14.38
C GLU D 165 20.14 -15.69 -15.26
N ALA D 166 21.12 -16.44 -14.78
CA ALA D 166 22.25 -16.80 -15.64
C ALA D 166 21.78 -17.43 -16.95
N VAL D 167 20.85 -18.39 -16.87
CA VAL D 167 20.38 -19.04 -18.09
C VAL D 167 19.71 -18.04 -19.01
N ARG D 168 18.88 -17.17 -18.45
CA ARG D 168 18.23 -16.14 -19.25
C ARG D 168 19.26 -15.28 -20.01
N HIS D 169 20.29 -14.83 -19.30
CA HIS D 169 21.30 -14.01 -19.93
C HIS D 169 22.07 -14.73 -21.06
N VAL D 170 22.40 -16.01 -20.82
CA VAL D 170 23.06 -16.76 -21.86
C VAL D 170 22.18 -16.87 -23.07
N ARG D 171 20.90 -17.17 -22.87
CA ARG D 171 19.98 -17.31 -23.99
C ARG D 171 19.80 -16.02 -24.77
N LEU D 172 19.58 -14.92 -24.05
CA LEU D 172 19.45 -13.61 -24.69
C LEU D 172 20.67 -13.30 -25.54
N VAL D 173 21.88 -13.51 -25.00
CA VAL D 173 23.08 -13.23 -25.76
C VAL D 173 23.15 -14.13 -26.99
N ASN D 174 23.02 -15.43 -26.79
CA ASN D 174 23.11 -16.37 -27.92
C ASN D 174 22.09 -16.11 -29.03
N GLU D 175 20.81 -15.99 -28.69
CA GLU D 175 19.79 -15.71 -29.68
C GLU D 175 20.11 -14.41 -30.40
N ASN D 176 20.55 -13.39 -29.66
CA ASN D 176 20.94 -12.15 -30.34
C ASN D 176 22.08 -12.32 -31.31
N ILE D 177 23.07 -13.13 -30.98
CA ILE D 177 24.10 -13.49 -31.97
C ILE D 177 23.51 -14.19 -33.20
N ARG D 178 22.68 -15.21 -33.01
CA ARG D 178 22.09 -15.88 -34.16
C ARG D 178 21.30 -14.89 -35.03
N LEU D 179 20.57 -13.99 -34.37
CA LEU D 179 19.86 -12.93 -35.09
C LEU D 179 20.82 -12.07 -35.95
N ILE D 180 21.92 -11.62 -35.35
CA ILE D 180 22.96 -10.91 -36.08
C ILE D 180 23.42 -11.68 -37.32
N GLN D 181 23.79 -12.95 -37.15
CA GLN D 181 24.18 -13.75 -38.29
C GLN D 181 23.13 -13.84 -39.41
N ARG D 182 21.85 -13.70 -39.10
CA ARG D 182 20.83 -13.72 -40.17
C ARG D 182 20.57 -12.36 -40.82
N MET D 183 21.37 -11.35 -40.47
CA MET D 183 21.10 -9.99 -40.90
C MET D 183 22.05 -9.46 -41.97
N THR D 184 21.52 -8.60 -42.84
CA THR D 184 22.32 -7.85 -43.79
C THR D 184 23.17 -6.86 -43.02
N ASP D 185 24.30 -6.46 -43.57
CA ASP D 185 25.16 -5.46 -42.90
C ASP D 185 24.42 -4.17 -42.43
N GLU D 186 23.48 -3.68 -43.24
CA GLU D 186 22.75 -2.43 -42.95
C GLU D 186 21.91 -2.61 -41.70
N GLU D 187 21.22 -3.76 -41.63
CA GLU D 187 20.37 -4.12 -40.50
C GLU D 187 21.20 -4.15 -39.21
N ILE D 188 22.34 -4.82 -39.31
CA ILE D 188 23.32 -4.84 -38.24
C ILE D 188 23.70 -3.44 -37.82
N TYR D 189 23.87 -2.54 -38.78
CA TYR D 189 24.15 -1.16 -38.42
C TYR D 189 23.07 -0.60 -37.50
N GLY D 190 21.81 -0.84 -37.85
CA GLY D 190 20.71 -0.42 -37.00
C GLY D 190 20.84 -0.91 -35.56
N VAL D 191 21.11 -2.21 -35.43
CA VAL D 191 21.35 -2.77 -34.10
C VAL D 191 22.50 -2.04 -33.39
N ALA D 192 23.55 -1.71 -34.13
CA ALA D 192 24.66 -0.95 -33.56
C ALA D 192 24.21 0.41 -33.00
N GLU D 193 23.34 1.07 -33.74
CA GLU D 193 22.75 2.31 -33.28
C GLU D 193 22.05 2.11 -31.93
N LYS D 194 21.15 1.13 -31.90
CA LYS D 194 20.43 0.81 -30.66
C LYS D 194 21.39 0.52 -29.48
N PHE D 195 22.45 -0.25 -29.75
CA PHE D 195 23.36 -0.66 -28.68
C PHE D 195 24.21 0.47 -28.11
N ALA D 196 24.31 1.56 -28.85
CA ALA D 196 25.11 2.66 -28.36
C ALA D 196 24.28 3.69 -27.61
N GLU D 197 22.95 3.56 -27.65
CA GLU D 197 22.07 4.54 -26.99
C GLU D 197 22.41 4.90 -25.53
N PRO D 198 22.70 3.91 -24.68
CA PRO D 198 22.92 4.23 -23.26
C PRO D 198 23.95 5.31 -22.96
N TYR D 199 24.89 5.55 -23.87
CA TYR D 199 25.94 6.54 -23.60
C TYR D 199 25.35 7.95 -23.56
N LEU D 200 24.28 8.15 -24.31
CA LEU D 200 23.56 9.44 -24.37
C LEU D 200 22.89 9.88 -23.08
N ARG D 201 22.86 8.99 -22.10
CA ARG D 201 22.03 9.17 -20.90
C ARG D 201 22.51 10.43 -20.14
N LEU D 202 23.81 10.66 -20.06
CA LEU D 202 24.22 11.79 -19.23
C LEU D 202 24.09 13.06 -20.03
N ALA D 203 24.32 12.99 -21.34
CA ALA D 203 24.01 14.13 -22.21
C ALA D 203 22.56 14.59 -22.02
N PHE D 204 21.63 13.64 -22.18
CA PHE D 204 20.21 13.97 -22.20
C PHE D 204 19.75 14.55 -20.87
N SER D 205 20.31 14.03 -19.78
CA SER D 205 19.99 14.52 -18.44
C SER D 205 20.31 16.00 -18.37
N VAL D 206 21.46 16.33 -18.92
CA VAL D 206 21.90 17.68 -18.91
C VAL D 206 21.10 18.55 -19.88
N LYS D 207 20.74 18.02 -21.04
CA LYS D 207 19.86 18.78 -21.94
C LYS D 207 18.59 19.15 -21.20
N GLU D 208 18.01 18.18 -20.51
CA GLU D 208 16.78 18.45 -19.81
C GLU D 208 16.97 19.54 -18.72
N ILE D 209 18.05 19.46 -17.97
CA ILE D 209 18.36 20.50 -16.97
C ILE D 209 18.50 21.87 -17.62
N SER D 210 19.06 21.87 -18.84
CA SER D 210 19.30 23.11 -19.58
C SER D 210 18.09 23.63 -20.36
N GLY D 211 16.97 22.91 -20.24
CA GLY D 211 15.76 23.32 -20.93
C GLY D 211 15.82 23.17 -22.44
N LEU D 212 16.77 22.38 -22.93
CA LEU D 212 16.83 21.99 -24.33
C LEU D 212 16.12 20.65 -24.59
N PRO D 213 15.74 20.39 -25.85
CA PRO D 213 15.19 19.06 -26.19
C PRO D 213 16.27 17.95 -26.13
N LYS D 214 15.86 16.69 -25.91
CA LYS D 214 16.88 15.65 -25.80
C LYS D 214 17.15 15.08 -27.19
N ARG D 215 18.27 15.49 -27.75
CA ARG D 215 18.53 15.18 -29.12
C ARG D 215 19.96 14.84 -29.19
N VAL D 216 20.30 13.98 -30.14
CA VAL D 216 21.68 13.65 -30.34
C VAL D 216 22.25 14.64 -31.35
N LEU D 217 23.31 15.32 -30.93
CA LEU D 217 24.00 16.27 -31.81
C LEU D 217 25.24 15.58 -32.39
N GLU D 218 25.46 15.77 -33.69
CA GLU D 218 26.41 14.96 -34.45
C GLU D 218 27.88 15.07 -34.05
N ASN D 219 28.31 16.29 -33.70
CA ASN D 219 29.69 16.50 -33.31
C ASN D 219 29.94 16.53 -31.81
N GLU D 220 28.89 16.24 -31.04
CA GLU D 220 28.94 16.31 -29.59
C GLU D 220 29.65 15.11 -28.95
N PRO D 221 30.77 15.35 -28.23
CA PRO D 221 31.47 14.28 -27.48
C PRO D 221 30.70 13.82 -26.22
N ILE D 222 30.43 12.53 -26.19
CA ILE D 222 29.56 11.89 -25.20
C ILE D 222 30.42 11.28 -24.12
N TYR D 223 31.31 10.38 -24.54
CA TYR D 223 32.11 9.56 -23.61
C TYR D 223 33.57 9.40 -24.05
N GLU D 224 34.49 9.65 -23.12
CA GLU D 224 35.93 9.52 -23.35
C GLU D 224 36.40 10.06 -24.71
N GLY D 225 35.85 11.20 -25.10
CA GLY D 225 36.20 11.83 -26.35
C GLY D 225 35.38 11.42 -27.55
N PHE D 226 34.69 10.30 -27.46
CA PHE D 226 33.94 9.81 -28.62
C PHE D 226 32.58 10.49 -28.86
N THR D 227 32.27 10.70 -30.13
CA THR D 227 30.97 11.22 -30.53
C THR D 227 30.02 10.03 -30.52
N TYR D 228 28.71 10.26 -30.36
CA TYR D 228 27.77 9.13 -30.44
C TYR D 228 27.96 8.28 -31.72
N ARG D 229 28.06 8.94 -32.86
CA ARG D 229 28.20 8.25 -34.12
C ARG D 229 29.48 7.45 -34.16
N GLU D 230 30.52 7.98 -33.55
CA GLU D 230 31.80 7.28 -33.48
C GLU D 230 31.64 5.94 -32.75
N ILE D 231 30.96 6.00 -31.60
CA ILE D 231 30.65 4.80 -30.84
C ILE D 231 29.84 3.83 -31.69
N VAL D 232 28.90 4.36 -32.46
CA VAL D 232 27.98 3.53 -33.16
C VAL D 232 28.84 2.75 -34.17
N GLU D 233 29.85 3.42 -34.74
CA GLU D 233 30.75 2.82 -35.75
C GLU D 233 31.60 1.69 -35.17
N ASP D 234 32.28 1.99 -34.06
CA ASP D 234 33.13 0.99 -33.41
C ASP D 234 32.32 -0.28 -33.02
N ILE D 235 31.16 -0.03 -32.42
CA ILE D 235 30.24 -1.10 -32.01
C ILE D 235 29.87 -1.92 -33.23
N TYR D 236 29.47 -1.25 -34.30
CA TYR D 236 29.12 -1.91 -35.55
C TYR D 236 30.25 -2.85 -35.98
N LYS D 237 31.48 -2.37 -35.90
CA LYS D 237 32.61 -3.19 -36.25
C LYS D 237 32.59 -4.47 -35.42
N ILE D 238 32.46 -4.30 -34.11
CA ILE D 238 32.41 -5.43 -33.18
C ILE D 238 31.29 -6.44 -33.52
N LEU D 239 30.13 -5.91 -33.84
CA LEU D 239 29.02 -6.74 -34.21
C LEU D 239 29.38 -7.58 -35.41
N LEU D 240 30.06 -6.98 -36.40
CA LEU D 240 30.42 -7.69 -37.62
C LEU D 240 31.39 -8.84 -37.33
N GLU D 241 32.37 -8.54 -36.47
CA GLU D 241 33.29 -9.56 -36.01
C GLU D 241 32.52 -10.72 -35.35
N ILE D 242 31.53 -10.38 -34.53
CA ILE D 242 30.69 -11.39 -33.93
C ILE D 242 29.97 -12.23 -34.99
N LYS D 243 29.37 -11.57 -35.97
CA LYS D 243 28.67 -12.26 -37.05
C LYS D 243 29.56 -13.34 -37.71
N LYS D 244 30.80 -12.96 -38.01
CA LYS D 244 31.77 -13.93 -38.53
C LYS D 244 32.05 -15.04 -37.54
N LEU D 245 32.43 -14.66 -36.32
CA LEU D 245 32.83 -15.59 -35.27
C LEU D 245 31.75 -16.53 -34.77
N GLY D 246 30.49 -16.12 -34.80
CA GLY D 246 29.42 -16.94 -34.25
C GLY D 246 29.36 -16.92 -32.72
N ARG D 247 30.29 -16.20 -32.13
CA ARG D 247 30.31 -16.06 -30.70
C ARG D 247 30.94 -14.71 -30.30
N LEU D 248 31.22 -14.52 -29.01
CA LEU D 248 31.86 -13.27 -28.60
C LEU D 248 33.35 -13.37 -28.83
N PRO D 249 33.96 -12.27 -29.24
CA PRO D 249 35.39 -12.12 -29.50
C PRO D 249 36.25 -12.34 -28.26
N VAL D 250 35.64 -12.42 -27.08
CA VAL D 250 36.42 -12.69 -25.88
C VAL D 250 35.95 -13.94 -25.15
N VAL D 251 36.76 -14.41 -24.21
CA VAL D 251 36.36 -15.53 -23.39
C VAL D 251 35.05 -15.16 -22.68
N ASN D 252 34.08 -16.07 -22.74
CA ASN D 252 32.74 -15.81 -22.21
C ASN D 252 32.30 -16.80 -21.11
N PHE D 253 32.18 -16.35 -19.86
CA PHE D 253 31.88 -17.27 -18.74
C PHE D 253 30.45 -17.11 -18.22
N ALA D 254 29.91 -18.20 -17.70
CA ALA D 254 28.65 -18.15 -16.97
C ALA D 254 28.87 -17.78 -15.50
N ALA D 255 27.98 -16.98 -14.94
CA ALA D 255 28.13 -16.58 -13.54
C ALA D 255 26.79 -16.32 -12.92
N GLY D 256 26.77 -16.33 -11.58
CA GLY D 256 25.53 -16.06 -10.88
C GLY D 256 24.52 -17.11 -10.50
N GLY D 257 24.70 -17.68 -9.31
CA GLY D 257 23.70 -18.57 -8.78
C GLY D 257 23.97 -19.98 -9.19
N VAL D 258 25.24 -20.32 -9.41
CA VAL D 258 25.56 -21.72 -9.63
C VAL D 258 25.68 -22.36 -8.25
N ALA D 259 24.76 -23.26 -7.95
CA ALA D 259 24.71 -23.84 -6.61
C ALA D 259 25.09 -25.30 -6.49
N THR D 260 25.15 -26.01 -7.61
CA THR D 260 25.36 -27.44 -7.64
C THR D 260 26.14 -27.85 -8.89
N PRO D 261 26.81 -29.01 -8.85
CA PRO D 261 27.48 -29.55 -10.03
C PRO D 261 26.61 -29.53 -11.27
N ALA D 262 25.36 -29.94 -11.14
CA ALA D 262 24.49 -29.95 -12.31
C ALA D 262 24.33 -28.58 -12.94
N ASP D 263 24.25 -27.55 -12.10
CA ASP D 263 24.18 -26.17 -12.58
C ASP D 263 25.36 -25.85 -13.48
N ALA D 264 26.56 -26.04 -12.97
CA ALA D 264 27.78 -25.78 -13.75
C ALA D 264 27.78 -26.54 -15.05
N ALA D 265 27.42 -27.82 -15.00
CA ALA D 265 27.38 -28.62 -16.22
C ALA D 265 26.39 -28.01 -17.21
N LEU D 266 25.20 -27.64 -16.78
CA LEU D 266 24.23 -26.99 -17.67
C LEU D 266 24.83 -25.77 -18.38
N MET D 267 25.45 -24.89 -17.61
CA MET D 267 26.11 -23.74 -18.22
C MET D 267 27.13 -24.17 -19.29
N MET D 268 28.03 -25.08 -18.94
CA MET D 268 28.99 -25.58 -19.93
C MET D 268 28.29 -26.11 -21.16
N ALA D 269 27.19 -26.81 -20.93
CA ALA D 269 26.48 -27.47 -22.01
C ALA D 269 25.76 -26.46 -22.89
N MET D 270 25.62 -25.23 -22.41
CA MET D 270 25.00 -24.21 -23.24
C MET D 270 26.04 -23.43 -24.04
N GLY D 271 27.31 -23.82 -23.90
CA GLY D 271 28.35 -23.26 -24.73
C GLY D 271 29.19 -22.18 -24.06
N MET D 272 29.06 -22.06 -22.76
CA MET D 272 29.92 -21.16 -22.01
C MET D 272 31.35 -21.72 -21.90
N ASP D 273 32.32 -20.83 -21.72
CA ASP D 273 33.71 -21.26 -21.66
C ASP D 273 34.14 -21.73 -20.28
N GLY D 274 33.33 -21.44 -19.29
CA GLY D 274 33.76 -21.61 -17.91
C GLY D 274 32.76 -21.01 -16.94
N VAL D 275 32.99 -21.18 -15.65
CA VAL D 275 31.98 -20.87 -14.67
C VAL D 275 32.61 -20.08 -13.51
N PHE D 276 31.91 -19.03 -13.08
CA PHE D 276 32.27 -18.30 -11.86
C PHE D 276 31.33 -18.81 -10.81
N VAL D 277 31.85 -19.23 -9.66
CA VAL D 277 30.94 -19.47 -8.53
C VAL D 277 31.46 -18.89 -7.21
N GLY D 278 30.74 -17.90 -6.66
CA GLY D 278 31.03 -17.50 -5.31
C GLY D 278 30.30 -18.16 -4.17
N SER D 279 28.99 -17.97 -4.18
CA SER D 279 28.17 -18.26 -3.00
C SER D 279 27.86 -19.73 -2.93
N GLY D 280 27.69 -20.35 -4.09
CA GLY D 280 27.37 -21.78 -4.15
C GLY D 280 28.30 -22.67 -3.34
N ILE D 281 29.58 -22.32 -3.34
CA ILE D 281 30.59 -23.10 -2.62
C ILE D 281 30.72 -22.83 -1.13
N PHE D 282 30.89 -21.57 -0.74
CA PHE D 282 31.14 -21.32 0.67
C PHE D 282 29.89 -21.13 1.54
N LYS D 283 28.74 -21.03 0.91
CA LYS D 283 27.48 -20.98 1.63
C LYS D 283 26.89 -22.37 1.64
N SER D 284 27.63 -23.29 1.07
CA SER D 284 27.31 -24.71 1.08
C SER D 284 27.76 -25.38 2.40
N SER D 285 27.15 -26.50 2.77
CA SER D 285 27.56 -27.19 4.01
C SER D 285 28.99 -27.74 4.04
N ASN D 286 29.48 -28.28 2.92
CA ASN D 286 30.81 -28.87 2.80
C ASN D 286 31.58 -28.19 1.65
N PRO D 287 32.08 -26.97 1.90
CA PRO D 287 32.69 -26.20 0.81
C PRO D 287 33.77 -26.91 -0.01
N PRO D 288 34.75 -27.60 0.61
CA PRO D 288 35.77 -28.22 -0.24
C PRO D 288 35.20 -29.30 -1.16
N LYS D 289 34.26 -30.05 -0.63
CA LYS D 289 33.65 -31.11 -1.39
C LYS D 289 32.90 -30.53 -2.59
N MET D 290 32.08 -29.53 -2.33
CA MET D 290 31.32 -28.83 -3.37
C MET D 290 32.23 -28.17 -4.40
N ALA D 291 33.27 -27.49 -3.93
CA ALA D 291 34.27 -26.92 -4.81
C ALA D 291 34.83 -27.96 -5.81
N ARG D 292 35.51 -28.98 -5.30
CA ARG D 292 36.01 -30.02 -6.18
C ARG D 292 34.94 -30.59 -7.10
N ALA D 293 33.72 -30.71 -6.58
CA ALA D 293 32.63 -31.31 -7.33
C ALA D 293 32.31 -30.47 -8.54
N ILE D 294 32.24 -29.16 -8.33
CA ILE D 294 31.91 -28.22 -9.41
C ILE D 294 33.03 -28.19 -10.45
N VAL D 295 34.28 -28.17 -9.99
CA VAL D 295 35.41 -28.29 -10.90
C VAL D 295 35.30 -29.54 -11.78
N GLU D 296 35.10 -30.70 -11.15
CA GLU D 296 35.02 -31.94 -11.90
C GLU D 296 33.80 -31.96 -12.81
N ALA D 297 32.76 -31.25 -12.39
CA ALA D 297 31.56 -31.12 -13.20
C ALA D 297 31.86 -30.35 -14.46
N VAL D 298 32.63 -29.27 -14.35
CA VAL D 298 32.98 -28.46 -15.52
C VAL D 298 33.92 -29.22 -16.46
N ASN D 299 34.79 -30.05 -15.90
CA ASN D 299 35.67 -30.88 -16.72
C ASN D 299 34.94 -32.03 -17.41
N HIS D 300 33.98 -32.61 -16.70
CA HIS D 300 33.15 -33.71 -17.22
C HIS D 300 31.71 -33.44 -17.69
N TRP D 301 31.39 -32.19 -17.96
CA TRP D 301 30.00 -31.80 -18.25
C TRP D 301 29.21 -32.56 -19.30
N ASP D 302 29.90 -33.15 -20.27
CA ASP D 302 29.22 -33.93 -21.31
C ASP D 302 29.09 -35.43 -20.97
N GLU D 303 29.47 -35.79 -19.75
CA GLU D 303 29.45 -37.17 -19.31
C GLU D 303 28.50 -37.34 -18.11
N PRO D 304 27.22 -37.62 -18.39
CA PRO D 304 26.19 -37.78 -17.37
C PRO D 304 26.53 -38.82 -16.30
N ASP D 305 27.21 -39.90 -16.69
CA ASP D 305 27.54 -40.94 -15.73
C ASP D 305 28.50 -40.40 -14.70
N VAL D 306 29.48 -39.65 -15.17
CA VAL D 306 30.42 -38.97 -14.29
C VAL D 306 29.74 -37.91 -13.45
N LEU D 307 28.89 -37.06 -14.04
CA LEU D 307 28.18 -35.99 -13.29
C LEU D 307 27.46 -36.59 -12.11
N ALA D 308 26.77 -37.69 -12.42
CA ALA D 308 26.03 -38.48 -11.43
C ALA D 308 26.90 -38.95 -10.28
N GLU D 309 28.04 -39.54 -10.57
CA GLU D 309 28.92 -39.96 -9.49
C GLU D 309 29.46 -38.77 -8.69
N ILE D 310 29.72 -37.68 -9.40
CA ILE D 310 30.39 -36.51 -8.88
C ILE D 310 29.58 -35.86 -7.81
N SER D 311 28.25 -35.90 -7.98
CA SER D 311 27.46 -35.29 -6.90
C SER D 311 26.81 -36.31 -5.98
N ARG D 312 27.62 -37.10 -5.31
CA ARG D 312 27.13 -38.07 -4.34
C ARG D 312 27.33 -37.66 -2.87
N GLU D 313 28.22 -36.74 -2.56
CA GLU D 313 28.10 -36.17 -1.22
C GLU D 313 28.28 -34.67 -1.19
N ILE D 314 27.20 -33.99 -0.83
CA ILE D 314 27.23 -32.64 -0.31
C ILE D 314 25.81 -32.19 0.05
N GLY D 315 25.76 -31.23 0.93
CA GLY D 315 24.57 -30.83 1.63
C GLY D 315 24.02 -29.47 1.41
N GLU D 316 23.96 -29.06 0.17
CA GLU D 316 24.13 -27.68 -0.04
C GLU D 316 23.34 -27.14 -1.14
N PRO D 317 23.26 -25.82 -0.95
CA PRO D 317 22.02 -25.13 -1.07
C PRO D 317 22.20 -23.64 -0.91
N MET D 318 21.04 -22.99 -0.84
CA MET D 318 20.96 -21.58 -0.56
C MET D 318 19.49 -21.18 -0.50
N ARG D 319 19.29 -19.90 -0.19
CA ARG D 319 17.97 -19.27 -0.17
C ARG D 319 17.66 -18.68 -1.54
N GLY D 320 16.75 -17.70 -1.55
CA GLY D 320 16.43 -16.80 -2.68
C GLY D 320 15.61 -17.22 -3.93
N GLN D 321 14.29 -17.21 -3.75
CA GLN D 321 13.33 -17.33 -4.85
C GLN D 321 13.18 -16.03 -5.69
N ALA D 322 12.82 -16.06 -6.97
CA ALA D 322 11.78 -15.14 -7.48
C ALA D 322 11.36 -13.95 -6.58
N ILE D 323 10.23 -14.22 -5.90
CA ILE D 323 9.67 -13.38 -4.86
C ILE D 323 10.66 -12.98 -3.76
N GLU D 324 10.79 -11.67 -3.61
CA GLU D 324 11.62 -11.02 -2.59
C GLU D 324 13.12 -11.24 -2.73
N GLU D 325 13.66 -11.11 -3.94
CA GLU D 325 15.12 -11.01 -4.06
C GLU D 325 15.58 -9.65 -3.45
N LEU D 326 14.69 -8.66 -3.42
CA LEU D 326 14.87 -7.39 -2.68
C LEU D 326 15.97 -6.45 -3.18
N GLN D 327 16.83 -6.97 -4.05
CA GLN D 327 17.95 -6.22 -4.62
C GLN D 327 18.08 -6.22 -6.15
N VAL D 328 17.72 -7.32 -6.82
CA VAL D 328 17.78 -7.48 -8.30
C VAL D 328 19.05 -6.87 -8.93
N ARG D 329 20.18 -7.56 -8.74
CA ARG D 329 21.51 -7.01 -8.95
C ARG D 329 21.98 -7.04 -10.43
N MET D 330 21.06 -7.39 -11.32
CA MET D 330 21.28 -7.40 -12.77
C MET D 330 21.11 -6.03 -13.43
N GLU D 331 21.53 -4.95 -12.78
CA GLU D 331 21.59 -3.61 -13.41
C GLU D 331 22.96 -2.86 -13.37
N GLU D 332 23.50 -2.58 -14.56
CA GLU D 332 24.65 -1.71 -14.80
C GLU D 332 24.50 -0.83 -16.06
N ARG D 333 24.37 -1.50 -17.21
CA ARG D 333 24.21 -0.89 -18.55
C ARG D 333 25.08 0.34 -18.77
N MET E 1 15.98 -41.20 -45.62
CA MET E 1 16.74 -40.13 -44.95
C MET E 1 15.83 -39.32 -44.01
N ASP E 2 15.02 -38.47 -44.62
CA ASP E 2 13.95 -37.76 -43.92
C ASP E 2 12.93 -38.75 -43.30
N LYS E 3 12.49 -39.71 -44.12
CA LYS E 3 11.45 -40.66 -43.73
C LYS E 3 11.91 -41.58 -42.57
N LEU E 4 13.20 -41.84 -42.50
CA LEU E 4 13.72 -42.72 -41.47
C LEU E 4 13.83 -41.94 -40.17
N LYS E 5 14.26 -40.68 -40.29
CA LYS E 5 14.27 -39.78 -39.14
C LYS E 5 12.87 -39.82 -38.53
N ILE E 6 11.87 -39.52 -39.38
CA ILE E 6 10.49 -39.50 -38.94
C ILE E 6 10.13 -40.84 -38.28
N ILE E 7 10.70 -41.94 -38.80
CA ILE E 7 10.44 -43.26 -38.23
C ILE E 7 10.96 -43.56 -36.81
N MET E 8 12.25 -43.38 -36.50
CA MET E 8 12.58 -43.54 -35.06
C MET E 8 11.92 -42.52 -34.15
N GLU E 9 11.66 -41.30 -34.68
CA GLU E 9 10.99 -40.32 -33.85
C GLU E 9 9.74 -41.02 -33.32
N LYS E 10 8.98 -41.56 -34.25
CA LYS E 10 7.79 -42.30 -33.88
C LYS E 10 7.97 -43.66 -33.11
N GLY E 11 8.83 -44.61 -33.49
CA GLY E 11 9.01 -45.84 -32.70
C GLY E 11 9.43 -45.64 -31.26
N THR E 12 10.43 -44.77 -31.08
CA THR E 12 10.86 -44.40 -29.74
C THR E 12 9.78 -43.68 -28.95
N GLU E 13 9.10 -42.70 -29.58
CA GLU E 13 7.97 -42.05 -28.93
C GLU E 13 6.99 -43.11 -28.43
N ARG E 14 6.55 -44.00 -29.31
CA ARG E 14 5.58 -45.01 -28.91
C ARG E 14 6.06 -45.90 -27.77
N LEU E 15 7.34 -46.22 -27.76
CA LEU E 15 7.90 -46.99 -26.63
C LEU E 15 7.81 -46.25 -25.31
N LYS E 16 8.26 -44.99 -25.33
CA LYS E 16 8.25 -44.12 -24.17
C LYS E 16 6.81 -44.04 -23.64
N ARG E 17 5.88 -43.70 -24.54
CA ARG E 17 4.45 -43.64 -24.26
C ARG E 17 4.01 -44.95 -23.59
N GLY E 18 4.53 -46.06 -24.11
CA GLY E 18 4.22 -47.39 -23.61
C GLY E 18 4.53 -47.62 -22.14
N PHE E 19 5.69 -47.11 -21.73
CA PHE E 19 6.00 -47.15 -20.29
C PHE E 19 4.91 -46.49 -19.43
N ALA E 20 4.47 -45.32 -19.85
CA ALA E 20 3.45 -44.60 -19.13
C ALA E 20 2.23 -45.46 -18.93
N LYS E 21 1.87 -46.22 -19.95
CA LYS E 21 0.69 -47.08 -19.81
C LYS E 21 0.79 -48.09 -18.67
N MET E 22 2.00 -48.58 -18.40
CA MET E 22 2.15 -49.42 -17.19
C MET E 22 1.59 -48.87 -15.87
N VAL E 23 1.64 -47.56 -15.72
CA VAL E 23 1.37 -46.92 -14.47
C VAL E 23 -0.11 -46.50 -14.35
N LYS E 24 -0.81 -46.61 -15.48
CA LYS E 24 -2.22 -46.22 -15.65
C LYS E 24 -3.14 -46.89 -14.65
N GLY E 25 -4.13 -46.15 -14.14
CA GLY E 25 -5.10 -46.70 -13.21
C GLY E 25 -4.73 -46.68 -11.75
N GLY E 26 -3.48 -46.32 -11.45
CA GLY E 26 -3.00 -46.29 -10.07
C GLY E 26 -2.63 -44.94 -9.46
N VAL E 27 -1.98 -45.00 -8.30
CA VAL E 27 -1.57 -43.78 -7.62
C VAL E 27 -0.03 -43.69 -7.58
N ILE E 28 0.53 -42.54 -7.90
CA ILE E 28 1.96 -42.36 -7.80
C ILE E 28 2.22 -41.44 -6.65
N MET E 29 3.15 -41.80 -5.78
CA MET E 29 3.27 -41.08 -4.54
C MET E 29 4.59 -40.36 -4.36
N ASP E 30 4.56 -39.06 -4.03
CA ASP E 30 5.80 -38.37 -3.69
C ASP E 30 6.41 -38.91 -2.41
N VAL E 31 7.72 -39.10 -2.44
CA VAL E 31 8.45 -39.78 -1.39
C VAL E 31 9.81 -39.09 -1.23
N THR E 32 10.17 -38.73 0.00
CA THR E 32 11.44 -38.06 0.24
C THR E 32 12.56 -38.95 0.76
N ASN E 33 12.22 -40.18 1.15
CA ASN E 33 13.19 -41.07 1.80
C ASN E 33 12.82 -42.56 1.68
N ALA E 34 13.76 -43.41 2.05
CA ALA E 34 13.53 -44.85 2.10
C ALA E 34 12.21 -45.29 2.78
N GLU E 35 11.99 -44.84 4.02
CA GLU E 35 10.73 -45.16 4.72
C GLU E 35 9.49 -44.87 3.92
N GLN E 36 9.37 -43.64 3.47
CA GLN E 36 8.21 -43.24 2.73
C GLN E 36 8.05 -44.07 1.47
N ALA E 37 9.17 -44.41 0.83
CA ALA E 37 9.13 -45.25 -0.34
C ALA E 37 8.47 -46.55 0.01
N ARG E 38 8.89 -47.12 1.13
CA ARG E 38 8.32 -48.40 1.58
C ARG E 38 6.85 -48.33 1.92
N ILE E 39 6.46 -47.32 2.68
CA ILE E 39 5.07 -47.10 3.04
C ILE E 39 4.20 -47.00 1.79
N ALA E 40 4.72 -46.24 0.83
CA ALA E 40 4.08 -46.06 -0.46
C ALA E 40 3.86 -47.37 -1.21
N GLU E 41 4.94 -48.13 -1.38
CA GLU E 41 4.84 -49.43 -2.08
C GLU E 41 3.86 -50.36 -1.40
N GLU E 42 4.02 -50.47 -0.09
CA GLU E 42 3.22 -51.33 0.76
C GLU E 42 1.76 -50.97 0.67
N ALA E 43 1.48 -49.70 0.39
CA ALA E 43 0.11 -49.21 0.33
C ALA E 43 -0.53 -49.34 -1.06
N GLY E 44 0.22 -49.85 -2.04
CA GLY E 44 -0.37 -50.11 -3.33
C GLY E 44 -0.09 -49.03 -4.36
N ALA E 45 0.91 -48.22 -4.07
CA ALA E 45 1.36 -47.24 -5.02
C ALA E 45 1.91 -47.97 -6.24
N VAL E 46 1.51 -47.57 -7.44
CA VAL E 46 2.10 -48.14 -8.66
C VAL E 46 3.51 -47.65 -8.88
N ALA E 47 3.87 -46.53 -8.28
CA ALA E 47 5.22 -45.98 -8.40
C ALA E 47 5.44 -44.82 -7.44
N VAL E 48 6.69 -44.52 -7.17
CA VAL E 48 6.96 -43.41 -6.27
C VAL E 48 7.66 -42.31 -7.05
N MET E 49 7.52 -41.08 -6.55
CA MET E 49 8.15 -39.88 -7.10
C MET E 49 9.16 -39.32 -6.10
N ALA E 50 10.43 -39.38 -6.44
CA ALA E 50 11.45 -38.96 -5.52
C ALA E 50 11.71 -37.47 -5.61
N LEU E 51 11.67 -36.83 -4.45
CA LEU E 51 12.06 -35.44 -4.37
C LEU E 51 12.66 -35.15 -3.01
N HIS E 52 13.20 -33.93 -2.85
CA HIS E 52 13.85 -33.55 -1.62
C HIS E 52 12.85 -33.28 -0.51
N LYS E 53 11.81 -32.52 -0.83
CA LYS E 53 10.72 -32.22 0.12
C LYS E 53 9.39 -32.30 -0.61
N VAL E 54 8.36 -32.78 0.06
CA VAL E 54 7.01 -32.74 -0.52
C VAL E 54 6.61 -31.29 -0.77
N PRO E 55 5.79 -31.05 -1.79
CA PRO E 55 5.43 -29.70 -2.18
C PRO E 55 4.99 -28.79 -1.02
N ALA E 56 4.14 -29.26 -0.11
CA ALA E 56 3.72 -28.46 1.03
C ALA E 56 4.93 -27.88 1.78
N ASP E 57 5.93 -28.74 1.99
CA ASP E 57 7.17 -28.33 2.63
C ASP E 57 8.00 -27.43 1.73
N ILE E 58 8.01 -27.71 0.42
CA ILE E 58 8.70 -26.85 -0.54
C ILE E 58 8.23 -25.42 -0.32
N ARG E 59 6.91 -25.26 -0.25
CA ARG E 59 6.29 -23.96 0.03
C ARG E 59 6.79 -23.34 1.33
N LYS E 60 6.77 -24.13 2.40
CA LYS E 60 7.19 -23.58 3.71
C LYS E 60 8.64 -23.12 3.71
N ALA E 61 9.48 -23.85 2.98
CA ALA E 61 10.92 -23.62 3.05
C ALA E 61 11.38 -22.41 2.27
N GLY E 62 10.65 -22.06 1.21
CA GLY E 62 11.11 -21.00 0.32
C GLY E 62 12.44 -21.38 -0.31
N GLY E 63 13.20 -20.38 -0.78
CA GLY E 63 14.48 -20.64 -1.39
C GLY E 63 14.39 -21.39 -2.70
N VAL E 64 15.53 -21.96 -3.16
CA VAL E 64 15.55 -22.65 -4.45
C VAL E 64 15.29 -24.15 -4.29
N ALA E 65 14.31 -24.69 -5.02
CA ALA E 65 14.00 -26.12 -4.99
C ALA E 65 14.58 -26.81 -6.21
N ARG E 66 15.53 -27.71 -5.98
CA ARG E 66 16.21 -28.40 -7.05
C ARG E 66 15.93 -29.89 -7.05
N MET E 67 16.59 -30.60 -7.96
CA MET E 67 16.61 -32.05 -8.03
C MET E 67 17.04 -32.60 -6.66
N ALA E 68 16.47 -33.75 -6.29
CA ALA E 68 16.84 -34.39 -5.03
C ALA E 68 18.34 -34.78 -5.04
N PRO E 69 18.96 -34.88 -3.86
CA PRO E 69 20.35 -35.35 -3.82
C PRO E 69 20.46 -36.76 -4.43
N VAL E 70 21.56 -37.04 -5.13
CA VAL E 70 21.70 -38.33 -5.78
C VAL E 70 21.57 -39.50 -4.79
N GLU E 71 22.22 -39.37 -3.64
CA GLU E 71 22.14 -40.34 -2.55
C GLU E 71 20.72 -40.72 -2.19
N LYS E 72 19.85 -39.72 -2.13
CA LYS E 72 18.47 -39.90 -1.71
C LYS E 72 17.72 -40.69 -2.79
N ILE E 73 17.96 -40.35 -4.04
CA ILE E 73 17.27 -41.02 -5.12
C ILE E 73 17.72 -42.47 -5.15
N GLN E 74 19.03 -42.70 -5.04
CA GLN E 74 19.59 -44.03 -4.93
C GLN E 74 18.87 -44.82 -3.84
N GLU E 75 18.96 -44.31 -2.62
CA GLU E 75 18.33 -44.90 -1.44
C GLU E 75 16.87 -45.31 -1.66
N ILE E 76 16.15 -44.45 -2.37
CA ILE E 76 14.77 -44.74 -2.73
C ILE E 76 14.63 -45.86 -3.75
N MET E 77 15.48 -45.87 -4.77
CA MET E 77 15.40 -46.91 -5.80
C MET E 77 15.70 -48.27 -5.19
N ASP E 78 16.53 -48.23 -4.16
CA ASP E 78 16.90 -49.44 -3.45
C ASP E 78 15.74 -49.91 -2.61
N ALA E 79 15.07 -48.98 -1.95
CA ALA E 79 14.00 -49.36 -1.05
C ALA E 79 12.76 -50.02 -1.68
N VAL E 80 12.56 -49.88 -2.98
CA VAL E 80 11.32 -50.42 -3.60
C VAL E 80 11.48 -51.05 -4.97
N THR E 81 10.56 -51.95 -5.25
CA THR E 81 10.46 -52.71 -6.49
C THR E 81 9.71 -51.99 -7.62
N ILE E 82 8.77 -51.12 -7.25
CA ILE E 82 7.94 -50.42 -8.23
C ILE E 82 8.76 -49.34 -8.92
N PRO E 83 8.26 -48.80 -10.04
CA PRO E 83 9.07 -47.76 -10.70
C PRO E 83 9.32 -46.54 -9.82
N VAL E 84 10.57 -46.06 -9.86
CA VAL E 84 10.94 -44.79 -9.24
C VAL E 84 11.03 -43.67 -10.29
N MET E 85 10.35 -42.57 -10.02
CA MET E 85 10.38 -41.41 -10.90
C MET E 85 11.09 -40.35 -10.10
N ALA E 86 11.64 -39.35 -10.76
CA ALA E 86 12.25 -38.28 -9.99
C ALA E 86 12.01 -36.91 -10.62
N LYS E 87 12.09 -35.86 -9.83
CA LYS E 87 11.77 -34.53 -10.32
C LYS E 87 13.01 -33.80 -10.72
N CYS E 88 12.91 -32.99 -11.78
CA CYS E 88 13.94 -31.96 -12.10
C CYS E 88 13.32 -30.59 -12.39
N ARG E 89 14.16 -29.56 -12.23
CA ARG E 89 13.79 -28.20 -12.54
C ARG E 89 13.50 -28.02 -14.03
N ILE E 90 12.48 -27.23 -14.34
CA ILE E 90 12.07 -26.97 -15.70
C ILE E 90 13.25 -26.48 -16.52
N GLY E 91 13.46 -27.06 -17.67
CA GLY E 91 14.51 -26.59 -18.54
C GLY E 91 15.90 -27.03 -18.13
N HIS E 92 16.02 -27.70 -16.98
CA HIS E 92 17.35 -28.00 -16.52
C HIS E 92 17.78 -29.34 -17.11
N GLU E 93 18.59 -29.26 -18.16
CA GLU E 93 18.87 -30.42 -18.96
C GLU E 93 19.86 -31.33 -18.23
N ALA E 94 20.79 -30.72 -17.51
CA ALA E 94 21.84 -31.47 -16.81
C ALA E 94 21.26 -32.32 -15.70
N GLU E 95 20.37 -31.73 -14.91
CA GLU E 95 19.67 -32.48 -13.88
C GLU E 95 18.96 -33.70 -14.47
N ALA E 96 18.25 -33.50 -15.58
CA ALA E 96 17.57 -34.60 -16.22
C ALA E 96 18.55 -35.67 -16.68
N ARG E 97 19.67 -35.29 -17.28
CA ARG E 97 20.59 -36.32 -17.76
C ARG E 97 21.25 -37.08 -16.62
N ILE E 98 21.43 -36.41 -15.48
CA ILE E 98 21.90 -37.08 -14.29
C ILE E 98 20.83 -38.05 -13.78
N LEU E 99 19.58 -37.62 -13.84
CA LEU E 99 18.52 -38.48 -13.39
C LEU E 99 18.44 -39.73 -14.26
N GLU E 100 18.54 -39.53 -15.56
CA GLU E 100 18.47 -40.58 -16.54
C GLU E 100 19.62 -41.55 -16.34
N ALA E 101 20.84 -41.01 -16.24
CA ALA E 101 22.03 -41.80 -15.92
C ALA E 101 21.92 -42.61 -14.64
N LEU E 102 21.24 -42.06 -13.66
CA LEU E 102 21.01 -42.76 -12.41
C LEU E 102 20.04 -43.92 -12.57
N GLY E 103 19.36 -43.97 -13.70
CA GLY E 103 18.44 -45.04 -13.98
C GLY E 103 17.03 -44.90 -13.44
N VAL E 104 16.54 -43.69 -13.26
CA VAL E 104 15.15 -43.55 -12.87
C VAL E 104 14.28 -43.96 -14.03
N ASP E 105 13.06 -44.39 -13.71
CA ASP E 105 12.15 -44.90 -14.73
C ASP E 105 11.44 -43.81 -15.48
N MET E 106 11.24 -42.67 -14.82
CA MET E 106 10.64 -41.51 -15.46
C MET E 106 11.14 -40.23 -14.83
N ILE E 107 11.27 -39.20 -15.65
CA ILE E 107 11.64 -37.89 -15.14
C ILE E 107 10.44 -36.95 -15.23
N ASP E 108 10.26 -36.16 -14.19
CA ASP E 108 9.19 -35.20 -14.15
C ASP E 108 9.77 -33.81 -14.26
N GLU E 109 9.42 -33.09 -15.32
CA GLU E 109 9.92 -31.73 -15.43
C GLU E 109 8.88 -30.93 -14.68
N SER E 110 9.25 -30.53 -13.48
CA SER E 110 8.22 -30.14 -12.52
C SER E 110 8.13 -28.66 -12.25
N GLU E 111 6.91 -28.15 -12.25
CA GLU E 111 6.71 -26.76 -11.96
C GLU E 111 6.73 -26.49 -10.47
N VAL E 112 6.84 -27.53 -9.66
CA VAL E 112 7.03 -27.28 -8.23
C VAL E 112 8.48 -26.95 -7.84
N LEU E 113 9.45 -27.40 -8.62
CA LEU E 113 10.84 -27.01 -8.39
C LEU E 113 11.06 -25.64 -9.02
N THR E 114 12.07 -24.89 -8.57
CA THR E 114 12.35 -23.57 -9.12
C THR E 114 12.84 -23.68 -10.56
N PRO E 115 12.12 -23.08 -11.52
CA PRO E 115 12.48 -23.29 -12.93
C PRO E 115 13.90 -22.82 -13.23
N ALA E 116 14.62 -23.60 -14.03
CA ALA E 116 15.97 -23.27 -14.44
C ALA E 116 16.09 -22.35 -15.66
N ASP E 117 15.15 -22.49 -16.58
CA ASP E 117 15.08 -21.78 -17.85
C ASP E 117 13.81 -20.95 -18.02
N PRO E 118 13.96 -19.62 -18.11
CA PRO E 118 12.77 -18.77 -18.24
C PRO E 118 12.11 -18.87 -19.62
N PHE E 119 12.84 -19.38 -20.60
CA PHE E 119 12.34 -19.46 -21.97
C PHE E 119 11.77 -20.79 -22.43
N PHE E 120 12.53 -21.86 -22.25
CA PHE E 120 12.22 -23.15 -22.85
C PHE E 120 12.20 -24.30 -21.86
N HIS E 121 11.38 -25.31 -22.15
CA HIS E 121 11.53 -26.56 -21.46
C HIS E 121 12.64 -27.44 -22.06
N ILE E 122 12.96 -28.54 -21.40
CA ILE E 122 13.97 -29.45 -21.85
C ILE E 122 13.46 -30.06 -23.14
N TYR E 123 14.33 -30.34 -24.11
CA TYR E 123 13.80 -30.96 -25.30
C TYR E 123 13.86 -32.46 -25.08
N LYS E 124 12.68 -33.01 -24.86
CA LYS E 124 12.56 -34.32 -24.22
C LYS E 124 12.79 -35.48 -25.20
N LYS E 125 12.50 -35.21 -26.46
CA LYS E 125 12.68 -36.21 -27.51
C LYS E 125 14.12 -36.74 -27.60
N LYS E 126 15.10 -35.92 -27.19
CA LYS E 126 16.51 -36.29 -27.23
C LYS E 126 16.88 -37.29 -26.17
N PHE E 127 16.05 -37.43 -25.14
CA PHE E 127 16.32 -38.34 -24.02
C PHE E 127 15.91 -39.80 -24.27
N THR E 128 16.57 -40.75 -23.63
CA THR E 128 16.00 -42.10 -23.68
C THR E 128 14.93 -42.26 -22.62
N ALA E 129 15.16 -41.68 -21.46
CA ALA E 129 14.17 -41.74 -20.38
C ALA E 129 12.90 -40.97 -20.75
N PRO E 130 11.73 -41.51 -20.39
CA PRO E 130 10.44 -40.88 -20.66
C PRO E 130 10.11 -39.76 -19.67
N PHE E 131 9.43 -38.72 -20.14
CA PHE E 131 9.18 -37.58 -19.28
C PHE E 131 7.69 -37.44 -18.93
N VAL E 132 7.40 -37.01 -17.71
CA VAL E 132 6.06 -36.56 -17.40
C VAL E 132 6.10 -35.07 -17.16
N CYS E 133 5.10 -34.36 -17.65
CA CYS E 133 5.11 -32.91 -17.53
C CYS E 133 3.78 -32.37 -17.08
N GLY E 134 3.78 -31.17 -16.51
CA GLY E 134 2.54 -30.58 -16.04
C GLY E 134 1.84 -29.75 -17.09
N ALA E 135 0.53 -29.66 -17.03
CA ALA E 135 -0.19 -28.76 -17.91
C ALA E 135 -1.42 -28.13 -17.24
N ARG E 136 -1.58 -26.81 -17.32
CA ARG E 136 -2.80 -26.21 -16.79
C ARG E 136 -3.90 -26.03 -17.80
N ASN E 137 -3.61 -26.24 -19.07
CA ASN E 137 -4.63 -26.24 -20.12
C ASN E 137 -4.15 -26.95 -21.35
N LEU E 138 -5.00 -27.06 -22.36
CA LEU E 138 -4.62 -27.89 -23.50
C LEU E 138 -3.41 -27.37 -24.28
N GLY E 139 -3.29 -26.06 -24.43
CA GLY E 139 -2.13 -25.47 -25.06
C GLY E 139 -0.84 -25.98 -24.44
N GLU E 140 -0.79 -25.89 -23.12
CA GLU E 140 0.34 -26.36 -22.38
C GLU E 140 0.61 -27.82 -22.62
N ALA E 141 -0.44 -28.63 -22.55
CA ALA E 141 -0.29 -30.09 -22.65
C ALA E 141 0.28 -30.46 -23.99
N VAL E 142 -0.28 -29.89 -25.04
CA VAL E 142 0.17 -30.12 -26.41
C VAL E 142 1.63 -29.70 -26.60
N ARG E 143 2.01 -28.52 -26.09
CA ARG E 143 3.40 -28.09 -26.22
C ARG E 143 4.28 -29.09 -25.54
N ARG E 144 3.92 -29.45 -24.33
CA ARG E 144 4.70 -30.39 -23.55
C ARG E 144 4.87 -31.73 -24.25
N ILE E 145 3.80 -32.17 -24.91
CA ILE E 145 3.80 -33.41 -25.67
C ILE E 145 4.74 -33.24 -26.84
N TRP E 146 4.58 -32.16 -27.59
CA TRP E 146 5.43 -31.92 -28.74
C TRP E 146 6.90 -31.93 -28.39
N GLU E 147 7.24 -31.42 -27.23
CA GLU E 147 8.62 -31.45 -26.76
C GLU E 147 9.03 -32.86 -26.36
N GLY E 148 8.07 -33.77 -26.37
CA GLY E 148 8.37 -35.17 -26.16
C GLY E 148 7.95 -35.81 -24.86
N ALA E 149 7.12 -35.12 -24.08
CA ALA E 149 6.54 -35.71 -22.88
C ALA E 149 5.76 -36.98 -23.22
N ALA E 150 6.02 -38.04 -22.47
CA ALA E 150 5.35 -39.32 -22.70
C ALA E 150 4.06 -39.43 -21.89
N MET E 151 3.94 -38.55 -20.91
CA MET E 151 2.79 -38.54 -20.02
C MET E 151 2.57 -37.13 -19.50
N ILE E 152 1.31 -36.73 -19.38
CA ILE E 152 1.10 -35.42 -18.78
C ILE E 152 0.17 -35.47 -17.57
N ARG E 153 0.38 -34.57 -16.62
CA ARG E 153 -0.51 -34.45 -15.48
C ARG E 153 -1.00 -33.04 -15.37
N THR E 154 -2.07 -32.82 -14.61
CA THR E 154 -2.43 -31.45 -14.25
C THR E 154 -1.48 -30.87 -13.24
N LYS E 155 -1.34 -29.55 -13.29
CA LYS E 155 -0.44 -28.90 -12.38
C LYS E 155 -1.12 -28.81 -11.04
N GLY E 156 -2.37 -28.35 -11.07
CA GLY E 156 -3.12 -28.03 -9.88
C GLY E 156 -2.39 -26.93 -9.13
N GLU E 157 -2.59 -26.85 -7.81
CA GLU E 157 -1.74 -25.99 -6.99
C GLU E 157 -1.07 -26.93 -5.96
N ALA E 158 0.21 -27.20 -6.15
CA ALA E 158 0.85 -28.29 -5.42
C ALA E 158 1.06 -27.89 -3.97
N GLY E 159 0.82 -28.83 -3.05
CA GLY E 159 1.07 -28.65 -1.64
C GLY E 159 0.01 -27.85 -0.90
N THR E 160 -1.08 -27.53 -1.57
CA THR E 160 -2.12 -26.74 -0.95
C THR E 160 -3.20 -27.59 -0.36
N GLY E 161 -3.22 -28.89 -0.61
CA GLY E 161 -4.36 -29.68 -0.16
C GLY E 161 -5.71 -29.27 -0.73
N ASN E 162 -5.66 -28.43 -1.75
CA ASN E 162 -6.87 -27.89 -2.32
C ASN E 162 -7.06 -28.38 -3.77
N ILE E 163 -8.12 -29.16 -3.97
CA ILE E 163 -8.37 -29.86 -5.23
C ILE E 163 -8.83 -28.91 -6.35
N ILE E 164 -9.22 -27.69 -5.99
CA ILE E 164 -9.83 -26.77 -6.95
C ILE E 164 -8.97 -26.53 -8.20
N GLU E 165 -7.67 -26.34 -8.04
CA GLU E 165 -6.86 -25.98 -9.18
C GLU E 165 -6.69 -27.16 -10.11
N ALA E 166 -6.48 -28.35 -9.54
CA ALA E 166 -6.52 -29.58 -10.34
C ALA E 166 -7.82 -29.66 -11.15
N VAL E 167 -8.96 -29.47 -10.49
CA VAL E 167 -10.24 -29.54 -11.18
C VAL E 167 -10.34 -28.52 -12.31
N ARG E 168 -9.84 -27.31 -12.07
CA ARG E 168 -9.88 -26.27 -13.08
C ARG E 168 -9.09 -26.71 -14.30
N HIS E 169 -7.89 -27.19 -14.07
CA HIS E 169 -7.04 -27.67 -15.16
C HIS E 169 -7.62 -28.84 -15.98
N VAL E 170 -8.20 -29.79 -15.28
CA VAL E 170 -8.91 -30.86 -15.97
C VAL E 170 -10.01 -30.29 -16.85
N ARG E 171 -10.83 -29.39 -16.31
CA ARG E 171 -11.97 -28.89 -17.08
C ARG E 171 -11.53 -28.08 -18.27
N LEU E 172 -10.53 -27.23 -18.06
CA LEU E 172 -9.97 -26.45 -19.14
C LEU E 172 -9.48 -27.36 -20.27
N VAL E 173 -8.70 -28.39 -19.93
CA VAL E 173 -8.24 -29.32 -20.95
C VAL E 173 -9.41 -30.02 -21.65
N ASN E 174 -10.33 -30.57 -20.88
CA ASN E 174 -11.42 -31.32 -21.47
C ASN E 174 -12.29 -30.48 -22.40
N GLU E 175 -12.73 -29.32 -21.92
CA GLU E 175 -13.58 -28.46 -22.72
C GLU E 175 -12.83 -28.04 -23.97
N ASN E 176 -11.53 -27.80 -23.82
CA ASN E 176 -10.75 -27.41 -25.00
C ASN E 176 -10.69 -28.53 -26.05
N ILE E 177 -10.61 -29.79 -25.59
CA ILE E 177 -10.72 -30.95 -26.49
C ILE E 177 -12.08 -31.00 -27.17
N ARG E 178 -13.15 -30.91 -26.41
CA ARG E 178 -14.50 -30.91 -26.99
C ARG E 178 -14.69 -29.79 -28.01
N LEU E 179 -14.14 -28.61 -27.72
CA LEU E 179 -14.10 -27.51 -28.69
C LEU E 179 -13.37 -27.91 -29.98
N ILE E 180 -12.15 -28.46 -29.85
CA ILE E 180 -11.45 -29.00 -31.02
C ILE E 180 -12.33 -29.95 -31.86
N GLN E 181 -12.93 -30.94 -31.22
CA GLN E 181 -13.84 -31.85 -31.93
C GLN E 181 -14.97 -31.16 -32.74
N ARG E 182 -15.38 -29.99 -32.31
CA ARG E 182 -16.44 -29.29 -33.03
C ARG E 182 -15.92 -28.35 -34.12
N MET E 183 -14.63 -28.44 -34.41
CA MET E 183 -14.06 -27.48 -35.34
C MET E 183 -13.70 -28.09 -36.69
N THR E 184 -13.77 -27.24 -37.72
CA THR E 184 -13.25 -27.56 -39.03
C THR E 184 -11.72 -27.63 -38.94
N ASP E 185 -11.09 -28.38 -39.83
CA ASP E 185 -9.63 -28.47 -39.82
C ASP E 185 -8.93 -27.09 -39.83
N GLU E 186 -9.48 -26.13 -40.56
CA GLU E 186 -8.85 -24.82 -40.72
C GLU E 186 -8.87 -24.08 -39.40
N GLU E 187 -10.01 -24.16 -38.71
CA GLU E 187 -10.18 -23.52 -37.42
C GLU E 187 -9.13 -24.07 -36.44
N ILE E 188 -9.03 -25.40 -36.42
CA ILE E 188 -8.03 -26.08 -35.62
C ILE E 188 -6.64 -25.56 -35.94
N TYR E 189 -6.40 -25.22 -37.21
CA TYR E 189 -5.08 -24.70 -37.55
C TYR E 189 -4.80 -23.40 -36.81
N GLY E 190 -5.84 -22.58 -36.70
CA GLY E 190 -5.72 -21.32 -35.99
C GLY E 190 -5.37 -21.55 -34.53
N VAL E 191 -6.10 -22.48 -33.90
CA VAL E 191 -5.73 -22.88 -32.54
C VAL E 191 -4.24 -23.34 -32.45
N ALA E 192 -3.77 -24.08 -33.45
CA ALA E 192 -2.37 -24.49 -33.48
C ALA E 192 -1.40 -23.29 -33.50
N GLU E 193 -1.76 -22.27 -34.28
CA GLU E 193 -0.98 -21.05 -34.32
C GLU E 193 -0.91 -20.41 -32.94
N LYS E 194 -2.06 -20.24 -32.30
CA LYS E 194 -2.12 -19.71 -30.93
C LYS E 194 -1.25 -20.53 -29.97
N PHE E 195 -1.36 -21.86 -30.04
CA PHE E 195 -0.69 -22.71 -29.08
C PHE E 195 0.83 -22.71 -29.24
N ALA E 196 1.32 -22.33 -30.40
CA ALA E 196 2.76 -22.29 -30.57
C ALA E 196 3.38 -20.93 -30.22
N GLU E 197 2.54 -19.92 -29.96
CA GLU E 197 3.07 -18.57 -29.66
C GLU E 197 4.17 -18.48 -28.59
N PRO E 198 4.04 -19.21 -27.46
CA PRO E 198 5.03 -19.05 -26.39
C PRO E 198 6.50 -19.24 -26.79
N TYR E 199 6.76 -19.99 -27.86
CA TYR E 199 8.14 -20.24 -28.24
C TYR E 199 8.82 -18.95 -28.74
N LEU E 200 8.00 -18.01 -29.18
CA LEU E 200 8.47 -16.74 -29.71
C LEU E 200 9.03 -15.81 -28.65
N ARG E 201 8.89 -16.20 -27.39
CA ARG E 201 9.15 -15.25 -26.36
C ARG E 201 10.59 -14.82 -26.17
N LEU E 202 11.52 -15.76 -26.28
CA LEU E 202 12.93 -15.42 -26.46
C LEU E 202 13.12 -14.47 -27.65
N ALA E 203 12.94 -14.97 -28.88
CA ALA E 203 13.08 -14.14 -30.04
C ALA E 203 12.63 -12.71 -29.76
N PHE E 204 11.36 -12.51 -29.38
CA PHE E 204 10.83 -11.16 -29.22
C PHE E 204 11.59 -10.33 -28.20
N SER E 205 12.00 -10.96 -27.10
CA SER E 205 12.79 -10.28 -26.10
C SER E 205 14.03 -9.71 -26.75
N VAL E 206 14.62 -10.49 -27.65
CA VAL E 206 15.86 -10.10 -28.29
C VAL E 206 15.61 -9.06 -29.39
N LYS E 207 14.50 -9.18 -30.11
CA LYS E 207 14.13 -8.14 -31.05
C LYS E 207 14.05 -6.81 -30.31
N GLU E 208 13.35 -6.79 -29.17
CA GLU E 208 13.20 -5.57 -28.40
C GLU E 208 14.55 -4.99 -28.00
N ILE E 209 15.47 -5.84 -27.53
CA ILE E 209 16.80 -5.39 -27.13
C ILE E 209 17.55 -4.81 -28.30
N SER E 210 17.32 -5.38 -29.48
CA SER E 210 18.01 -4.95 -30.70
C SER E 210 17.32 -3.78 -31.41
N GLY E 211 16.24 -3.28 -30.81
CA GLY E 211 15.52 -2.15 -31.36
C GLY E 211 14.81 -2.46 -32.67
N LEU E 212 14.53 -3.74 -32.90
CA LEU E 212 13.62 -4.17 -33.96
C LEU E 212 12.16 -4.36 -33.48
N PRO E 213 11.20 -4.34 -34.41
CA PRO E 213 9.82 -4.65 -34.02
C PRO E 213 9.63 -6.15 -33.69
N LYS E 214 8.64 -6.50 -32.87
CA LYS E 214 8.52 -7.91 -32.50
C LYS E 214 7.63 -8.60 -33.52
N ARG E 215 8.28 -9.30 -34.41
CA ARG E 215 7.57 -9.87 -35.53
C ARG E 215 8.09 -11.25 -35.70
N VAL E 216 7.23 -12.13 -36.19
CA VAL E 216 7.65 -13.47 -36.52
C VAL E 216 8.20 -13.49 -37.95
N LEU E 217 9.45 -13.87 -38.09
CA LEU E 217 10.07 -14.01 -39.40
C LEU E 217 10.03 -15.47 -39.84
N GLU E 218 9.71 -15.70 -41.11
CA GLU E 218 9.29 -17.04 -41.57
C GLU E 218 10.35 -18.13 -41.54
N ASN E 219 11.59 -17.75 -41.84
CA ASN E 219 12.68 -18.72 -41.86
C ASN E 219 13.54 -18.73 -40.60
N GLU E 220 13.13 -17.95 -39.60
CA GLU E 220 13.85 -17.80 -38.34
C GLU E 220 13.67 -18.99 -37.39
N PRO E 221 14.75 -19.72 -37.08
CA PRO E 221 14.74 -20.79 -36.08
C PRO E 221 14.58 -20.28 -34.64
N ILE E 222 13.53 -20.77 -33.98
CA ILE E 222 13.09 -20.34 -32.66
C ILE E 222 13.65 -21.28 -31.60
N TYR E 223 13.30 -22.56 -31.71
CA TYR E 223 13.59 -23.55 -30.68
C TYR E 223 14.06 -24.86 -31.28
N GLU E 224 15.19 -25.37 -30.77
CA GLU E 224 15.75 -26.66 -31.18
C GLU E 224 15.73 -26.89 -32.71
N GLY E 225 16.07 -25.84 -33.45
CA GLY E 225 16.16 -25.94 -34.89
C GLY E 225 14.87 -25.65 -35.62
N PHE E 226 13.75 -25.71 -34.93
CA PHE E 226 12.44 -25.48 -35.58
C PHE E 226 12.05 -24.01 -35.81
N THR E 227 11.46 -23.79 -36.98
CA THR E 227 10.92 -22.48 -37.34
C THR E 227 9.56 -22.35 -36.62
N TYR E 228 9.07 -21.13 -36.35
CA TYR E 228 7.75 -20.99 -35.73
C TYR E 228 6.66 -21.75 -36.50
N ARG E 229 6.66 -21.57 -37.82
CA ARG E 229 5.70 -22.25 -38.70
C ARG E 229 5.79 -23.77 -38.62
N GLU E 230 7.02 -24.27 -38.51
CA GLU E 230 7.28 -25.69 -38.35
C GLU E 230 6.60 -26.22 -37.08
N ILE E 231 6.79 -25.50 -35.98
CA ILE E 231 6.13 -25.85 -34.74
C ILE E 231 4.63 -25.82 -34.88
N VAL E 232 4.12 -24.81 -35.58
CA VAL E 232 2.68 -24.66 -35.72
C VAL E 232 2.17 -25.93 -36.44
N GLU E 233 2.93 -26.41 -37.42
CA GLU E 233 2.54 -27.59 -38.20
C GLU E 233 2.48 -28.82 -37.30
N ASP E 234 3.56 -29.06 -36.57
CA ASP E 234 3.64 -30.27 -35.77
C ASP E 234 2.50 -30.29 -34.73
N ILE E 235 2.31 -29.14 -34.09
CA ILE E 235 1.25 -28.97 -33.10
C ILE E 235 -0.10 -29.27 -33.73
N TYR E 236 -0.34 -28.66 -34.89
CA TYR E 236 -1.55 -28.90 -35.66
C TYR E 236 -1.83 -30.39 -35.83
N LYS E 237 -0.80 -31.14 -36.23
CA LYS E 237 -0.91 -32.59 -36.36
C LYS E 237 -1.43 -33.18 -35.05
N ILE E 238 -0.79 -32.80 -33.95
CA ILE E 238 -1.14 -33.35 -32.64
C ILE E 238 -2.59 -33.01 -32.28
N LEU E 239 -3.01 -31.81 -32.64
CA LEU E 239 -4.37 -31.40 -32.38
C LEU E 239 -5.37 -32.24 -33.13
N LEU E 240 -5.06 -32.55 -34.37
CA LEU E 240 -5.90 -33.44 -35.17
C LEU E 240 -5.99 -34.85 -34.57
N GLU E 241 -4.84 -35.36 -34.15
CA GLU E 241 -4.83 -36.65 -33.47
C GLU E 241 -5.77 -36.61 -32.27
N ILE E 242 -5.72 -35.50 -31.54
CA ILE E 242 -6.59 -35.33 -30.39
C ILE E 242 -8.07 -35.29 -30.77
N LYS E 243 -8.39 -34.54 -31.82
CA LYS E 243 -9.75 -34.51 -32.34
C LYS E 243 -10.30 -35.92 -32.60
N LYS E 244 -9.51 -36.75 -33.28
CA LYS E 244 -9.90 -38.15 -33.51
C LYS E 244 -10.08 -38.88 -32.18
N LEU E 245 -9.04 -38.82 -31.34
CA LEU E 245 -8.96 -39.62 -30.11
C LEU E 245 -9.97 -39.25 -29.07
N GLY E 246 -10.39 -37.99 -29.03
CA GLY E 246 -11.26 -37.49 -27.98
C GLY E 246 -10.59 -37.26 -26.63
N ARG E 247 -9.29 -37.51 -26.56
CA ARG E 247 -8.52 -37.30 -25.35
C ARG E 247 -7.08 -37.01 -25.72
N LEU E 248 -6.20 -37.04 -24.74
CA LEU E 248 -4.80 -36.81 -25.05
C LEU E 248 -4.19 -38.11 -25.51
N PRO E 249 -3.24 -38.02 -26.44
CA PRO E 249 -2.49 -39.12 -27.00
C PRO E 249 -1.60 -39.84 -25.98
N VAL E 250 -1.42 -39.26 -24.79
CA VAL E 250 -0.62 -39.95 -23.79
C VAL E 250 -1.43 -40.22 -22.54
N VAL E 251 -0.84 -40.97 -21.61
CA VAL E 251 -1.46 -41.17 -20.31
C VAL E 251 -1.59 -39.83 -19.60
N ASN E 252 -2.78 -39.55 -19.10
CA ASN E 252 -3.11 -38.26 -18.50
C ASN E 252 -3.54 -38.39 -17.04
N PHE E 253 -2.72 -37.90 -16.10
CA PHE E 253 -3.02 -38.04 -14.68
C PHE E 253 -3.45 -36.73 -14.03
N ALA E 254 -4.28 -36.84 -12.99
CA ALA E 254 -4.58 -35.73 -12.11
C ALA E 254 -3.50 -35.54 -11.03
N ALA E 255 -3.16 -34.28 -10.75
CA ALA E 255 -2.16 -34.00 -9.73
C ALA E 255 -2.43 -32.69 -9.03
N GLY E 256 -2.03 -32.62 -7.78
CA GLY E 256 -1.96 -31.42 -6.94
C GLY E 256 -3.17 -31.15 -6.06
N GLY E 257 -2.84 -30.99 -4.78
CA GLY E 257 -3.82 -30.88 -3.74
C GLY E 257 -4.80 -32.03 -3.56
N VAL E 258 -4.42 -33.27 -3.86
CA VAL E 258 -5.34 -34.34 -3.52
C VAL E 258 -5.07 -34.64 -2.08
N ALA E 259 -6.07 -34.37 -1.24
CA ALA E 259 -5.90 -34.53 0.20
C ALA E 259 -6.65 -35.68 0.89
N THR E 260 -7.62 -36.26 0.19
CA THR E 260 -8.56 -37.25 0.76
C THR E 260 -9.04 -38.24 -0.28
N PRO E 261 -9.42 -39.44 0.13
CA PRO E 261 -9.93 -40.42 -0.81
C PRO E 261 -10.97 -39.84 -1.77
N ALA E 262 -11.88 -39.03 -1.25
CA ALA E 262 -12.93 -38.49 -2.12
C ALA E 262 -12.32 -37.64 -3.24
N ASP E 263 -11.25 -36.92 -2.92
CA ASP E 263 -10.58 -36.09 -3.91
C ASP E 263 -10.16 -36.95 -5.07
N ALA E 264 -9.37 -37.97 -4.76
CA ALA E 264 -8.90 -38.93 -5.76
C ALA E 264 -10.04 -39.53 -6.56
N ALA E 265 -11.10 -39.95 -5.88
CA ALA E 265 -12.27 -40.47 -6.57
C ALA E 265 -12.82 -39.45 -7.57
N LEU E 266 -12.93 -38.20 -7.14
CA LEU E 266 -13.45 -37.15 -8.00
C LEU E 266 -12.64 -37.02 -9.31
N MET E 267 -11.31 -36.98 -9.16
CA MET E 267 -10.44 -36.90 -10.33
C MET E 267 -10.71 -38.09 -11.25
N MET E 268 -10.67 -39.30 -10.70
CA MET E 268 -10.94 -40.47 -11.53
C MET E 268 -12.28 -40.35 -12.24
N ALA E 269 -13.29 -39.88 -11.53
CA ALA E 269 -14.63 -39.75 -12.07
C ALA E 269 -14.72 -38.69 -13.14
N MET E 270 -13.72 -37.82 -13.23
CA MET E 270 -13.69 -36.82 -14.30
C MET E 270 -12.94 -37.33 -15.53
N GLY E 271 -12.46 -38.55 -15.47
CA GLY E 271 -11.89 -39.16 -16.65
C GLY E 271 -10.38 -39.15 -16.69
N MET E 272 -9.76 -38.86 -15.56
CA MET E 272 -8.33 -38.99 -15.44
C MET E 272 -7.87 -40.47 -15.38
N ASP E 273 -6.64 -40.74 -15.80
CA ASP E 273 -6.14 -42.11 -15.82
C ASP E 273 -5.56 -42.57 -14.50
N GLY E 274 -5.28 -41.64 -13.60
CA GLY E 274 -4.59 -41.95 -12.36
C GLY E 274 -4.29 -40.70 -11.57
N VAL E 275 -3.71 -40.84 -10.40
CA VAL E 275 -3.59 -39.71 -9.49
C VAL E 275 -2.17 -39.61 -8.92
N PHE E 276 -1.64 -38.41 -8.89
CA PHE E 276 -0.37 -38.16 -8.21
C PHE E 276 -0.75 -37.54 -6.88
N VAL E 277 -0.21 -38.07 -5.77
CA VAL E 277 -0.35 -37.33 -4.52
C VAL E 277 0.95 -37.34 -3.75
N GLY E 278 1.51 -36.15 -3.54
CA GLY E 278 2.56 -36.01 -2.54
C GLY E 278 2.22 -35.64 -1.10
N SER E 279 1.61 -34.46 -0.97
CA SER E 279 1.53 -33.84 0.34
C SER E 279 0.37 -34.43 1.11
N GLY E 280 -0.66 -34.79 0.37
CA GLY E 280 -1.88 -35.32 0.97
C GLY E 280 -1.63 -36.45 1.93
N ILE E 281 -0.67 -37.31 1.55
CA ILE E 281 -0.32 -38.50 2.31
C ILE E 281 0.59 -38.23 3.49
N PHE E 282 1.80 -37.71 3.25
CA PHE E 282 2.75 -37.58 4.34
C PHE E 282 2.60 -36.37 5.25
N LYS E 283 1.74 -35.43 4.86
CA LYS E 283 1.43 -34.30 5.71
C LYS E 283 0.15 -34.63 6.45
N SER E 284 -0.38 -35.81 6.17
CA SER E 284 -1.52 -36.36 6.89
C SER E 284 -1.11 -36.92 8.27
N SER E 285 -2.07 -37.08 9.19
CA SER E 285 -1.76 -37.63 10.52
C SER E 285 -1.37 -39.12 10.49
N ASN E 286 -2.04 -39.91 9.66
CA ASN E 286 -1.77 -41.33 9.54
C ASN E 286 -1.39 -41.71 8.11
N PRO E 287 -0.14 -41.44 7.73
CA PRO E 287 0.23 -41.61 6.33
C PRO E 287 -0.03 -42.97 5.71
N PRO E 288 0.33 -44.09 6.37
CA PRO E 288 0.04 -45.35 5.69
C PRO E 288 -1.45 -45.59 5.45
N LYS E 289 -2.27 -45.16 6.39
CA LYS E 289 -3.70 -45.39 6.31
C LYS E 289 -4.27 -44.59 5.15
N MET E 290 -3.86 -43.34 5.08
CA MET E 290 -4.28 -42.42 4.04
C MET E 290 -3.80 -42.90 2.68
N ALA E 291 -2.55 -43.32 2.61
CA ALA E 291 -2.01 -43.93 1.39
C ALA E 291 -2.90 -45.06 0.87
N ARG E 292 -3.02 -46.12 1.66
CA ARG E 292 -3.85 -47.23 1.24
C ARG E 292 -5.25 -46.77 0.86
N ALA E 293 -5.77 -45.81 1.60
CA ALA E 293 -7.13 -45.35 1.40
C ALA E 293 -7.28 -44.70 0.01
N ILE E 294 -6.30 -43.89 -0.35
CA ILE E 294 -6.34 -43.20 -1.64
C ILE E 294 -6.17 -44.21 -2.78
N VAL E 295 -5.29 -45.19 -2.59
CA VAL E 295 -5.16 -46.26 -3.57
C VAL E 295 -6.50 -46.98 -3.78
N GLU E 296 -7.12 -47.40 -2.69
CA GLU E 296 -8.36 -48.15 -2.80
C GLU E 296 -9.47 -47.28 -3.39
N ALA E 297 -9.40 -45.98 -3.10
CA ALA E 297 -10.34 -45.01 -3.66
C ALA E 297 -10.22 -44.95 -5.18
N VAL E 298 -8.99 -44.95 -5.68
CA VAL E 298 -8.75 -44.92 -7.12
C VAL E 298 -9.16 -46.21 -7.79
N ASN E 299 -9.03 -47.32 -7.08
CA ASN E 299 -9.52 -48.61 -7.63
C ASN E 299 -11.04 -48.75 -7.57
N HIS E 300 -11.63 -48.22 -6.52
CA HIS E 300 -13.09 -48.21 -6.36
C HIS E 300 -13.91 -46.93 -6.64
N TRP E 301 -13.34 -45.98 -7.33
CA TRP E 301 -13.96 -44.67 -7.49
C TRP E 301 -15.41 -44.57 -7.94
N ASP E 302 -15.88 -45.56 -8.68
CA ASP E 302 -17.29 -45.56 -9.13
C ASP E 302 -18.24 -46.28 -8.16
N GLU E 303 -17.73 -46.64 -7.00
CA GLU E 303 -18.50 -47.36 -6.00
C GLU E 303 -18.62 -46.59 -4.68
N PRO E 304 -19.62 -45.69 -4.58
CA PRO E 304 -19.84 -44.84 -3.41
C PRO E 304 -19.87 -45.57 -2.07
N ASP E 305 -20.40 -46.79 -2.07
CA ASP E 305 -20.49 -47.57 -0.83
C ASP E 305 -19.12 -47.91 -0.35
N VAL E 306 -18.29 -48.32 -1.29
CA VAL E 306 -16.91 -48.61 -0.98
C VAL E 306 -16.12 -47.36 -0.57
N LEU E 307 -16.24 -46.27 -1.33
CA LEU E 307 -15.59 -45.00 -0.98
C LEU E 307 -15.87 -44.61 0.44
N ALA E 308 -17.16 -44.67 0.78
CA ALA E 308 -17.65 -44.43 2.14
C ALA E 308 -16.98 -45.29 3.22
N GLU E 309 -16.87 -46.59 3.00
CA GLU E 309 -16.20 -47.43 3.97
C GLU E 309 -14.71 -47.15 4.03
N ILE E 310 -14.13 -46.84 2.88
CA ILE E 310 -12.69 -46.65 2.74
C ILE E 310 -12.18 -45.50 3.58
N SER E 311 -13.02 -44.50 3.74
CA SER E 311 -12.67 -43.27 4.44
C SER E 311 -13.00 -43.21 5.92
N ARG E 312 -13.18 -44.35 6.57
CA ARG E 312 -13.53 -44.37 7.98
C ARG E 312 -12.43 -44.13 9.05
N GLU E 313 -11.15 -44.30 8.76
CA GLU E 313 -10.19 -43.72 9.70
C GLU E 313 -9.03 -43.01 9.06
N ILE E 314 -8.96 -41.70 9.29
CA ILE E 314 -7.75 -40.93 9.14
C ILE E 314 -8.07 -39.49 9.51
N GLY E 315 -7.00 -38.81 9.89
CA GLY E 315 -7.03 -37.52 10.50
C GLY E 315 -6.41 -36.36 9.84
N GLU E 316 -6.53 -36.21 8.55
CA GLU E 316 -5.94 -35.02 8.03
C GLU E 316 -6.40 -34.70 6.68
N PRO E 317 -5.82 -33.59 6.29
CA PRO E 317 -5.13 -33.37 5.06
C PRO E 317 -4.08 -32.31 5.42
N MET E 318 -4.58 -31.37 6.23
CA MET E 318 -4.22 -29.93 6.46
C MET E 318 -4.72 -28.85 5.49
N ARG E 319 -3.88 -27.94 4.96
CA ARG E 319 -4.28 -26.50 4.88
C ARG E 319 -3.97 -25.66 3.60
N GLY E 320 -3.88 -24.32 3.72
CA GLY E 320 -3.70 -23.34 2.58
C GLY E 320 -4.79 -23.01 1.54
N GLN E 321 -5.57 -21.96 1.83
CA GLN E 321 -6.67 -21.43 1.04
C GLN E 321 -6.29 -20.68 -0.24
N ALA E 322 -7.32 -20.22 -0.96
CA ALA E 322 -7.19 -19.22 -2.06
C ALA E 322 -6.31 -18.04 -1.61
N ILE E 323 -6.79 -17.29 -0.60
CA ILE E 323 -6.04 -16.19 0.05
C ILE E 323 -4.68 -16.63 0.58
N GLU E 324 -3.64 -15.92 0.15
CA GLU E 324 -2.29 -16.17 0.62
C GLU E 324 -1.66 -17.52 0.30
N GLU E 325 -1.85 -18.05 -0.92
CA GLU E 325 -1.01 -19.19 -1.32
C GLU E 325 0.47 -18.76 -1.49
N LEU E 326 0.68 -17.45 -1.72
CA LEU E 326 1.99 -16.78 -1.68
C LEU E 326 3.02 -17.24 -2.72
N GLN E 327 2.85 -18.43 -3.32
CA GLN E 327 3.60 -18.66 -4.55
C GLN E 327 2.91 -19.37 -5.67
N VAL E 328 1.80 -18.91 -6.22
CA VAL E 328 0.96 -19.73 -7.09
C VAL E 328 1.79 -20.51 -8.15
N ARG E 329 1.89 -21.84 -7.97
CA ARG E 329 2.93 -22.64 -8.64
C ARG E 329 2.50 -23.16 -10.00
N MET E 330 1.33 -22.74 -10.49
CA MET E 330 0.97 -23.23 -11.81
C MET E 330 1.40 -22.13 -12.78
N GLU E 331 2.72 -22.08 -13.00
CA GLU E 331 3.37 -21.31 -14.08
C GLU E 331 4.65 -22.02 -14.59
N GLU E 332 4.61 -22.39 -15.86
CA GLU E 332 5.74 -22.87 -16.65
C GLU E 332 5.68 -22.35 -18.11
N ARG E 333 4.60 -22.76 -18.81
CA ARG E 333 4.32 -22.42 -20.21
C ARG E 333 5.53 -22.49 -21.14
N MET F 1 -36.96 -39.69 -22.14
CA MET F 1 -36.34 -38.56 -22.83
C MET F 1 -37.22 -38.01 -23.96
N ASP F 2 -38.50 -38.38 -23.97
CA ASP F 2 -39.44 -37.84 -24.96
C ASP F 2 -40.67 -37.15 -24.31
N LYS F 3 -41.69 -37.95 -24.01
CA LYS F 3 -42.84 -37.50 -23.23
C LYS F 3 -42.90 -38.06 -21.81
N LEU F 4 -42.06 -39.05 -21.50
CA LEU F 4 -42.10 -39.72 -20.20
C LEU F 4 -41.07 -39.20 -19.19
N LYS F 5 -40.10 -38.44 -19.68
CA LYS F 5 -39.06 -37.90 -18.82
C LYS F 5 -39.39 -36.46 -18.40
N ILE F 6 -40.52 -35.95 -18.89
CA ILE F 6 -41.11 -34.73 -18.30
C ILE F 6 -41.80 -35.17 -17.01
N ILE F 7 -42.62 -36.22 -17.10
CA ILE F 7 -43.43 -36.66 -15.95
C ILE F 7 -42.57 -37.41 -14.93
N MET F 8 -41.58 -38.13 -15.40
CA MET F 8 -40.72 -38.86 -14.50
C MET F 8 -39.72 -37.93 -13.80
N GLU F 9 -39.36 -36.83 -14.44
CA GLU F 9 -38.51 -35.86 -13.75
C GLU F 9 -39.34 -35.11 -12.71
N LYS F 10 -40.56 -34.73 -13.11
CA LYS F 10 -41.52 -34.24 -12.12
C LYS F 10 -41.63 -35.19 -10.91
N GLY F 11 -41.62 -36.52 -11.12
CA GLY F 11 -41.88 -37.39 -10.00
C GLY F 11 -40.80 -37.33 -8.93
N THR F 12 -39.56 -37.57 -9.36
CA THR F 12 -38.45 -37.61 -8.44
C THR F 12 -38.24 -36.23 -7.87
N GLU F 13 -38.27 -35.22 -8.74
CA GLU F 13 -38.08 -33.84 -8.26
C GLU F 13 -39.08 -33.52 -7.17
N ARG F 14 -40.35 -33.78 -7.45
CA ARG F 14 -41.38 -33.51 -6.48
C ARG F 14 -41.19 -34.29 -5.17
N LEU F 15 -40.71 -35.52 -5.23
CA LEU F 15 -40.41 -36.27 -4.03
C LEU F 15 -39.32 -35.64 -3.18
N LYS F 16 -38.24 -35.25 -3.85
CA LYS F 16 -37.10 -34.64 -3.21
C LYS F 16 -37.59 -33.37 -2.53
N ARG F 17 -38.25 -32.52 -3.32
CA ARG F 17 -38.88 -31.31 -2.83
C ARG F 17 -39.76 -31.58 -1.60
N GLY F 18 -40.50 -32.68 -1.67
CA GLY F 18 -41.32 -33.13 -0.58
C GLY F 18 -40.58 -33.31 0.74
N PHE F 19 -39.41 -33.93 0.72
CA PHE F 19 -38.67 -34.09 1.97
C PHE F 19 -38.43 -32.76 2.65
N ALA F 20 -38.03 -31.78 1.86
CA ALA F 20 -37.76 -30.43 2.37
C ALA F 20 -38.94 -29.89 3.20
N LYS F 21 -40.16 -30.19 2.75
CA LYS F 21 -41.36 -29.69 3.42
C LYS F 21 -41.47 -30.18 4.86
N MET F 22 -40.97 -31.37 5.14
CA MET F 22 -40.93 -31.90 6.50
C MET F 22 -40.24 -30.96 7.49
N VAL F 23 -39.23 -30.26 7.03
CA VAL F 23 -38.36 -29.48 7.90
C VAL F 23 -38.86 -28.03 8.08
N LYS F 24 -39.80 -27.66 7.20
CA LYS F 24 -40.38 -26.32 7.15
C LYS F 24 -40.94 -25.87 8.48
N GLY F 25 -40.80 -24.59 8.81
CA GLY F 25 -41.29 -24.04 10.07
C GLY F 25 -40.37 -24.13 11.30
N GLY F 26 -39.29 -24.90 11.20
CA GLY F 26 -38.35 -25.08 12.30
C GLY F 26 -36.93 -24.53 12.16
N VAL F 27 -36.07 -24.94 13.08
CA VAL F 27 -34.66 -24.55 13.05
C VAL F 27 -33.75 -25.73 12.75
N ILE F 28 -32.78 -25.55 11.85
CA ILE F 28 -31.81 -26.61 11.56
C ILE F 28 -30.47 -26.19 12.14
N MET F 29 -29.84 -27.05 12.95
CA MET F 29 -28.68 -26.58 13.69
C MET F 29 -27.36 -27.22 13.31
N ASP F 30 -26.34 -26.42 13.01
CA ASP F 30 -25.02 -26.98 12.72
C ASP F 30 -24.49 -27.59 13.99
N VAL F 31 -23.91 -28.79 13.84
CA VAL F 31 -23.46 -29.67 14.91
C VAL F 31 -22.17 -30.38 14.51
N THR F 32 -21.16 -30.28 15.35
CA THR F 32 -19.88 -30.91 15.05
C THR F 32 -19.64 -32.29 15.68
N ASN F 33 -20.49 -32.67 16.62
CA ASN F 33 -20.29 -33.88 17.42
C ASN F 33 -21.57 -34.46 18.04
N ALA F 34 -21.46 -35.68 18.58
CA ALA F 34 -22.54 -36.35 19.30
C ALA F 34 -23.26 -35.44 20.32
N GLU F 35 -22.51 -34.69 21.12
CA GLU F 35 -23.13 -33.91 22.21
C GLU F 35 -23.96 -32.80 21.63
N GLN F 36 -23.39 -32.04 20.72
CA GLN F 36 -24.10 -30.95 20.08
C GLN F 36 -25.33 -31.46 19.34
N ALA F 37 -25.21 -32.64 18.73
CA ALA F 37 -26.36 -33.24 18.09
C ALA F 37 -27.47 -33.39 19.14
N ARG F 38 -27.11 -33.92 20.29
CA ARG F 38 -28.10 -34.15 21.34
C ARG F 38 -28.74 -32.88 21.84
N ILE F 39 -27.90 -31.90 22.19
CA ILE F 39 -28.38 -30.60 22.66
C ILE F 39 -29.36 -29.98 21.67
N ALA F 40 -28.96 -30.05 20.40
CA ALA F 40 -29.81 -29.60 19.31
C ALA F 40 -31.18 -30.27 19.31
N GLU F 41 -31.19 -31.60 19.30
CA GLU F 41 -32.46 -32.33 19.20
C GLU F 41 -33.35 -32.00 20.37
N GLU F 42 -32.73 -32.00 21.55
CA GLU F 42 -33.37 -31.74 22.83
C GLU F 42 -33.97 -30.36 22.84
N ALA F 43 -33.34 -29.44 22.12
CA ALA F 43 -33.82 -28.07 22.09
C ALA F 43 -34.90 -27.79 21.04
N GLY F 44 -35.31 -28.80 20.27
CA GLY F 44 -36.42 -28.61 19.35
C GLY F 44 -36.00 -28.35 17.93
N ALA F 45 -34.76 -28.71 17.63
CA ALA F 45 -34.25 -28.60 16.29
C ALA F 45 -35.04 -29.58 15.45
N VAL F 46 -35.51 -29.18 14.28
CA VAL F 46 -36.15 -30.10 13.38
C VAL F 46 -35.11 -31.02 12.73
N ALA F 47 -33.88 -30.54 12.58
CA ALA F 47 -32.81 -31.34 12.01
C ALA F 47 -31.43 -30.79 12.36
N VAL F 48 -30.41 -31.64 12.29
CA VAL F 48 -29.05 -31.13 12.48
C VAL F 48 -28.25 -31.15 11.19
N MET F 49 -27.26 -30.26 11.12
CA MET F 49 -26.35 -30.18 9.99
C MET F 49 -24.95 -30.54 10.46
N ALA F 50 -24.46 -31.67 9.99
CA ALA F 50 -23.13 -32.17 10.35
C ALA F 50 -21.98 -31.59 9.51
N LEU F 51 -21.02 -31.09 10.26
CA LEU F 51 -19.82 -30.51 9.68
C LEU F 51 -18.67 -30.63 10.67
N HIS F 52 -17.47 -30.40 10.18
CA HIS F 52 -16.25 -30.53 10.99
C HIS F 52 -16.13 -29.40 12.02
N LYS F 53 -16.33 -28.18 11.54
CA LYS F 53 -16.29 -27.03 12.44
C LYS F 53 -17.44 -26.10 12.06
N VAL F 54 -18.00 -25.42 13.06
CA VAL F 54 -19.01 -24.37 12.80
C VAL F 54 -18.34 -23.25 12.05
N PRO F 55 -19.09 -22.58 11.17
CA PRO F 55 -18.53 -21.56 10.28
C PRO F 55 -17.61 -20.53 10.97
N ALA F 56 -17.99 -19.99 12.13
CA ALA F 56 -17.13 -19.07 12.86
C ALA F 56 -15.70 -19.64 13.04
N ASP F 57 -15.66 -20.92 13.39
CA ASP F 57 -14.41 -21.63 13.59
C ASP F 57 -13.70 -21.89 12.26
N ILE F 58 -14.48 -22.20 11.22
CA ILE F 58 -13.96 -22.39 9.87
C ILE F 58 -13.15 -21.17 9.50
N ARG F 59 -13.73 -20.00 9.73
CA ARG F 59 -13.04 -18.72 9.53
C ARG F 59 -11.74 -18.59 10.30
N LYS F 60 -11.80 -18.85 11.61
CA LYS F 60 -10.61 -18.76 12.45
C LYS F 60 -9.46 -19.68 12.00
N ALA F 61 -9.84 -20.87 11.53
CA ALA F 61 -8.86 -21.92 11.23
C ALA F 61 -8.13 -21.70 9.91
N GLY F 62 -8.79 -21.02 8.97
CA GLY F 62 -8.22 -20.91 7.64
C GLY F 62 -8.06 -22.29 7.02
N GLY F 63 -7.14 -22.40 6.06
CA GLY F 63 -6.90 -23.64 5.37
C GLY F 63 -8.09 -24.17 4.57
N VAL F 64 -8.05 -25.45 4.22
CA VAL F 64 -9.11 -26.02 3.39
C VAL F 64 -10.21 -26.69 4.21
N ALA F 65 -11.46 -26.29 3.97
CA ALA F 65 -12.59 -26.85 4.69
C ALA F 65 -13.30 -27.81 3.82
N ARG F 66 -13.28 -29.07 4.24
CA ARG F 66 -13.91 -30.15 3.46
C ARG F 66 -15.08 -30.78 4.20
N MET F 67 -15.64 -31.81 3.56
CA MET F 67 -16.66 -32.67 4.16
C MET F 67 -16.18 -33.21 5.50
N ALA F 68 -17.10 -33.39 6.45
CA ALA F 68 -16.76 -33.91 7.78
C ALA F 68 -16.23 -35.34 7.67
N PRO F 69 -15.40 -35.75 8.64
CA PRO F 69 -14.92 -37.13 8.65
C PRO F 69 -16.11 -38.05 8.71
N VAL F 70 -16.05 -39.19 8.03
CA VAL F 70 -17.17 -40.13 8.00
C VAL F 70 -17.57 -40.60 9.40
N GLU F 71 -16.57 -40.93 10.21
CA GLU F 71 -16.80 -41.27 11.62
C GLU F 71 -17.67 -40.27 12.37
N LYS F 72 -17.42 -38.99 12.15
CA LYS F 72 -18.14 -37.93 12.84
C LYS F 72 -19.59 -37.87 12.38
N ILE F 73 -19.80 -38.03 11.08
CA ILE F 73 -21.14 -37.97 10.56
C ILE F 73 -21.92 -39.16 11.09
N GLN F 74 -21.28 -40.31 11.10
CA GLN F 74 -21.89 -41.55 11.62
C GLN F 74 -22.33 -41.32 13.06
N GLU F 75 -21.37 -40.94 13.90
CA GLU F 75 -21.57 -40.65 15.31
C GLU F 75 -22.77 -39.72 15.55
N ILE F 76 -22.90 -38.73 14.69
CA ILE F 76 -24.01 -37.80 14.75
C ILE F 76 -25.33 -38.47 14.34
N MET F 77 -25.34 -39.28 13.28
CA MET F 77 -26.58 -39.91 12.85
C MET F 77 -27.07 -40.88 13.92
N ASP F 78 -26.12 -41.42 14.68
CA ASP F 78 -26.43 -42.31 15.78
C ASP F 78 -27.03 -41.53 16.94
N ALA F 79 -26.43 -40.39 17.26
CA ALA F 79 -26.87 -39.60 18.41
C ALA F 79 -28.30 -39.06 18.38
N VAL F 80 -28.90 -38.92 17.19
CA VAL F 80 -30.24 -38.33 17.13
C VAL F 80 -31.22 -38.98 16.17
N THR F 81 -32.51 -38.80 16.50
CA THR F 81 -33.66 -39.30 15.74
C THR F 81 -34.12 -38.42 14.56
N ILE F 82 -33.87 -37.11 14.67
CA ILE F 82 -34.28 -36.15 13.64
C ILE F 82 -33.40 -36.27 12.40
N PRO F 83 -33.80 -35.66 11.28
CA PRO F 83 -32.93 -35.75 10.10
C PRO F 83 -31.52 -35.18 10.31
N VAL F 84 -30.53 -35.91 9.80
CA VAL F 84 -29.16 -35.44 9.76
C VAL F 84 -28.84 -35.03 8.34
N MET F 85 -28.34 -33.82 8.18
CA MET F 85 -27.93 -33.28 6.90
C MET F 85 -26.44 -33.17 7.02
N ALA F 86 -25.73 -33.14 5.90
CA ALA F 86 -24.29 -32.94 6.00
C ALA F 86 -23.81 -32.02 4.89
N LYS F 87 -22.67 -31.36 5.16
CA LYS F 87 -22.12 -30.42 4.17
C LYS F 87 -21.08 -31.05 3.24
N CYS F 88 -21.08 -30.61 1.98
CA CYS F 88 -19.98 -30.92 1.05
C CYS F 88 -19.50 -29.69 0.27
N ARG F 89 -18.27 -29.77 -0.20
CA ARG F 89 -17.64 -28.74 -1.00
C ARG F 89 -18.37 -28.53 -2.32
N ILE F 90 -18.53 -27.28 -2.74
CA ILE F 90 -19.20 -26.97 -4.00
C ILE F 90 -18.60 -27.73 -5.16
N GLY F 91 -19.45 -28.40 -5.91
CA GLY F 91 -18.99 -29.10 -7.09
C GLY F 91 -18.26 -30.39 -6.80
N HIS F 92 -18.13 -30.76 -5.53
CA HIS F 92 -17.35 -31.96 -5.23
C HIS F 92 -18.29 -33.16 -5.23
N GLU F 93 -18.29 -33.89 -6.33
CA GLU F 93 -19.32 -34.87 -6.58
C GLU F 93 -19.10 -36.11 -5.72
N ALA F 94 -17.83 -36.45 -5.51
CA ALA F 94 -17.46 -37.63 -4.76
C ALA F 94 -17.85 -37.48 -3.33
N GLU F 95 -17.57 -36.33 -2.75
CA GLU F 95 -17.95 -36.06 -1.37
C GLU F 95 -19.44 -36.27 -1.23
N ALA F 96 -20.23 -35.71 -2.14
CA ALA F 96 -21.68 -35.86 -2.11
C ALA F 96 -22.08 -37.32 -2.21
N ARG F 97 -21.50 -38.09 -3.12
CA ARG F 97 -21.91 -39.49 -3.26
C ARG F 97 -21.55 -40.33 -2.03
N ILE F 98 -20.42 -40.06 -1.42
CA ILE F 98 -20.11 -40.66 -0.13
C ILE F 98 -21.15 -40.26 0.94
N LEU F 99 -21.56 -39.00 0.94
CA LEU F 99 -22.54 -38.53 1.92
C LEU F 99 -23.85 -39.27 1.72
N GLU F 100 -24.24 -39.43 0.46
CA GLU F 100 -25.49 -40.07 0.11
C GLU F 100 -25.43 -41.53 0.50
N ALA F 101 -24.33 -42.20 0.15
CA ALA F 101 -24.10 -43.59 0.53
C ALA F 101 -24.16 -43.79 2.04
N LEU F 102 -23.68 -42.81 2.78
CA LEU F 102 -23.66 -42.89 4.22
C LEU F 102 -25.07 -42.80 4.74
N GLY F 103 -26.01 -42.45 3.86
CA GLY F 103 -27.40 -42.29 4.24
C GLY F 103 -27.84 -41.00 4.91
N VAL F 104 -27.17 -39.89 4.67
CA VAL F 104 -27.64 -38.64 5.20
C VAL F 104 -28.97 -38.31 4.51
N ASP F 105 -29.80 -37.51 5.19
CA ASP F 105 -31.14 -37.18 4.72
C ASP F 105 -31.11 -36.06 3.69
N MET F 106 -30.13 -35.18 3.84
CA MET F 106 -29.95 -34.09 2.90
C MET F 106 -28.49 -33.69 2.80
N ILE F 107 -28.09 -33.31 1.60
CA ILE F 107 -26.74 -32.82 1.41
C ILE F 107 -26.78 -31.33 1.14
N ASP F 108 -25.87 -30.60 1.77
CA ASP F 108 -25.76 -29.16 1.57
C ASP F 108 -24.53 -28.84 0.73
N GLU F 109 -24.74 -28.25 -0.44
CA GLU F 109 -23.58 -27.91 -1.26
C GLU F 109 -23.23 -26.52 -0.78
N SER F 110 -22.18 -26.44 0.03
CA SER F 110 -22.04 -25.28 0.91
C SER F 110 -20.91 -24.37 0.50
N GLU F 111 -21.23 -23.08 0.48
CA GLU F 111 -20.26 -22.08 0.14
C GLU F 111 -19.38 -21.78 1.34
N VAL F 112 -19.68 -22.35 2.49
CA VAL F 112 -18.77 -22.18 3.63
C VAL F 112 -17.58 -23.14 3.59
N LEU F 113 -17.71 -24.25 2.88
CA LEU F 113 -16.56 -25.12 2.63
C LEU F 113 -15.77 -24.60 1.44
N THR F 114 -14.47 -24.93 1.36
CA THR F 114 -13.63 -24.53 0.21
C THR F 114 -14.13 -25.13 -1.07
N PRO F 115 -14.57 -24.31 -2.02
CA PRO F 115 -15.12 -24.87 -3.26
C PRO F 115 -14.16 -25.82 -3.97
N ALA F 116 -14.68 -26.93 -4.48
CA ALA F 116 -13.88 -27.88 -5.25
C ALA F 116 -13.76 -27.58 -6.73
N ASP F 117 -14.82 -27.01 -7.29
CA ASP F 117 -14.93 -26.71 -8.72
C ASP F 117 -15.11 -25.21 -9.02
N PRO F 118 -14.15 -24.59 -9.71
CA PRO F 118 -14.27 -23.16 -9.99
C PRO F 118 -15.34 -22.85 -11.03
N PHE F 119 -15.76 -23.85 -11.79
CA PHE F 119 -16.73 -23.65 -12.87
C PHE F 119 -18.20 -24.00 -12.56
N PHE F 120 -18.42 -25.23 -12.08
CA PHE F 120 -19.76 -25.79 -11.97
C PHE F 120 -20.13 -26.32 -10.59
N HIS F 121 -21.41 -26.25 -10.26
CA HIS F 121 -21.93 -27.00 -9.14
C HIS F 121 -22.22 -28.48 -9.48
N ILE F 122 -22.35 -29.30 -8.45
CA ILE F 122 -22.71 -30.69 -8.61
C ILE F 122 -24.01 -30.74 -9.38
N TYR F 123 -24.17 -31.72 -10.30
CA TYR F 123 -25.44 -31.81 -11.00
C TYR F 123 -26.33 -32.70 -10.15
N LYS F 124 -27.27 -32.05 -9.49
CA LYS F 124 -27.92 -32.62 -8.31
C LYS F 124 -29.04 -33.53 -8.74
N LYS F 125 -29.55 -33.33 -9.95
CA LYS F 125 -30.64 -34.13 -10.46
C LYS F 125 -30.28 -35.61 -10.54
N LYS F 126 -29.00 -35.91 -10.75
CA LYS F 126 -28.51 -37.30 -10.83
C LYS F 126 -28.50 -38.03 -9.52
N PHE F 127 -28.63 -37.31 -8.42
CA PHE F 127 -28.58 -37.88 -7.08
C PHE F 127 -29.94 -38.36 -6.58
N THR F 128 -29.96 -39.38 -5.72
CA THR F 128 -31.22 -39.71 -5.06
C THR F 128 -31.40 -38.82 -3.86
N ALA F 129 -30.33 -38.58 -3.12
CA ALA F 129 -30.43 -37.68 -1.97
C ALA F 129 -30.78 -36.26 -2.45
N PRO F 130 -31.61 -35.57 -1.64
CA PRO F 130 -32.02 -34.18 -1.91
C PRO F 130 -30.97 -33.16 -1.46
N PHE F 131 -30.84 -32.08 -2.22
CA PHE F 131 -29.81 -31.09 -1.95
C PHE F 131 -30.38 -29.74 -1.43
N VAL F 132 -29.70 -29.14 -0.47
CA VAL F 132 -29.96 -27.75 -0.16
C VAL F 132 -28.78 -26.91 -0.62
N CYS F 133 -29.07 -25.77 -1.23
CA CYS F 133 -28.00 -24.91 -1.75
C CYS F 133 -28.18 -23.47 -1.33
N GLY F 134 -27.09 -22.71 -1.27
CA GLY F 134 -27.15 -21.31 -0.89
C GLY F 134 -27.40 -20.40 -2.09
N ALA F 135 -28.02 -19.25 -1.87
CA ALA F 135 -28.22 -18.27 -2.93
C ALA F 135 -28.14 -16.86 -2.37
N ARG F 136 -27.38 -15.98 -3.01
CA ARG F 136 -27.39 -14.61 -2.58
C ARG F 136 -28.35 -13.71 -3.34
N ASN F 137 -28.92 -14.21 -4.42
CA ASN F 137 -29.98 -13.51 -5.15
C ASN F 137 -30.77 -14.45 -6.02
N LEU F 138 -31.77 -13.95 -6.72
CA LEU F 138 -32.69 -14.85 -7.41
C LEU F 138 -32.02 -15.65 -8.53
N GLY F 139 -31.08 -15.03 -9.26
CA GLY F 139 -30.34 -15.71 -10.32
C GLY F 139 -29.66 -16.95 -9.80
N GLU F 140 -28.91 -16.78 -8.72
CA GLU F 140 -28.32 -17.90 -8.02
C GLU F 140 -29.33 -18.97 -7.67
N ALA F 141 -30.45 -18.55 -7.07
CA ALA F 141 -31.42 -19.51 -6.51
C ALA F 141 -31.99 -20.36 -7.61
N VAL F 142 -32.37 -19.70 -8.70
CA VAL F 142 -32.91 -20.35 -9.86
C VAL F 142 -31.91 -21.32 -10.47
N ARG F 143 -30.64 -20.91 -10.58
CA ARG F 143 -29.65 -21.82 -11.17
C ARG F 143 -29.51 -23.04 -10.28
N ARG F 144 -29.37 -22.79 -8.99
CA ARG F 144 -29.24 -23.87 -8.05
C ARG F 144 -30.42 -24.84 -8.11
N ILE F 145 -31.62 -24.30 -8.26
CA ILE F 145 -32.82 -25.10 -8.41
C ILE F 145 -32.75 -25.95 -9.68
N TRP F 146 -32.44 -25.31 -10.81
CA TRP F 146 -32.33 -26.00 -12.08
C TRP F 146 -31.33 -27.12 -12.03
N GLU F 147 -30.24 -26.95 -11.31
CA GLU F 147 -29.30 -28.05 -11.13
C GLU F 147 -29.87 -29.14 -10.23
N GLY F 148 -31.05 -28.90 -9.68
CA GLY F 148 -31.73 -29.93 -8.90
C GLY F 148 -31.82 -29.79 -7.39
N ALA F 149 -31.47 -28.61 -6.88
CA ALA F 149 -31.66 -28.32 -5.46
C ALA F 149 -33.14 -28.43 -5.05
N ALA F 150 -33.38 -29.14 -3.97
CA ALA F 150 -34.74 -29.39 -3.48
C ALA F 150 -35.13 -28.35 -2.46
N MET F 151 -34.12 -27.63 -1.99
CA MET F 151 -34.30 -26.59 -0.99
C MET F 151 -33.22 -25.51 -1.12
N ILE F 152 -33.59 -24.26 -0.96
CA ILE F 152 -32.54 -23.25 -0.99
C ILE F 152 -32.56 -22.37 0.25
N ARG F 153 -31.39 -21.88 0.61
CA ARG F 153 -31.25 -20.97 1.76
C ARG F 153 -30.48 -19.77 1.32
N THR F 154 -30.53 -18.73 2.11
CA THR F 154 -29.69 -17.59 1.84
C THR F 154 -28.29 -17.91 2.27
N LYS F 155 -27.30 -17.27 1.66
CA LYS F 155 -25.93 -17.53 2.06
C LYS F 155 -25.62 -16.77 3.33
N GLY F 156 -26.04 -15.50 3.35
CA GLY F 156 -25.65 -14.56 4.39
C GLY F 156 -24.15 -14.42 4.42
N GLU F 157 -23.59 -14.08 5.56
CA GLU F 157 -22.16 -14.18 5.74
C GLU F 157 -21.98 -15.14 6.91
N ALA F 158 -21.55 -16.36 6.63
CA ALA F 158 -21.57 -17.41 7.66
C ALA F 158 -20.50 -17.19 8.73
N GLY F 159 -20.85 -17.48 9.99
CA GLY F 159 -19.91 -17.38 11.10
C GLY F 159 -19.62 -15.97 11.60
N THR F 160 -20.31 -14.97 11.05
CA THR F 160 -20.09 -13.58 11.46
C THR F 160 -21.00 -13.08 12.56
N GLY F 161 -22.05 -13.85 12.90
CA GLY F 161 -23.02 -13.39 13.86
C GLY F 161 -23.74 -12.12 13.45
N ASN F 162 -23.60 -11.80 12.16
CA ASN F 162 -24.15 -10.56 11.63
C ASN F 162 -25.26 -10.84 10.61
N ILE F 163 -26.49 -10.49 10.96
CA ILE F 163 -27.67 -10.85 10.22
C ILE F 163 -27.78 -10.06 8.91
N ILE F 164 -26.95 -9.03 8.73
CA ILE F 164 -27.14 -8.11 7.61
C ILE F 164 -27.08 -8.76 6.26
N GLU F 165 -26.13 -9.67 6.07
CA GLU F 165 -25.97 -10.27 4.76
C GLU F 165 -27.15 -11.19 4.42
N ALA F 166 -27.58 -11.99 5.41
CA ALA F 166 -28.80 -12.76 5.25
C ALA F 166 -29.96 -11.86 4.81
N VAL F 167 -30.11 -10.70 5.45
CA VAL F 167 -31.26 -9.83 5.17
C VAL F 167 -31.15 -9.31 3.75
N ARG F 168 -29.93 -8.95 3.36
CA ARG F 168 -29.70 -8.44 2.03
C ARG F 168 -30.17 -9.48 1.02
N HIS F 169 -29.72 -10.71 1.21
CA HIS F 169 -30.02 -11.77 0.27
C HIS F 169 -31.51 -12.05 0.16
N VAL F 170 -32.20 -12.02 1.30
CA VAL F 170 -33.65 -12.17 1.31
C VAL F 170 -34.32 -11.04 0.52
N ARG F 171 -33.89 -9.81 0.75
CA ARG F 171 -34.52 -8.71 0.03
C ARG F 171 -34.27 -8.79 -1.44
N LEU F 172 -33.02 -9.02 -1.83
CA LEU F 172 -32.66 -9.21 -3.24
C LEU F 172 -33.51 -10.27 -3.91
N VAL F 173 -33.64 -11.43 -3.28
CA VAL F 173 -34.52 -12.46 -3.83
C VAL F 173 -35.98 -11.99 -3.95
N ASN F 174 -36.55 -11.51 -2.85
CA ASN F 174 -37.92 -11.07 -2.86
C ASN F 174 -38.27 -9.96 -3.87
N GLU F 175 -37.49 -8.89 -3.88
CA GLU F 175 -37.70 -7.82 -4.85
C GLU F 175 -37.59 -8.31 -6.25
N ASN F 176 -36.65 -9.19 -6.53
CA ASN F 176 -36.57 -9.82 -7.86
C ASN F 176 -37.73 -10.69 -8.25
N ILE F 177 -38.31 -11.39 -7.28
CA ILE F 177 -39.59 -12.04 -7.54
C ILE F 177 -40.70 -11.04 -7.90
N ARG F 178 -40.88 -10.01 -7.08
CA ARG F 178 -41.90 -9.00 -7.34
C ARG F 178 -41.68 -8.37 -8.72
N LEU F 179 -40.43 -8.09 -9.07
CA LEU F 179 -40.13 -7.57 -10.39
C LEU F 179 -40.62 -8.54 -11.45
N ILE F 180 -40.32 -9.83 -11.28
CA ILE F 180 -40.77 -10.85 -12.22
C ILE F 180 -42.29 -10.78 -12.42
N GLN F 181 -43.03 -10.79 -11.32
CA GLN F 181 -44.49 -10.68 -11.40
C GLN F 181 -45.00 -9.46 -12.17
N ARG F 182 -44.22 -8.39 -12.25
CA ARG F 182 -44.67 -7.22 -12.99
C ARG F 182 -44.28 -7.28 -14.47
N MET F 183 -43.69 -8.38 -14.91
CA MET F 183 -43.13 -8.41 -16.26
C MET F 183 -43.96 -9.21 -17.26
N THR F 184 -43.91 -8.77 -18.51
CA THR F 184 -44.45 -9.54 -19.63
C THR F 184 -43.61 -10.80 -19.77
N ASP F 185 -44.18 -11.85 -20.34
CA ASP F 185 -43.43 -13.08 -20.59
C ASP F 185 -42.09 -12.85 -21.34
N GLU F 186 -42.09 -11.95 -22.33
CA GLU F 186 -40.89 -11.72 -23.15
C GLU F 186 -39.78 -11.12 -22.31
N GLU F 187 -40.16 -10.19 -21.42
CA GLU F 187 -39.22 -9.53 -20.53
C GLU F 187 -38.57 -10.56 -19.60
N ILE F 188 -39.42 -11.43 -19.08
CA ILE F 188 -38.98 -12.52 -18.25
C ILE F 188 -37.98 -13.38 -18.98
N TYR F 189 -38.21 -13.60 -20.28
CA TYR F 189 -37.26 -14.37 -21.06
C TYR F 189 -35.87 -13.74 -21.02
N GLY F 190 -35.80 -12.42 -21.17
CA GLY F 190 -34.53 -11.71 -21.09
C GLY F 190 -33.83 -11.93 -19.76
N VAL F 191 -34.59 -11.83 -18.67
CA VAL F 191 -34.03 -12.18 -17.36
C VAL F 191 -33.47 -13.62 -17.37
N ALA F 192 -34.19 -14.55 -17.99
CA ALA F 192 -33.72 -15.92 -18.09
C ALA F 192 -32.37 -16.01 -18.81
N GLU F 193 -32.22 -15.27 -19.91
CA GLU F 193 -30.94 -15.16 -20.59
C GLU F 193 -29.84 -14.71 -19.65
N LYS F 194 -30.06 -13.60 -18.95
CA LYS F 194 -29.09 -13.09 -17.97
C LYS F 194 -28.74 -14.10 -16.88
N PHE F 195 -29.73 -14.87 -16.42
CA PHE F 195 -29.51 -15.78 -15.31
C PHE F 195 -28.73 -17.02 -15.70
N ALA F 196 -28.73 -17.35 -16.98
CA ALA F 196 -28.01 -18.51 -17.44
C ALA F 196 -26.56 -18.18 -17.84
N GLU F 197 -26.19 -16.91 -17.83
CA GLU F 197 -24.85 -16.49 -18.26
C GLU F 197 -23.66 -17.18 -17.59
N PRO F 198 -23.69 -17.34 -16.26
CA PRO F 198 -22.52 -17.93 -15.59
C PRO F 198 -22.03 -19.28 -16.16
N TYR F 199 -22.91 -20.09 -16.76
CA TYR F 199 -22.50 -21.39 -17.25
C TYR F 199 -21.42 -21.27 -18.38
N LEU F 200 -21.45 -20.13 -19.06
CA LEU F 200 -20.54 -19.87 -20.18
C LEU F 200 -19.11 -19.60 -19.74
N ARG F 201 -18.90 -19.56 -18.45
CA ARG F 201 -17.65 -19.06 -17.91
C ARG F 201 -16.53 -20.01 -18.35
N LEU F 202 -16.74 -21.33 -18.33
CA LEU F 202 -15.64 -22.23 -18.66
C LEU F 202 -15.46 -22.33 -20.17
N ALA F 203 -16.54 -22.35 -20.93
CA ALA F 203 -16.40 -22.15 -22.37
C ALA F 203 -15.54 -20.95 -22.71
N PHE F 204 -15.82 -19.78 -22.11
CA PHE F 204 -15.18 -18.56 -22.59
C PHE F 204 -13.71 -18.55 -22.21
N SER F 205 -13.39 -19.21 -21.09
CA SER F 205 -12.01 -19.23 -20.63
C SER F 205 -11.23 -19.96 -21.72
N VAL F 206 -11.84 -21.03 -22.22
CA VAL F 206 -11.20 -21.89 -23.17
C VAL F 206 -11.11 -21.21 -24.55
N LYS F 207 -12.15 -20.49 -24.94
CA LYS F 207 -12.09 -19.69 -26.16
C LYS F 207 -10.91 -18.74 -26.06
N GLU F 208 -10.72 -18.11 -24.89
CA GLU F 208 -9.62 -17.18 -24.78
C GLU F 208 -8.29 -17.90 -24.93
N ILE F 209 -8.18 -19.08 -24.32
CA ILE F 209 -6.94 -19.83 -24.39
C ILE F 209 -6.65 -20.27 -25.83
N SER F 210 -7.72 -20.53 -26.57
CA SER F 210 -7.61 -20.96 -27.97
C SER F 210 -7.46 -19.80 -28.94
N GLY F 211 -7.41 -18.58 -28.43
CA GLY F 211 -7.30 -17.41 -29.29
C GLY F 211 -8.52 -17.10 -30.14
N LEU F 212 -9.69 -17.61 -29.75
CA LEU F 212 -10.93 -17.26 -30.42
C LEU F 212 -11.64 -16.17 -29.63
N PRO F 213 -12.67 -15.55 -30.23
CA PRO F 213 -13.46 -14.54 -29.51
C PRO F 213 -14.43 -15.21 -28.53
N LYS F 214 -14.83 -14.51 -27.48
CA LYS F 214 -15.69 -15.16 -26.52
C LYS F 214 -17.13 -14.94 -26.95
N ARG F 215 -17.70 -15.97 -27.52
CA ARG F 215 -19.00 -15.86 -28.12
C ARG F 215 -19.77 -17.09 -27.73
N VAL F 216 -21.08 -16.94 -27.62
CA VAL F 216 -21.92 -18.09 -27.41
C VAL F 216 -22.29 -18.70 -28.77
N LEU F 217 -21.95 -19.99 -28.95
CA LEU F 217 -22.29 -20.73 -30.16
C LEU F 217 -23.53 -21.56 -29.88
N GLU F 218 -24.45 -21.56 -30.84
CA GLU F 218 -25.82 -22.03 -30.59
C GLU F 218 -25.98 -23.52 -30.28
N ASN F 219 -25.16 -24.37 -30.93
CA ASN F 219 -25.23 -25.80 -30.71
C ASN F 219 -24.19 -26.36 -29.73
N GLU F 220 -23.41 -25.48 -29.14
CA GLU F 220 -22.31 -25.84 -28.26
C GLU F 220 -22.77 -26.25 -26.86
N PRO F 221 -22.53 -27.51 -26.47
CA PRO F 221 -22.83 -28.01 -25.12
C PRO F 221 -21.92 -27.42 -24.05
N ILE F 222 -22.53 -26.81 -23.06
CA ILE F 222 -21.87 -26.02 -22.02
C ILE F 222 -21.71 -26.87 -20.77
N TYR F 223 -22.85 -27.37 -20.27
CA TYR F 223 -22.94 -28.03 -18.96
C TYR F 223 -23.86 -29.26 -18.97
N GLU F 224 -23.35 -30.37 -18.49
CA GLU F 224 -24.10 -31.61 -18.39
C GLU F 224 -24.93 -31.91 -19.64
N GLY F 225 -24.36 -31.66 -20.80
CA GLY F 225 -25.04 -31.91 -22.05
C GLY F 225 -25.85 -30.77 -22.62
N PHE F 226 -26.21 -29.81 -21.77
CA PHE F 226 -27.11 -28.75 -22.19
C PHE F 226 -26.42 -27.63 -22.95
N THR F 227 -27.08 -27.15 -24.00
CA THR F 227 -26.65 -25.99 -24.78
C THR F 227 -27.01 -24.76 -23.98
N TYR F 228 -26.36 -23.63 -24.22
CA TYR F 228 -26.72 -22.41 -23.46
C TYR F 228 -28.21 -22.06 -23.59
N ARG F 229 -28.69 -22.09 -24.83
CA ARG F 229 -30.09 -21.77 -25.11
C ARG F 229 -31.03 -22.70 -24.37
N GLU F 230 -30.66 -23.99 -24.29
CA GLU F 230 -31.45 -25.00 -23.59
C GLU F 230 -31.60 -24.62 -22.12
N ILE F 231 -30.49 -24.21 -21.51
CA ILE F 231 -30.51 -23.76 -20.12
C ILE F 231 -31.40 -22.54 -19.99
N VAL F 232 -31.31 -21.65 -20.97
CA VAL F 232 -32.05 -20.40 -20.91
C VAL F 232 -33.54 -20.77 -20.87
N GLU F 233 -33.93 -21.79 -21.66
CA GLU F 233 -35.33 -22.26 -21.75
C GLU F 233 -35.82 -22.86 -20.44
N ASP F 234 -35.00 -23.73 -19.87
CA ASP F 234 -35.41 -24.39 -18.64
C ASP F 234 -35.59 -23.36 -17.51
N ILE F 235 -34.60 -22.47 -17.43
CA ILE F 235 -34.61 -21.40 -16.45
C ILE F 235 -35.86 -20.56 -16.62
N TYR F 236 -36.10 -20.11 -17.86
CA TYR F 236 -37.31 -19.36 -18.20
C TYR F 236 -38.58 -20.03 -17.64
N LYS F 237 -38.71 -21.34 -17.87
CA LYS F 237 -39.82 -22.10 -17.31
C LYS F 237 -39.92 -21.90 -15.80
N ILE F 238 -38.79 -22.05 -15.11
CA ILE F 238 -38.78 -21.92 -13.65
C ILE F 238 -39.19 -20.53 -13.20
N LEU F 239 -38.73 -19.53 -13.95
CA LEU F 239 -39.08 -18.15 -13.67
C LEU F 239 -40.58 -17.97 -13.74
N LEU F 240 -41.18 -18.50 -14.81
CA LEU F 240 -42.64 -18.43 -14.98
C LEU F 240 -43.38 -19.07 -13.82
N GLU F 241 -42.91 -20.23 -13.41
CA GLU F 241 -43.49 -20.88 -12.25
C GLU F 241 -43.41 -19.97 -11.04
N ILE F 242 -42.29 -19.29 -10.91
CA ILE F 242 -42.12 -18.34 -9.82
C ILE F 242 -43.13 -17.19 -9.90
N LYS F 243 -43.26 -16.61 -11.08
CA LYS F 243 -44.23 -15.54 -11.31
C LYS F 243 -45.62 -15.95 -10.83
N LYS F 244 -46.05 -17.16 -11.19
CA LYS F 244 -47.32 -17.69 -10.70
C LYS F 244 -47.34 -17.81 -9.18
N LEU F 245 -46.37 -18.54 -8.65
CA LEU F 245 -46.31 -18.87 -7.23
C LEU F 245 -46.10 -17.70 -6.27
N GLY F 246 -45.51 -16.61 -6.74
CA GLY F 246 -45.14 -15.51 -5.86
C GLY F 246 -43.97 -15.77 -4.92
N ARG F 247 -43.41 -16.97 -4.97
CA ARG F 247 -42.26 -17.31 -4.18
C ARG F 247 -41.43 -18.36 -4.90
N LEU F 248 -40.46 -18.93 -4.20
CA LEU F 248 -39.68 -20.01 -4.80
C LEU F 248 -40.44 -21.32 -4.73
N PRO F 249 -40.33 -22.14 -5.78
CA PRO F 249 -40.92 -23.47 -5.93
C PRO F 249 -40.42 -24.48 -4.89
N VAL F 250 -39.39 -24.14 -4.14
CA VAL F 250 -38.92 -25.03 -3.07
C VAL F 250 -38.92 -24.37 -1.70
N VAL F 251 -38.79 -25.16 -0.66
CA VAL F 251 -38.71 -24.63 0.68
C VAL F 251 -37.53 -23.67 0.73
N ASN F 252 -37.74 -22.50 1.30
CA ASN F 252 -36.72 -21.45 1.31
C ASN F 252 -36.35 -21.00 2.72
N PHE F 253 -35.14 -21.27 3.18
CA PHE F 253 -34.74 -20.91 4.55
C PHE F 253 -33.77 -19.76 4.61
N ALA F 254 -33.79 -19.06 5.73
CA ALA F 254 -32.79 -18.05 6.03
C ALA F 254 -31.60 -18.68 6.74
N ALA F 255 -30.39 -18.21 6.42
CA ALA F 255 -29.18 -18.75 7.01
C ALA F 255 -28.09 -17.71 7.09
N GLY F 256 -27.11 -17.94 7.98
CA GLY F 256 -26.03 -16.98 8.08
C GLY F 256 -25.99 -15.79 9.00
N GLY F 257 -25.50 -16.03 10.22
CA GLY F 257 -25.25 -14.95 11.15
C GLY F 257 -26.45 -14.73 12.04
N VAL F 258 -27.26 -15.75 12.24
CA VAL F 258 -28.36 -15.59 13.15
C VAL F 258 -27.75 -15.82 14.52
N ALA F 259 -27.73 -14.75 15.33
CA ALA F 259 -27.08 -14.82 16.63
C ALA F 259 -27.96 -14.79 17.87
N THR F 260 -29.23 -14.42 17.68
CA THR F 260 -30.16 -14.17 18.78
C THR F 260 -31.59 -14.48 18.38
N PRO F 261 -32.46 -14.77 19.35
CA PRO F 261 -33.87 -15.01 19.06
C PRO F 261 -34.47 -13.96 18.14
N ALA F 262 -34.15 -12.69 18.39
CA ALA F 262 -34.75 -11.61 17.60
C ALA F 262 -34.36 -11.77 16.13
N ASP F 263 -33.11 -12.16 15.89
CA ASP F 263 -32.63 -12.39 14.53
C ASP F 263 -33.54 -13.38 13.82
N ALA F 264 -33.68 -14.56 14.43
CA ALA F 264 -34.49 -15.61 13.83
C ALA F 264 -35.91 -15.12 13.57
N ALA F 265 -36.45 -14.38 14.56
CA ALA F 265 -37.78 -13.84 14.43
C ALA F 265 -37.89 -12.92 13.20
N LEU F 266 -36.88 -12.07 13.03
CA LEU F 266 -36.84 -11.16 11.90
C LEU F 266 -36.90 -11.88 10.57
N MET F 267 -36.08 -12.92 10.46
CA MET F 267 -36.07 -13.75 9.25
C MET F 267 -37.47 -14.33 8.98
N MET F 268 -38.05 -14.99 9.98
CA MET F 268 -39.40 -15.54 9.82
C MET F 268 -40.39 -14.47 9.36
N ALA F 269 -40.27 -13.29 9.96
CA ALA F 269 -41.16 -12.19 9.69
C ALA F 269 -40.94 -11.61 8.30
N MET F 270 -39.84 -11.98 7.67
CA MET F 270 -39.66 -11.54 6.29
C MET F 270 -40.17 -12.56 5.31
N GLY F 271 -40.74 -13.64 5.83
CA GLY F 271 -41.37 -14.61 4.95
C GLY F 271 -40.54 -15.82 4.61
N MET F 272 -39.47 -16.04 5.36
CA MET F 272 -38.69 -17.27 5.24
C MET F 272 -39.41 -18.45 5.89
N ASP F 273 -39.16 -19.66 5.38
CA ASP F 273 -39.83 -20.86 5.88
C ASP F 273 -39.20 -21.44 7.16
N GLY F 274 -38.01 -20.96 7.51
CA GLY F 274 -37.31 -21.54 8.64
C GLY F 274 -35.92 -21.00 8.71
N VAL F 275 -35.16 -21.40 9.71
CA VAL F 275 -33.86 -20.80 9.95
C VAL F 275 -32.75 -21.83 10.14
N PHE F 276 -31.59 -21.59 9.52
CA PHE F 276 -30.37 -22.36 9.77
C PHE F 276 -29.54 -21.57 10.76
N VAL F 277 -29.10 -22.19 11.85
CA VAL F 277 -28.10 -21.51 12.68
C VAL F 277 -27.00 -22.47 13.13
N GLY F 278 -25.78 -22.23 12.69
CA GLY F 278 -24.65 -22.86 13.33
C GLY F 278 -23.91 -22.18 14.48
N SER F 279 -23.36 -21.03 14.17
CA SER F 279 -22.36 -20.44 15.04
C SER F 279 -23.03 -19.73 16.18
N GLY F 280 -24.18 -19.11 15.90
CA GLY F 280 -24.97 -18.43 16.91
C GLY F 280 -25.24 -19.22 18.19
N ILE F 281 -25.50 -20.51 18.05
CA ILE F 281 -25.74 -21.36 19.21
C ILE F 281 -24.49 -21.82 19.96
N PHE F 282 -23.54 -22.44 19.29
CA PHE F 282 -22.45 -23.08 20.03
C PHE F 282 -21.29 -22.16 20.32
N LYS F 283 -21.29 -20.98 19.72
CA LYS F 283 -20.29 -19.98 20.03
C LYS F 283 -20.86 -19.02 21.08
N SER F 284 -22.10 -19.30 21.45
CA SER F 284 -22.81 -18.60 22.52
C SER F 284 -22.37 -19.12 23.90
N SER F 285 -22.57 -18.33 24.96
CA SER F 285 -22.15 -18.74 26.30
C SER F 285 -23.01 -19.87 26.87
N ASN F 286 -24.30 -19.85 26.58
CA ASN F 286 -25.16 -20.92 27.05
C ASN F 286 -25.88 -21.62 25.89
N PRO F 287 -25.17 -22.54 25.22
CA PRO F 287 -25.72 -23.11 23.98
C PRO F 287 -27.12 -23.74 24.10
N PRO F 288 -27.38 -24.57 25.13
CA PRO F 288 -28.72 -25.18 25.12
C PRO F 288 -29.83 -24.14 25.27
N LYS F 289 -29.56 -23.15 26.11
CA LYS F 289 -30.53 -22.11 26.37
C LYS F 289 -30.82 -21.32 25.09
N MET F 290 -29.75 -20.89 24.43
CA MET F 290 -29.84 -20.16 23.19
C MET F 290 -30.55 -21.01 22.12
N ALA F 291 -30.23 -22.30 22.07
CA ALA F 291 -30.84 -23.21 21.12
C ALA F 291 -32.37 -23.19 21.28
N ARG F 292 -32.81 -23.60 22.46
CA ARG F 292 -34.23 -23.63 22.74
C ARG F 292 -34.89 -22.27 22.47
N ALA F 293 -34.19 -21.21 22.83
CA ALA F 293 -34.70 -19.85 22.65
C ALA F 293 -34.96 -19.54 21.17
N ILE F 294 -34.02 -19.91 20.30
CA ILE F 294 -34.17 -19.64 18.88
C ILE F 294 -35.28 -20.48 18.29
N VAL F 295 -35.40 -21.73 18.75
CA VAL F 295 -36.50 -22.56 18.31
C VAL F 295 -37.84 -21.92 18.66
N GLU F 296 -37.97 -21.50 19.93
CA GLU F 296 -39.24 -20.96 20.39
C GLU F 296 -39.52 -19.62 19.72
N ALA F 297 -38.45 -18.92 19.38
CA ALA F 297 -38.55 -17.67 18.63
C ALA F 297 -39.14 -17.94 17.26
N VAL F 298 -38.68 -18.99 16.59
CA VAL F 298 -39.20 -19.30 15.26
C VAL F 298 -40.64 -19.77 15.33
N ASN F 299 -41.00 -20.44 16.42
CA ASN F 299 -42.39 -20.84 16.59
C ASN F 299 -43.33 -19.69 16.95
N HIS F 300 -42.82 -18.76 17.75
CA HIS F 300 -43.54 -17.56 18.19
C HIS F 300 -43.24 -16.20 17.53
N TRP F 301 -42.61 -16.23 16.36
CA TRP F 301 -42.11 -15.00 15.75
C TRP F 301 -43.05 -13.81 15.58
N ASP F 302 -44.35 -14.05 15.48
CA ASP F 302 -45.33 -12.96 15.33
C ASP F 302 -45.89 -12.48 16.68
N GLU F 303 -45.33 -12.99 17.76
CA GLU F 303 -45.80 -12.67 19.10
C GLU F 303 -44.71 -11.97 19.96
N PRO F 304 -44.58 -10.64 19.83
CA PRO F 304 -43.56 -9.84 20.51
C PRO F 304 -43.48 -10.09 22.00
N ASP F 305 -44.62 -10.38 22.64
CA ASP F 305 -44.63 -10.56 24.08
C ASP F 305 -43.85 -11.79 24.42
N VAL F 306 -44.14 -12.83 23.64
CA VAL F 306 -43.44 -14.09 23.79
C VAL F 306 -41.96 -13.97 23.45
N LEU F 307 -41.62 -13.34 22.33
CA LEU F 307 -40.21 -13.10 21.94
C LEU F 307 -39.45 -12.49 23.11
N ALA F 308 -40.06 -11.45 23.65
CA ALA F 308 -39.57 -10.73 24.81
C ALA F 308 -39.27 -11.65 25.99
N GLU F 309 -40.24 -12.49 26.35
CA GLU F 309 -39.98 -13.41 27.46
C GLU F 309 -38.88 -14.42 27.14
N ILE F 310 -38.87 -14.85 25.89
CA ILE F 310 -38.03 -15.95 25.39
C ILE F 310 -36.56 -15.61 25.49
N SER F 311 -36.28 -14.33 25.32
CA SER F 311 -34.91 -13.81 25.37
C SER F 311 -34.35 -13.36 26.73
N ARG F 312 -34.93 -13.81 27.83
CA ARG F 312 -34.50 -13.36 29.16
C ARG F 312 -33.24 -13.97 29.81
N GLU F 313 -32.76 -15.16 29.42
CA GLU F 313 -31.38 -15.47 29.81
C GLU F 313 -30.54 -16.09 28.72
N ILE F 314 -29.49 -15.38 28.33
CA ILE F 314 -28.33 -15.95 27.65
C ILE F 314 -27.35 -14.82 27.43
N GLY F 315 -26.08 -15.13 27.21
CA GLY F 315 -25.36 -14.07 26.55
C GLY F 315 -24.18 -14.46 25.76
N GLU F 316 -24.17 -14.03 24.48
CA GLU F 316 -23.02 -14.24 23.57
C GLU F 316 -23.15 -14.11 22.04
N PRO F 317 -22.04 -14.56 21.41
CA PRO F 317 -21.55 -14.46 20.01
C PRO F 317 -21.19 -13.07 19.56
N MET F 318 -20.14 -12.52 20.17
CA MET F 318 -19.48 -11.30 19.66
C MET F 318 -18.95 -11.78 18.38
N ARG F 319 -19.25 -11.16 17.25
CA ARG F 319 -18.53 -11.79 16.18
C ARG F 319 -17.68 -10.98 15.24
N GLY F 320 -18.28 -10.50 14.16
CA GLY F 320 -17.45 -9.89 13.15
C GLY F 320 -18.13 -8.80 12.35
N GLN F 321 -17.47 -7.67 12.29
CA GLN F 321 -18.05 -6.51 11.66
C GLN F 321 -17.88 -6.56 10.15
N ALA F 322 -18.45 -5.55 9.51
CA ALA F 322 -18.22 -5.26 8.10
C ALA F 322 -16.71 -5.25 7.78
N ILE F 323 -15.99 -4.36 8.47
CA ILE F 323 -14.53 -4.26 8.37
C ILE F 323 -13.80 -5.53 8.81
N GLU F 324 -12.95 -6.04 7.92
CA GLU F 324 -12.13 -7.22 8.16
C GLU F 324 -12.87 -8.54 8.39
N GLU F 325 -13.85 -8.84 7.55
CA GLU F 325 -14.41 -10.18 7.57
C GLU F 325 -13.35 -11.14 6.96
N LEU F 326 -12.44 -10.59 6.16
CA LEU F 326 -11.23 -11.31 5.68
C LEU F 326 -11.45 -12.52 4.74
N GLN F 327 -12.68 -12.99 4.66
CA GLN F 327 -13.08 -14.13 3.83
C GLN F 327 -14.25 -13.93 2.88
N VAL F 328 -15.24 -13.14 3.26
CA VAL F 328 -16.44 -12.84 2.43
C VAL F 328 -17.02 -14.06 1.68
N ARG F 329 -17.67 -14.94 2.45
CA ARG F 329 -17.97 -16.29 2.00
C ARG F 329 -19.22 -16.38 1.11
N MET F 330 -19.82 -15.24 0.70
CA MET F 330 -20.95 -15.38 -0.19
C MET F 330 -20.42 -15.23 -1.62
N GLU F 331 -19.77 -16.30 -2.08
CA GLU F 331 -19.40 -16.50 -3.49
C GLU F 331 -19.39 -18.00 -3.85
N GLU F 332 -20.26 -18.33 -4.80
CA GLU F 332 -20.34 -19.62 -5.48
C GLU F 332 -20.70 -19.46 -6.97
N ARG F 333 -21.89 -18.89 -7.22
CA ARG F 333 -22.47 -18.62 -8.55
C ARG F 333 -22.27 -19.74 -9.57
C1 R5P G . -26.85 6.42 20.15
C2 R5P G . -27.17 7.49 21.18
O2 R5P G . -27.64 8.71 20.60
C3 R5P G . -25.92 7.87 21.91
O3 R5P G . -26.41 8.50 23.07
C4 R5P G . -25.05 8.91 21.24
O4 R5P G . -24.97 8.78 19.80
C5 R5P G . -23.69 8.70 21.87
O5 R5P G . -22.95 9.92 21.91
P R5P G . -21.46 9.87 22.50
O1P R5P G . -20.56 9.96 21.28
O2P R5P G . -21.36 11.06 23.46
O3P R5P G . -21.52 8.50 23.13
C1 R5P H . -1.08 27.39 19.94
C2 R5P H . -0.15 28.60 19.87
O2 R5P H . -0.29 29.35 18.66
C3 R5P H . 1.27 28.11 20.06
O3 R5P H . 1.86 28.94 21.04
C4 R5P H . 2.19 28.17 18.83
O4 R5P H . 1.63 27.48 17.71
C5 R5P H . 3.54 27.64 19.30
O5 R5P H . 4.10 26.57 18.56
P R5P H . 5.43 25.85 19.14
O1P R5P H . 4.86 25.21 20.38
O2P R5P H . 5.92 24.82 18.13
O3P R5P H . 6.38 27.03 19.35
C1 R5P I . 28.39 19.40 5.91
C2 R5P I . 29.29 19.05 4.73
O2 R5P I . 28.66 19.46 3.51
C3 R5P I . 29.60 17.55 4.75
O3 R5P I . 30.99 17.38 5.02
C4 R5P I . 29.33 16.84 3.44
O4 R5P I . 27.91 16.73 3.25
C5 R5P I . 30.05 15.48 3.43
O5 R5P I . 29.29 14.40 3.98
P R5P I . 29.90 12.93 4.26
O1P R5P I . 30.07 12.90 5.77
O2P R5P I . 28.83 11.98 3.80
O3P R5P I . 31.18 12.86 3.44
C1 R5P J . 32.33 -11.86 -9.08
C2 R5P J . 30.91 -12.25 -9.49
O2 R5P J . 30.04 -11.25 -9.01
C3 R5P J . 30.35 -13.51 -8.85
O3 R5P J . 31.29 -14.56 -9.00
C4 R5P J . 29.03 -13.84 -9.57
O4 R5P J . 28.44 -12.67 -10.19
C5 R5P J . 27.98 -14.44 -8.64
O5 R5P J . 28.46 -15.56 -7.93
P R5P J . 27.41 -16.46 -7.11
O1P R5P J . 27.83 -17.85 -7.55
O2P R5P J . 27.75 -16.13 -5.68
O3P R5P J . 26.00 -16.05 -7.47
C1 R5P K . 5.61 -34.07 -8.38
C2 R5P K . 4.18 -33.56 -8.48
O2 R5P K . 4.20 -32.15 -8.67
C3 R5P K . 3.36 -33.81 -7.24
O3 R5P K . 3.23 -35.23 -7.18
C4 R5P K . 1.97 -33.24 -7.36
O4 R5P K . 1.97 -31.90 -7.93
C5 R5P K . 1.23 -33.36 -6.01
O5 R5P K . 1.17 -32.21 -5.17
P R5P K . 0.53 -32.52 -3.73
O1P R5P K . 1.75 -32.92 -2.96
O2P R5P K . -0.14 -31.25 -3.27
O3P R5P K . -0.43 -33.66 -4.04
C1 R5P L . -25.71 -24.51 7.44
C2 R5P L . -24.88 -23.27 7.09
O2 R5P L . -23.50 -23.53 7.05
C3 R5P L . -24.82 -22.23 8.17
O3 R5P L . -25.64 -22.62 9.26
C4 R5P L . -25.26 -20.93 7.58
O4 R5P L . -24.91 -20.84 6.17
C5 R5P L . -24.56 -19.90 8.46
O5 R5P L . -24.21 -20.41 9.74
P R5P L . -24.06 -19.40 10.98
O1P R5P L . -25.52 -19.10 11.33
O2P R5P L . -23.30 -20.30 11.92
O3P R5P L . -23.22 -18.20 10.56
#